data_7VB5
#
_entry.id   7VB5
#
_cell.length_a   94.120
_cell.length_b   51.570
_cell.length_c   170.000
_cell.angle_alpha   90.000
_cell.angle_beta   94.670
_cell.angle_gamma   90.000
#
_symmetry.space_group_name_H-M   'P 1 21 1'
#
loop_
_entity.id
_entity.type
_entity.pdbx_description
1 polymer 'Aliphatic (R)-hydroxynitrile lyase'
2 non-polymer NICOTINAMIDE-ADENINE-DINUCLEOTIDE
3 non-polymer 'ZINC ION'
4 non-polymer 2-HYDROXY-2-METHYLPROPANENITRILE
5 non-polymer 'MAGNESIUM ION'
6 non-polymer 1,2-ETHANEDIOL
7 non-polymer GLYCEROL
8 non-polymer 2-[BIS-(2-HYDROXY-ETHYL)-AMINO]-2-HYDROXYMETHYL-PROPANE-1,3-DIOL
9 non-polymer ACETONE
10 water water
#
_entity_poly.entity_id   1
_entity_poly.type   'polypeptide(L)'
_entity_poly.pdbx_seq_one_letter_code
;MGSSHHHHHHSSGLVPRGSHMMASLPVSFAKPDKNGVITCKAIMLKEAKLPGMSYADTVQIIDIQVDPPQNVELRVKMLC
ASVCRTDILTIEGFMAPTQFPKINGHEGVGIIESMGPDTKNFKVGDVIVAPTLGECQTCSSCRSGRTNFCQNYGANESAL
EPDGTSRFSYIDSDGKKKLLYYKLGCSTWTQYMVVDSNYATKLNEIAPELPPPHGSILSCAFATGYGAVWLDAAVQEGDS
VAIFGVGSVGISAVIAAKELKAKQIIVVDRNEYKLKMAMELGATH(SNC)INSEKLPEGVTPSQAVRKLTPKEVGVDASI
ESSGYDVFMNEAMKAAIHGKAKTVITGEGIYENDRIFFDFKDFLFGGNVVGNVTGRVRIHSDFPGLLRKAQEPVIRAGMD
KILGYDAATMKCKYEVDIREGTPALLKALEEVENVDCVKLVIKLNDY
;
_entity_poly.pdbx_strand_id   A,B,C,D
#
# COMPACT_ATOMS: atom_id res chain seq x y z
N PRO A 32 -19.43 -7.97 -50.09
CA PRO A 32 -18.22 -8.47 -50.76
C PRO A 32 -18.48 -8.95 -52.21
N ASP A 33 -17.57 -8.67 -53.15
CA ASP A 33 -17.66 -9.09 -54.58
C ASP A 33 -17.42 -10.60 -54.66
N LYS A 34 -17.13 -11.16 -55.84
CA LYS A 34 -16.86 -12.62 -55.99
C LYS A 34 -15.58 -12.98 -55.22
N ASN A 35 -14.65 -12.03 -55.05
CA ASN A 35 -13.31 -12.26 -54.43
C ASN A 35 -13.30 -11.91 -52.93
N GLY A 36 -14.46 -11.58 -52.32
CA GLY A 36 -14.56 -11.22 -50.88
C GLY A 36 -14.15 -9.77 -50.62
N VAL A 37 -13.95 -8.96 -51.66
CA VAL A 37 -13.52 -7.54 -51.53
C VAL A 37 -14.74 -6.68 -51.23
N ILE A 38 -14.67 -5.86 -50.18
CA ILE A 38 -15.75 -4.91 -49.83
C ILE A 38 -15.44 -3.58 -50.47
N THR A 39 -16.47 -2.93 -51.02
CA THR A 39 -16.37 -1.52 -51.47
C THR A 39 -17.13 -0.70 -50.44
N CYS A 40 -16.49 0.31 -49.86
CA CYS A 40 -17.10 1.15 -48.80
C CYS A 40 -16.50 2.53 -48.81
N LYS A 41 -17.07 3.41 -47.99
CA LYS A 41 -16.55 4.77 -47.87
C LYS A 41 -15.39 4.77 -46.87
N ALA A 42 -14.41 5.60 -47.13
CA ALA A 42 -13.31 5.86 -46.18
C ALA A 42 -12.82 7.28 -46.37
N ILE A 43 -12.12 7.74 -45.35
CA ILE A 43 -11.59 9.11 -45.38
C ILE A 43 -10.12 9.01 -45.75
N MET A 44 -9.82 9.46 -46.94
CA MET A 44 -8.45 9.42 -47.53
CA MET A 44 -8.43 9.38 -47.43
C MET A 44 -7.73 10.74 -47.25
N LEU A 45 -6.46 10.66 -46.87
CA LEU A 45 -5.53 11.80 -46.81
C LEU A 45 -4.55 11.64 -47.98
N LYS A 46 -4.52 12.61 -48.87
CA LYS A 46 -3.77 12.52 -50.15
C LYS A 46 -2.28 12.73 -49.90
N GLU A 47 -1.97 13.60 -48.95
CA GLU A 47 -0.61 14.06 -48.61
C GLU A 47 -0.73 14.78 -47.27
N ALA A 48 0.39 15.08 -46.63
CA ALA A 48 0.42 15.85 -45.37
C ALA A 48 -0.18 17.25 -45.63
N LYS A 49 -1.01 17.70 -44.70
CA LYS A 49 -1.52 19.10 -44.61
C LYS A 49 -0.46 19.93 -43.88
N LEU A 50 0.43 20.56 -44.65
CA LEU A 50 1.49 21.38 -44.06
C LEU A 50 0.93 22.77 -43.79
N PRO A 51 1.62 23.56 -42.95
CA PRO A 51 1.14 24.90 -42.63
C PRO A 51 0.88 25.72 -43.90
N GLY A 52 -0.25 26.42 -43.93
CA GLY A 52 -0.70 27.15 -45.12
C GLY A 52 -1.64 26.34 -46.00
N MET A 53 -1.78 25.03 -45.79
CA MET A 53 -2.71 24.19 -46.57
C MET A 53 -4.01 24.05 -45.79
N SER A 54 -5.07 23.68 -46.47
CA SER A 54 -6.41 23.52 -45.89
C SER A 54 -6.74 22.03 -45.84
N TYR A 55 -7.73 21.67 -45.03
CA TYR A 55 -8.28 20.28 -45.06
C TYR A 55 -8.76 19.92 -46.47
N ALA A 56 -9.38 20.88 -47.16
CA ALA A 56 -9.89 20.64 -48.53
C ALA A 56 -8.75 20.18 -49.44
N ASP A 57 -7.56 20.71 -49.25
CA ASP A 57 -6.36 20.33 -50.07
C ASP A 57 -6.04 18.84 -49.95
N THR A 58 -6.33 18.17 -48.81
CA THR A 58 -5.74 16.82 -48.59
C THR A 58 -6.77 15.76 -48.18
N VAL A 59 -7.95 16.15 -47.68
CA VAL A 59 -8.91 15.20 -47.09
C VAL A 59 -10.08 15.00 -48.04
N GLN A 60 -10.40 13.76 -48.35
CA GLN A 60 -11.59 13.46 -49.16
C GLN A 60 -12.19 12.12 -48.73
N ILE A 61 -13.53 12.08 -48.70
CA ILE A 61 -14.27 10.81 -48.61
C ILE A 61 -14.31 10.17 -49.99
N ILE A 62 -13.83 8.93 -50.09
CA ILE A 62 -13.77 8.15 -51.36
C ILE A 62 -14.32 6.76 -51.12
N ASP A 63 -14.69 6.08 -52.22
CA ASP A 63 -14.90 4.62 -52.21
C ASP A 63 -13.57 3.91 -52.28
N ILE A 64 -13.35 3.01 -51.34
CA ILE A 64 -12.16 2.15 -51.33
C ILE A 64 -12.59 0.70 -51.44
N GLN A 65 -11.63 -0.13 -51.80
CA GLN A 65 -11.72 -1.60 -51.76
C GLN A 65 -10.95 -2.12 -50.54
N VAL A 66 -11.60 -2.97 -49.77
CA VAL A 66 -11.05 -3.60 -48.55
C VAL A 66 -10.96 -5.11 -48.82
N ASP A 67 -9.74 -5.61 -48.91
CA ASP A 67 -9.47 -7.04 -49.17
C ASP A 67 -9.95 -7.86 -47.99
N PRO A 68 -10.25 -9.15 -48.22
CA PRO A 68 -10.57 -10.07 -47.13
C PRO A 68 -9.37 -10.27 -46.20
N PRO A 69 -9.66 -10.62 -44.94
CA PRO A 69 -8.62 -10.81 -43.93
C PRO A 69 -7.85 -12.10 -44.19
N GLN A 70 -6.54 -12.07 -43.93
CA GLN A 70 -5.62 -13.22 -44.08
C GLN A 70 -5.10 -13.56 -42.70
N ASN A 71 -4.41 -14.69 -42.60
CA ASN A 71 -3.68 -15.15 -41.38
C ASN A 71 -4.61 -14.95 -40.17
N VAL A 72 -4.25 -14.06 -39.21
CA VAL A 72 -4.98 -13.87 -37.93
C VAL A 72 -5.71 -12.52 -37.92
N GLU A 73 -6.02 -11.99 -39.11
CA GLU A 73 -6.67 -10.67 -39.24
C GLU A 73 -8.16 -10.74 -38.97
N LEU A 74 -8.68 -9.64 -38.45
CA LEU A 74 -10.12 -9.35 -38.39
C LEU A 74 -10.44 -8.31 -39.45
N ARG A 75 -11.49 -8.53 -40.24
CA ARG A 75 -12.12 -7.44 -41.01
C ARG A 75 -13.34 -6.99 -40.21
N VAL A 76 -13.43 -5.68 -39.97
CA VAL A 76 -14.30 -5.11 -38.93
C VAL A 76 -15.19 -4.08 -39.58
N LYS A 77 -16.50 -4.26 -39.41
CA LYS A 77 -17.49 -3.25 -39.78
C LYS A 77 -17.47 -2.18 -38.69
N MET A 78 -17.02 -0.97 -39.03
CA MET A 78 -16.81 0.10 -38.01
C MET A 78 -18.16 0.77 -37.73
N LEU A 79 -18.42 1.04 -36.46
CA LEU A 79 -19.66 1.68 -36.00
C LEU A 79 -19.41 3.18 -36.01
N CYS A 80 -18.36 3.62 -35.32
CA CYS A 80 -17.94 5.03 -35.35
C CYS A 80 -16.44 5.11 -35.05
N ALA A 81 -15.82 6.17 -35.56
CA ALA A 81 -14.50 6.62 -35.08
C ALA A 81 -14.73 7.88 -34.28
N SER A 82 -13.74 8.31 -33.53
CA SER A 82 -13.83 9.60 -32.83
C SER A 82 -12.47 10.24 -32.93
N VAL A 83 -12.43 11.55 -32.88
CA VAL A 83 -11.25 12.33 -33.35
C VAL A 83 -10.37 12.58 -32.14
N CYS A 84 -9.23 11.94 -32.16
CA CYS A 84 -8.13 12.15 -31.21
C CYS A 84 -7.30 13.29 -31.80
N ARG A 85 -6.69 14.13 -30.96
CA ARG A 85 -5.82 15.21 -31.48
C ARG A 85 -4.75 14.56 -32.39
N THR A 86 -4.32 13.35 -32.10
CA THR A 86 -3.31 12.63 -32.93
C THR A 86 -3.86 12.33 -34.34
N ASP A 87 -5.16 12.17 -34.48
CA ASP A 87 -5.76 12.06 -35.84
C ASP A 87 -5.49 13.35 -36.63
N ILE A 88 -5.56 14.51 -35.98
CA ILE A 88 -5.32 15.81 -36.67
C ILE A 88 -3.82 15.94 -36.92
N LEU A 89 -2.98 15.52 -35.96
CA LEU A 89 -1.52 15.49 -36.25
C LEU A 89 -1.23 14.62 -37.47
N THR A 90 -1.91 13.48 -37.60
CA THR A 90 -1.71 12.58 -38.75
C THR A 90 -2.02 13.32 -40.05
N ILE A 91 -3.13 14.04 -40.07
CA ILE A 91 -3.48 14.87 -41.27
C ILE A 91 -2.32 15.81 -41.58
N GLU A 92 -1.64 16.33 -40.56
CA GLU A 92 -0.52 17.29 -40.70
C GLU A 92 0.82 16.58 -40.98
N GLY A 93 0.83 15.25 -41.06
CA GLY A 93 1.99 14.45 -41.50
C GLY A 93 2.70 13.72 -40.37
N PHE A 94 2.19 13.78 -39.15
CA PHE A 94 2.84 13.22 -37.94
C PHE A 94 3.08 11.72 -38.09
N MET A 95 4.34 11.32 -37.96
CA MET A 95 4.81 9.90 -38.03
C MET A 95 4.55 9.29 -39.42
N ALA A 96 4.29 10.10 -40.43
CA ALA A 96 3.96 9.60 -41.78
C ALA A 96 4.79 10.37 -42.82
N PRO A 97 6.14 10.28 -42.78
CA PRO A 97 6.98 10.97 -43.78
C PRO A 97 6.73 10.51 -45.23
N THR A 98 6.41 9.23 -45.42
CA THR A 98 6.23 8.62 -46.76
C THR A 98 4.87 7.93 -46.87
N GLN A 99 4.09 7.82 -45.78
CA GLN A 99 2.94 6.88 -45.72
C GLN A 99 1.66 7.59 -46.13
N PHE A 100 1.69 8.23 -47.29
CA PHE A 100 0.52 8.80 -47.96
C PHE A 100 0.49 8.26 -49.39
N PRO A 101 -0.70 8.15 -50.03
CA PRO A 101 -1.97 8.49 -49.40
C PRO A 101 -2.35 7.42 -48.39
N LYS A 102 -3.19 7.78 -47.41
CA LYS A 102 -3.59 6.84 -46.33
C LYS A 102 -5.05 7.02 -45.98
N ILE A 103 -5.60 6.01 -45.32
CA ILE A 103 -6.86 6.16 -44.55
C ILE A 103 -6.48 6.57 -43.13
N ASN A 104 -7.12 7.60 -42.61
CA ASN A 104 -6.77 8.11 -41.28
C ASN A 104 -7.42 7.27 -40.17
N GLY A 105 -6.95 7.46 -38.93
CA GLY A 105 -7.72 7.18 -37.70
C GLY A 105 -7.16 6.02 -36.93
N HIS A 106 -7.08 6.13 -35.61
CA HIS A 106 -6.70 4.98 -34.76
C HIS A 106 -7.70 4.83 -33.64
N GLU A 107 -8.64 5.78 -33.46
CA GLU A 107 -9.65 5.73 -32.38
C GLU A 107 -11.00 5.34 -32.97
N GLY A 108 -11.55 4.18 -32.58
CA GLY A 108 -12.81 3.71 -33.16
C GLY A 108 -13.18 2.35 -32.62
N VAL A 109 -14.38 1.91 -32.97
CA VAL A 109 -14.96 0.62 -32.47
C VAL A 109 -15.74 0.02 -33.63
N GLY A 110 -15.78 -1.29 -33.71
CA GLY A 110 -16.55 -1.96 -34.75
C GLY A 110 -16.85 -3.39 -34.42
N ILE A 111 -17.47 -4.08 -35.37
CA ILE A 111 -18.00 -5.46 -35.20
C ILE A 111 -17.29 -6.35 -36.20
N ILE A 112 -16.81 -7.49 -35.74
CA ILE A 112 -16.08 -8.43 -36.61
C ILE A 112 -17.05 -8.95 -37.68
N GLU A 113 -16.68 -8.76 -38.93
CA GLU A 113 -17.48 -9.17 -40.11
C GLU A 113 -16.89 -10.50 -40.62
N SER A 114 -15.56 -10.63 -40.59
CA SER A 114 -14.90 -11.88 -41.02
C SER A 114 -13.51 -11.95 -40.42
N MET A 115 -12.90 -13.13 -40.48
CA MET A 115 -11.59 -13.37 -39.82
C MET A 115 -10.73 -14.21 -40.74
N GLY A 116 -9.41 -14.03 -40.68
CA GLY A 116 -8.46 -14.88 -41.38
C GLY A 116 -8.54 -16.29 -40.83
N PRO A 117 -8.04 -17.30 -41.57
CA PRO A 117 -8.23 -18.70 -41.19
C PRO A 117 -7.53 -19.13 -39.89
N ASP A 118 -6.54 -18.37 -39.40
CA ASP A 118 -5.69 -18.76 -38.25
C ASP A 118 -6.13 -18.03 -36.99
N THR A 119 -7.17 -17.20 -37.05
CA THR A 119 -7.61 -16.37 -35.91
C THR A 119 -8.06 -17.30 -34.78
N LYS A 120 -7.72 -16.98 -33.54
CA LYS A 120 -8.30 -17.62 -32.32
C LYS A 120 -8.85 -16.56 -31.37
N ASN A 121 -9.83 -16.95 -30.54
CA ASN A 121 -10.34 -16.17 -29.38
C ASN A 121 -11.22 -15.01 -29.86
N PHE A 122 -11.65 -15.02 -31.11
CA PHE A 122 -12.64 -14.05 -31.64
C PHE A 122 -13.70 -14.77 -32.46
N LYS A 123 -14.89 -14.20 -32.52
CA LYS A 123 -16.00 -14.71 -33.36
C LYS A 123 -16.55 -13.56 -34.19
N VAL A 124 -17.10 -13.89 -35.36
CA VAL A 124 -17.92 -12.91 -36.14
C VAL A 124 -19.00 -12.38 -35.20
N GLY A 125 -19.21 -11.07 -35.20
CA GLY A 125 -20.19 -10.43 -34.31
C GLY A 125 -19.60 -9.81 -33.06
N ASP A 126 -18.40 -10.23 -32.63
CA ASP A 126 -17.70 -9.59 -31.47
C ASP A 126 -17.51 -8.11 -31.78
N VAL A 127 -17.64 -7.29 -30.73
CA VAL A 127 -17.36 -5.85 -30.77
C VAL A 127 -15.92 -5.66 -30.31
N ILE A 128 -15.08 -5.01 -31.11
CA ILE A 128 -13.64 -4.92 -30.74
C ILE A 128 -13.16 -3.48 -30.87
N VAL A 129 -12.13 -3.20 -30.10
CA VAL A 129 -11.23 -2.04 -30.35
C VAL A 129 -9.85 -2.65 -30.61
N ALA A 130 -8.98 -1.90 -31.28
CA ALA A 130 -7.64 -2.39 -31.66
C ALA A 130 -6.66 -1.24 -31.58
N PRO A 131 -6.12 -0.95 -30.36
CA PRO A 131 -5.20 0.17 -30.18
C PRO A 131 -3.81 -0.17 -30.72
N THR A 132 -2.85 0.71 -30.46
CA THR A 132 -1.52 0.67 -31.10
C THR A 132 -0.71 -0.54 -30.62
N LEU A 133 -0.85 -0.98 -29.36
CA LEU A 133 0.08 -1.99 -28.79
C LEU A 133 -0.68 -3.26 -28.40
N GLY A 134 -0.17 -4.40 -28.81
CA GLY A 134 -0.74 -5.67 -28.35
C GLY A 134 -0.05 -6.10 -27.07
N GLU A 135 -0.34 -7.31 -26.61
CA GLU A 135 0.21 -7.83 -25.33
C GLU A 135 0.50 -9.32 -25.50
N CYS A 136 1.72 -9.66 -25.88
CA CYS A 136 2.10 -11.06 -26.17
C CYS A 136 2.11 -11.88 -24.86
N GLN A 137 2.35 -11.23 -23.71
CA GLN A 137 2.34 -11.81 -22.35
C GLN A 137 3.60 -12.66 -22.06
N THR A 138 4.54 -12.79 -22.98
CA THR A 138 5.74 -13.68 -22.82
C THR A 138 7.04 -12.91 -22.93
N CYS A 139 7.06 -11.68 -23.47
CA CYS A 139 8.35 -10.96 -23.62
C CYS A 139 8.73 -10.39 -22.25
N SER A 140 9.99 -9.97 -22.07
CA SER A 140 10.45 -9.46 -20.77
C SER A 140 9.73 -8.16 -20.41
N SER A 141 9.21 -7.42 -21.39
CA SER A 141 8.44 -6.18 -21.08
C SER A 141 7.04 -6.53 -20.53
N CYS A 142 6.31 -7.42 -21.22
CA CYS A 142 5.02 -7.96 -20.74
C CYS A 142 5.24 -8.58 -19.33
N ARG A 143 6.26 -9.40 -19.17
CA ARG A 143 6.47 -10.21 -17.93
C ARG A 143 6.88 -9.28 -16.77
N SER A 144 7.41 -8.09 -17.06
CA SER A 144 7.76 -7.10 -16.00
C SER A 144 6.52 -6.74 -15.19
N GLY A 145 5.34 -6.78 -15.80
CA GLY A 145 4.08 -6.37 -15.15
C GLY A 145 3.92 -4.86 -15.08
N ARG A 146 4.84 -4.06 -15.60
CA ARG A 146 4.78 -2.61 -15.33
C ARG A 146 4.79 -1.79 -16.63
N THR A 147 4.52 -2.41 -17.77
CA THR A 147 4.44 -1.61 -19.02
C THR A 147 3.57 -2.32 -20.04
N ASN A 148 3.04 -1.55 -20.99
CA ASN A 148 2.35 -2.11 -22.17
C ASN A 148 3.22 -2.05 -23.42
N PHE A 149 4.49 -1.66 -23.34
CA PHE A 149 5.35 -1.61 -24.53
C PHE A 149 5.87 -3.01 -24.88
N CYS A 150 4.98 -3.80 -25.47
CA CYS A 150 5.25 -5.19 -25.86
C CYS A 150 6.34 -5.20 -26.91
N GLN A 151 7.34 -6.08 -26.77
CA GLN A 151 8.43 -6.21 -27.74
C GLN A 151 7.93 -6.87 -29.02
N ASN A 152 6.89 -7.68 -28.95
CA ASN A 152 6.46 -8.54 -30.09
C ASN A 152 5.31 -7.90 -30.87
N TYR A 153 4.45 -7.13 -30.22
CA TYR A 153 3.28 -6.46 -30.85
C TYR A 153 3.36 -4.96 -30.59
N GLY A 154 4.41 -4.35 -31.10
CA GLY A 154 4.63 -2.92 -31.00
C GLY A 154 3.93 -2.15 -32.09
N ALA A 155 4.19 -0.85 -32.13
CA ALA A 155 3.52 0.03 -33.09
C ALA A 155 3.88 -0.37 -34.53
N ASN A 156 2.90 -0.46 -35.41
CA ASN A 156 3.15 -0.77 -36.83
C ASN A 156 3.46 0.53 -37.60
N GLU A 157 4.69 1.03 -37.46
CA GLU A 157 5.09 2.35 -37.99
C GLU A 157 5.14 2.32 -39.51
N SER A 158 5.24 1.14 -40.14
CA SER A 158 5.26 1.00 -41.63
C SER A 158 3.93 1.47 -42.24
N ALA A 159 2.84 1.37 -41.49
CA ALA A 159 1.46 1.62 -41.95
C ALA A 159 1.10 0.66 -43.09
N LEU A 160 1.74 -0.50 -43.13
CA LEU A 160 1.50 -1.54 -44.15
C LEU A 160 1.43 -2.91 -43.50
N GLU A 161 0.96 -3.88 -44.26
CA GLU A 161 1.10 -5.31 -43.92
C GLU A 161 2.59 -5.64 -43.92
N PRO A 162 3.01 -6.72 -43.23
CA PRO A 162 4.43 -7.05 -43.12
C PRO A 162 5.09 -7.40 -44.46
N ASP A 163 4.30 -7.71 -45.50
CA ASP A 163 4.83 -8.01 -46.85
C ASP A 163 4.92 -6.73 -47.69
N GLY A 164 4.58 -5.55 -47.13
CA GLY A 164 4.66 -4.27 -47.85
C GLY A 164 3.40 -3.96 -48.65
N THR A 165 2.34 -4.76 -48.53
CA THR A 165 1.06 -4.54 -49.22
C THR A 165 0.08 -3.94 -48.21
N SER A 166 -1.08 -3.59 -48.71
CA SER A 166 -2.21 -3.07 -47.89
C SER A 166 -3.47 -3.84 -48.20
N ARG A 167 -4.35 -4.00 -47.21
CA ARG A 167 -5.73 -4.48 -47.45
C ARG A 167 -6.56 -3.37 -48.12
N PHE A 168 -6.10 -2.11 -48.09
CA PHE A 168 -6.86 -1.01 -48.71
C PHE A 168 -6.28 -0.66 -50.08
N SER A 169 -7.16 -0.36 -51.03
CA SER A 169 -6.76 0.20 -52.35
C SER A 169 -7.91 1.05 -52.88
N TYR A 170 -7.62 1.84 -53.89
CA TYR A 170 -8.70 2.60 -54.58
C TYR A 170 -8.35 2.69 -56.06
N ILE A 171 -9.41 2.92 -56.86
CA ILE A 171 -9.28 3.23 -58.32
C ILE A 171 -9.20 4.75 -58.46
N ASP A 172 -8.09 5.28 -58.95
CA ASP A 172 -7.89 6.74 -59.13
C ASP A 172 -8.58 7.20 -60.43
N SER A 173 -8.53 8.52 -60.69
CA SER A 173 -9.13 9.18 -61.89
C SER A 173 -8.45 8.69 -63.17
N ASP A 174 -7.20 8.21 -63.10
CA ASP A 174 -6.46 7.54 -64.21
CA ASP A 174 -6.50 7.56 -64.25
C ASP A 174 -7.02 6.12 -64.43
N GLY A 175 -7.99 5.68 -63.61
CA GLY A 175 -8.54 4.31 -63.64
C GLY A 175 -7.59 3.25 -63.10
N LYS A 176 -6.45 3.66 -62.49
CA LYS A 176 -5.41 2.70 -61.99
C LYS A 176 -5.67 2.36 -60.50
N LYS A 177 -5.42 1.11 -60.12
CA LYS A 177 -5.58 0.60 -58.74
C LYS A 177 -4.37 1.03 -57.90
N LYS A 178 -4.60 1.67 -56.77
CA LYS A 178 -3.47 2.26 -55.99
C LYS A 178 -3.60 1.86 -54.53
N LEU A 179 -2.46 1.69 -53.89
CA LEU A 179 -2.39 1.27 -52.46
C LEU A 179 -2.77 2.48 -51.60
N LEU A 180 -3.47 2.22 -50.49
CA LEU A 180 -3.61 3.15 -49.37
C LEU A 180 -2.88 2.60 -48.16
N TYR A 181 -2.11 3.47 -47.52
CA TYR A 181 -1.49 3.15 -46.22
C TYR A 181 -2.57 3.13 -45.14
N TYR A 182 -2.26 2.43 -44.07
CA TYR A 182 -2.99 2.52 -42.79
C TYR A 182 -2.56 3.80 -42.04
N LYS A 183 -3.11 3.97 -40.85
CA LYS A 183 -2.57 4.86 -39.81
C LYS A 183 -1.36 4.13 -39.25
N LEU A 184 -1.58 3.06 -38.50
CA LEU A 184 -0.43 2.18 -38.05
C LEU A 184 -0.72 0.75 -38.45
N GLY A 185 -1.37 -0.03 -37.60
CA GLY A 185 -1.76 -1.43 -37.90
C GLY A 185 -3.12 -1.53 -38.55
N CYS A 186 -3.82 -0.40 -38.67
CA CYS A 186 -5.19 -0.34 -39.20
C CYS A 186 -5.55 1.13 -39.43
N SER A 187 -6.73 1.38 -39.96
CA SER A 187 -7.32 2.74 -40.04
C SER A 187 -8.75 2.64 -39.52
N THR A 188 -9.22 3.60 -38.76
CA THR A 188 -10.59 3.57 -38.22
C THR A 188 -11.52 4.47 -39.05
N TRP A 189 -11.01 5.38 -39.89
CA TRP A 189 -11.92 6.36 -40.54
C TRP A 189 -12.45 5.73 -41.83
N THR A 190 -13.07 4.59 -41.69
CA THR A 190 -13.53 3.74 -42.81
C THR A 190 -14.69 2.89 -42.33
N GLN A 191 -15.58 2.50 -43.23
CA GLN A 191 -16.74 1.68 -42.85
C GLN A 191 -16.30 0.26 -42.56
N TYR A 192 -15.19 -0.16 -43.13
CA TYR A 192 -14.55 -1.48 -42.86
C TYR A 192 -13.04 -1.30 -42.72
N MET A 193 -12.46 -1.97 -41.74
CA MET A 193 -11.01 -1.96 -41.47
C MET A 193 -10.52 -3.41 -41.37
N VAL A 194 -9.22 -3.62 -41.59
CA VAL A 194 -8.57 -4.92 -41.29
C VAL A 194 -7.49 -4.65 -40.24
N VAL A 195 -7.45 -5.51 -39.22
CA VAL A 195 -6.38 -5.42 -38.19
C VAL A 195 -5.97 -6.83 -37.78
N ASP A 196 -4.69 -6.99 -37.47
CA ASP A 196 -4.08 -8.14 -36.80
C ASP A 196 -4.76 -8.34 -35.45
N SER A 197 -5.41 -9.50 -35.22
CA SER A 197 -6.17 -9.79 -34.00
C SER A 197 -5.27 -9.77 -32.74
N ASN A 198 -3.95 -9.75 -32.89
CA ASN A 198 -3.06 -9.63 -31.70
C ASN A 198 -3.17 -8.22 -31.10
N TYR A 199 -3.85 -7.28 -31.77
CA TYR A 199 -4.03 -5.89 -31.28
C TYR A 199 -5.45 -5.67 -30.83
N ALA A 200 -6.35 -6.64 -30.99
CA ALA A 200 -7.78 -6.41 -30.70
C ALA A 200 -8.14 -6.90 -29.31
N THR A 201 -9.14 -6.29 -28.73
CA THR A 201 -9.76 -6.72 -27.45
C THR A 201 -11.25 -6.48 -27.54
N LYS A 202 -12.06 -7.41 -27.00
CA LYS A 202 -13.51 -7.44 -27.23
C LYS A 202 -14.29 -6.75 -26.10
N LEU A 203 -15.38 -6.09 -26.46
CA LEU A 203 -16.24 -5.27 -25.56
CA LEU A 203 -16.22 -5.30 -25.52
C LEU A 203 -17.54 -6.02 -25.19
N ASN A 204 -17.93 -7.00 -26.00
CA ASN A 204 -19.36 -7.43 -26.02
C ASN A 204 -19.66 -8.41 -24.88
N GLU A 205 -18.68 -9.12 -24.34
CA GLU A 205 -18.92 -10.07 -23.21
C GLU A 205 -19.10 -9.30 -21.91
N ILE A 206 -18.26 -8.30 -21.65
CA ILE A 206 -18.32 -7.52 -20.40
C ILE A 206 -19.35 -6.41 -20.52
N ALA A 207 -19.43 -5.73 -21.67
CA ALA A 207 -20.22 -4.48 -21.82
C ALA A 207 -21.07 -4.52 -23.09
N PRO A 208 -21.97 -5.52 -23.21
CA PRO A 208 -22.76 -5.65 -24.43
C PRO A 208 -23.64 -4.43 -24.74
N GLU A 209 -24.02 -3.62 -23.76
CA GLU A 209 -24.92 -2.45 -24.00
CA GLU A 209 -24.93 -2.43 -23.90
C GLU A 209 -24.12 -1.13 -24.10
N LEU A 210 -22.79 -1.20 -24.12
CA LEU A 210 -22.00 0.03 -24.26
C LEU A 210 -22.31 0.74 -25.59
N PRO A 211 -22.67 2.03 -25.61
CA PRO A 211 -22.90 2.72 -26.89
C PRO A 211 -21.58 2.81 -27.68
N PRO A 212 -21.67 2.83 -29.01
CA PRO A 212 -20.48 2.97 -29.86
C PRO A 212 -19.55 4.11 -29.53
N PRO A 213 -19.97 5.38 -29.35
CA PRO A 213 -19.00 6.45 -29.12
C PRO A 213 -18.17 6.23 -27.83
N HIS A 214 -18.77 5.58 -26.84
CA HIS A 214 -18.05 5.20 -25.60
C HIS A 214 -16.98 4.14 -25.89
N GLY A 215 -17.31 3.12 -26.69
CA GLY A 215 -16.32 2.11 -27.14
C GLY A 215 -15.21 2.81 -27.89
N SER A 216 -15.58 3.81 -28.71
CA SER A 216 -14.61 4.53 -29.56
C SER A 216 -13.62 5.27 -28.64
N ILE A 217 -14.08 6.03 -27.65
CA ILE A 217 -13.10 6.72 -26.77
C ILE A 217 -12.34 5.73 -25.89
N LEU A 218 -12.91 4.56 -25.55
CA LEU A 218 -12.13 3.51 -24.83
C LEU A 218 -10.93 3.07 -25.65
N SER A 219 -10.96 3.15 -26.97
CA SER A 219 -9.87 2.65 -27.83
C SER A 219 -8.63 3.55 -27.77
N CYS A 220 -8.79 4.82 -27.41
CA CYS A 220 -7.62 5.69 -27.25
C CYS A 220 -7.80 6.73 -26.14
N ALA A 221 -8.55 7.80 -26.37
CA ALA A 221 -8.59 8.99 -25.48
C ALA A 221 -8.85 8.57 -24.01
N PHE A 222 -9.90 7.79 -23.77
CA PHE A 222 -10.37 7.55 -22.39
C PHE A 222 -9.42 6.56 -21.71
N ALA A 223 -8.93 5.56 -22.42
CA ALA A 223 -7.93 4.61 -21.89
C ALA A 223 -6.68 5.41 -21.54
N THR A 224 -6.32 6.38 -22.37
CA THR A 224 -5.03 7.10 -22.18
C THR A 224 -5.10 7.93 -20.90
N GLY A 225 -6.10 8.79 -20.78
CA GLY A 225 -6.24 9.67 -19.61
C GLY A 225 -6.48 8.89 -18.34
N TYR A 226 -7.40 7.93 -18.40
CA TYR A 226 -7.77 7.13 -17.21
C TYR A 226 -6.54 6.32 -16.73
N GLY A 227 -5.92 5.57 -17.65
CA GLY A 227 -4.76 4.69 -17.43
C GLY A 227 -3.56 5.49 -16.92
N ALA A 228 -3.33 6.68 -17.47
CA ALA A 228 -2.15 7.49 -17.09
C ALA A 228 -2.21 7.73 -15.58
N VAL A 229 -3.41 8.03 -15.08
CA VAL A 229 -3.66 8.27 -13.63
C VAL A 229 -3.67 6.96 -12.87
N TRP A 230 -4.47 5.99 -13.28
CA TRP A 230 -4.73 4.71 -12.57
C TRP A 230 -3.50 3.82 -12.57
N LEU A 231 -2.88 3.61 -13.73
CA LEU A 231 -1.84 2.58 -13.85
C LEU A 231 -0.45 3.23 -13.77
N ASP A 232 -0.23 4.31 -14.49
CA ASP A 232 1.18 4.77 -14.74
C ASP A 232 1.62 5.64 -13.57
N ALA A 233 0.90 6.72 -13.28
CA ALA A 233 1.12 7.53 -12.05
C ALA A 233 0.67 6.78 -10.78
N ALA A 234 -0.13 5.73 -10.89
CA ALA A 234 -0.57 4.86 -9.77
C ALA A 234 -1.13 5.72 -8.63
N VAL A 235 -2.03 6.63 -8.95
CA VAL A 235 -2.67 7.58 -7.99
C VAL A 235 -3.38 6.77 -6.90
N GLN A 236 -3.11 7.17 -5.67
CA GLN A 236 -3.72 6.57 -4.45
C GLN A 236 -4.69 7.56 -3.82
N GLU A 237 -5.61 7.03 -3.01
CA GLU A 237 -6.44 7.88 -2.15
C GLU A 237 -5.53 8.84 -1.38
N GLY A 238 -5.88 10.13 -1.45
CA GLY A 238 -5.23 11.21 -0.72
C GLY A 238 -4.14 11.87 -1.55
N ASP A 239 -3.88 11.38 -2.75
CA ASP A 239 -2.79 11.97 -3.58
C ASP A 239 -3.28 13.29 -4.16
N SER A 240 -2.34 14.18 -4.45
CA SER A 240 -2.57 15.39 -5.27
C SER A 240 -2.17 15.05 -6.71
N VAL A 241 -2.94 15.60 -7.65
CA VAL A 241 -2.78 15.33 -9.11
C VAL A 241 -2.86 16.67 -9.82
N ALA A 242 -1.96 16.89 -10.77
CA ALA A 242 -2.02 18.02 -11.72
C ALA A 242 -2.14 17.42 -13.12
N ILE A 243 -3.07 17.98 -13.90
CA ILE A 243 -3.34 17.55 -15.29
C ILE A 243 -3.22 18.78 -16.16
N PHE A 244 -2.27 18.73 -17.11
CA PHE A 244 -1.94 19.80 -18.04
C PHE A 244 -2.61 19.44 -19.37
N GLY A 245 -3.74 20.13 -19.66
CA GLY A 245 -4.54 19.91 -20.87
C GLY A 245 -5.76 19.07 -20.55
N VAL A 246 -6.93 19.71 -20.54
CA VAL A 246 -8.21 19.01 -20.28
C VAL A 246 -8.98 18.97 -21.58
N GLY A 247 -8.37 18.40 -22.64
CA GLY A 247 -9.17 17.83 -23.73
C GLY A 247 -9.75 16.51 -23.26
N SER A 248 -10.14 15.65 -24.19
CA SER A 248 -10.75 14.35 -23.88
C SER A 248 -9.82 13.50 -23.00
N VAL A 249 -8.52 13.47 -23.29
CA VAL A 249 -7.53 12.72 -22.47
C VAL A 249 -7.48 13.30 -21.05
N GLY A 250 -7.30 14.61 -20.88
CA GLY A 250 -7.15 15.20 -19.53
C GLY A 250 -8.44 15.09 -18.71
N ILE A 251 -9.59 15.22 -19.35
CA ILE A 251 -10.88 15.04 -18.61
C ILE A 251 -11.01 13.57 -18.18
N SER A 252 -10.56 12.61 -19.00
CA SER A 252 -10.56 11.18 -18.63
C SER A 252 -9.66 10.98 -17.43
N ALA A 253 -8.54 11.69 -17.37
CA ALA A 253 -7.63 11.68 -16.20
C ALA A 253 -8.33 12.26 -14.96
N VAL A 254 -9.11 13.33 -15.11
CA VAL A 254 -9.87 13.94 -13.97
C VAL A 254 -10.82 12.87 -13.42
N ILE A 255 -11.53 12.21 -14.32
CA ILE A 255 -12.49 11.16 -13.93
C ILE A 255 -11.77 10.08 -13.12
N ALA A 256 -10.59 9.63 -13.57
CA ALA A 256 -9.79 8.62 -12.85
C ALA A 256 -9.34 9.16 -11.48
N ALA A 257 -8.88 10.42 -11.41
CA ALA A 257 -8.31 10.98 -10.16
C ALA A 257 -9.45 11.09 -9.12
N LYS A 258 -10.63 11.44 -9.59
CA LYS A 258 -11.85 11.51 -8.75
C LYS A 258 -12.20 10.10 -8.27
N GLU A 259 -12.26 9.14 -9.18
CA GLU A 259 -12.60 7.74 -8.85
C GLU A 259 -11.60 7.18 -7.82
N LEU A 260 -10.33 7.57 -7.88
CA LEU A 260 -9.30 7.01 -6.97
C LEU A 260 -9.19 7.84 -5.69
N LYS A 261 -10.03 8.86 -5.51
CA LYS A 261 -10.13 9.62 -4.24
C LYS A 261 -8.84 10.41 -4.05
N ALA A 262 -8.33 11.06 -5.11
CA ALA A 262 -7.28 12.10 -4.99
C ALA A 262 -7.82 13.24 -4.09
N LYS A 263 -6.99 13.76 -3.19
CA LYS A 263 -7.37 14.89 -2.30
C LYS A 263 -7.47 16.19 -3.11
N GLN A 264 -6.68 16.31 -4.17
CA GLN A 264 -6.55 17.58 -4.91
C GLN A 264 -6.32 17.22 -6.38
N ILE A 265 -7.13 17.84 -7.24
CA ILE A 265 -7.08 17.59 -8.71
C ILE A 265 -6.99 18.95 -9.36
N ILE A 266 -5.80 19.30 -9.81
CA ILE A 266 -5.48 20.63 -10.37
C ILE A 266 -5.48 20.49 -11.89
N VAL A 267 -6.24 21.34 -12.57
CA VAL A 267 -6.34 21.31 -14.07
C VAL A 267 -5.82 22.62 -14.65
N VAL A 268 -5.01 22.51 -15.71
CA VAL A 268 -4.29 23.62 -16.35
C VAL A 268 -4.65 23.60 -17.83
N ASP A 269 -5.10 24.72 -18.39
CA ASP A 269 -5.49 24.80 -19.82
C ASP A 269 -5.66 26.28 -20.14
N ARG A 270 -5.81 26.60 -21.42
CA ARG A 270 -6.16 27.96 -21.89
C ARG A 270 -7.67 28.04 -22.13
N ASN A 271 -8.35 26.90 -22.15
CA ASN A 271 -9.78 26.80 -22.60
C ASN A 271 -10.67 26.74 -21.35
N GLU A 272 -11.36 27.83 -21.04
CA GLU A 272 -12.16 27.95 -19.79
C GLU A 272 -13.36 26.99 -19.80
N TYR A 273 -13.95 26.77 -20.97
CA TYR A 273 -15.10 25.85 -21.11
C TYR A 273 -14.69 24.42 -20.69
N LYS A 274 -13.52 23.96 -21.13
CA LYS A 274 -13.04 22.59 -20.79
C LYS A 274 -12.57 22.57 -19.33
N LEU A 275 -11.95 23.65 -18.83
CA LEU A 275 -11.59 23.72 -17.40
C LEU A 275 -12.85 23.58 -16.51
N LYS A 276 -13.90 24.32 -16.84
CA LYS A 276 -15.21 24.24 -16.14
C LYS A 276 -15.73 22.81 -16.24
N MET A 277 -15.64 22.15 -17.41
CA MET A 277 -16.13 20.74 -17.52
C MET A 277 -15.32 19.82 -16.58
N ALA A 278 -14.01 19.99 -16.55
CA ALA A 278 -13.12 19.23 -15.64
C ALA A 278 -13.56 19.43 -14.17
N MET A 279 -13.86 20.66 -13.78
CA MET A 279 -14.29 21.02 -12.41
C MET A 279 -15.63 20.33 -12.13
N GLU A 280 -16.53 20.28 -13.13
CA GLU A 280 -17.82 19.58 -13.00
C GLU A 280 -17.64 18.07 -12.75
N LEU A 281 -16.60 17.45 -13.32
CA LEU A 281 -16.36 16.01 -13.22
C LEU A 281 -15.34 15.65 -12.15
N GLY A 282 -14.95 16.60 -11.31
CA GLY A 282 -14.22 16.25 -10.08
C GLY A 282 -13.01 17.11 -9.80
N ALA A 283 -12.55 17.97 -10.74
CA ALA A 283 -11.33 18.76 -10.49
C ALA A 283 -11.62 19.68 -9.30
N THR A 284 -10.61 19.97 -8.48
CA THR A 284 -10.78 20.82 -7.28
C THR A 284 -10.27 22.24 -7.49
N HIS A 285 -9.29 22.41 -8.39
CA HIS A 285 -8.61 23.70 -8.63
C HIS A 285 -8.33 23.84 -10.12
N ILE A 287 -6.52 26.36 -13.23
CA ILE A 287 -5.60 27.41 -13.62
C ILE A 287 -5.74 27.63 -15.12
N ASN A 288 -6.08 28.85 -15.52
CA ASN A 288 -6.00 29.27 -16.93
C ASN A 288 -4.59 29.77 -17.19
N SER A 289 -3.79 28.96 -17.87
CA SER A 289 -2.36 29.23 -18.15
C SER A 289 -2.21 30.54 -18.92
N GLU A 290 -3.20 30.92 -19.75
CA GLU A 290 -3.06 32.15 -20.57
CA GLU A 290 -3.21 32.15 -20.60
C GLU A 290 -3.46 33.40 -19.75
N LYS A 291 -3.88 33.23 -18.51
CA LYS A 291 -4.19 34.38 -17.63
C LYS A 291 -3.22 34.46 -16.45
N LEU A 292 -2.23 33.57 -16.37
CA LEU A 292 -1.15 33.74 -15.36
C LEU A 292 -0.41 35.03 -15.67
N PRO A 293 0.10 35.73 -14.64
CA PRO A 293 1.07 36.79 -14.87
C PRO A 293 2.30 36.24 -15.61
N GLU A 294 2.94 37.04 -16.47
CA GLU A 294 4.04 36.59 -17.39
C GLU A 294 5.18 35.94 -16.60
N GLY A 295 5.45 36.43 -15.39
CA GLY A 295 6.57 35.93 -14.56
C GLY A 295 6.22 34.67 -13.78
N VAL A 296 4.99 34.19 -13.83
CA VAL A 296 4.57 32.99 -13.05
C VAL A 296 4.40 31.84 -14.03
N THR A 297 5.20 30.79 -13.92
CA THR A 297 5.10 29.61 -14.81
C THR A 297 3.93 28.75 -14.38
N PRO A 298 3.37 27.92 -15.29
CA PRO A 298 2.35 26.95 -14.91
C PRO A 298 2.79 26.07 -13.73
N SER A 299 4.02 25.58 -13.72
CA SER A 299 4.52 24.74 -12.59
C SER A 299 4.54 25.54 -11.29
N GLN A 300 4.94 26.81 -11.34
CA GLN A 300 4.96 27.68 -10.11
C GLN A 300 3.52 27.86 -9.64
N ALA A 301 2.57 28.06 -10.57
CA ALA A 301 1.16 28.23 -10.19
C ALA A 301 0.65 26.96 -9.54
N VAL A 302 0.94 25.80 -10.11
CA VAL A 302 0.48 24.52 -9.54
C VAL A 302 1.08 24.36 -8.14
N ARG A 303 2.39 24.57 -8.01
CA ARG A 303 3.08 24.35 -6.72
CA ARG A 303 3.09 24.38 -6.72
C ARG A 303 2.47 25.28 -5.65
N LYS A 304 2.08 26.50 -6.02
CA LYS A 304 1.48 27.46 -5.06
C LYS A 304 0.20 26.90 -4.46
N LEU A 305 -0.49 25.96 -5.12
CA LEU A 305 -1.75 25.34 -4.61
C LEU A 305 -1.43 24.22 -3.61
N THR A 306 -0.16 23.82 -3.47
CA THR A 306 0.23 22.65 -2.68
C THR A 306 0.90 23.15 -1.40
N PRO A 307 0.77 22.41 -0.28
CA PRO A 307 1.37 22.82 0.99
C PRO A 307 2.90 22.92 0.87
N LYS A 308 3.46 24.04 1.31
CA LYS A 308 4.92 24.32 1.34
C LYS A 308 5.45 24.32 -0.10
N GLU A 309 4.58 24.50 -1.10
CA GLU A 309 4.95 24.54 -2.55
C GLU A 309 5.70 23.26 -2.93
N VAL A 310 5.31 22.13 -2.37
CA VAL A 310 6.00 20.84 -2.53
C VAL A 310 5.66 20.26 -3.92
N GLY A 311 4.55 20.70 -4.54
CA GLY A 311 4.05 20.13 -5.81
C GLY A 311 3.14 18.92 -5.62
N VAL A 312 2.92 18.17 -6.69
CA VAL A 312 1.86 17.14 -6.72
C VAL A 312 2.46 15.73 -6.66
N ASP A 313 1.69 14.77 -6.16
CA ASP A 313 2.08 13.33 -6.07
C ASP A 313 2.13 12.69 -7.47
N ALA A 314 1.33 13.22 -8.40
CA ALA A 314 1.20 12.69 -9.78
C ALA A 314 0.97 13.87 -10.72
N SER A 315 1.75 13.91 -11.79
CA SER A 315 1.69 15.00 -12.76
C SER A 315 1.42 14.41 -14.15
N ILE A 316 0.36 14.83 -14.79
CA ILE A 316 -0.10 14.24 -16.08
C ILE A 316 -0.03 15.34 -17.12
N GLU A 317 0.63 15.08 -18.24
CA GLU A 317 0.58 16.01 -19.38
C GLU A 317 -0.25 15.34 -20.46
N SER A 318 -1.22 16.08 -20.95
CA SER A 318 -2.26 15.60 -21.91
C SER A 318 -2.66 16.81 -22.76
N SER A 319 -1.69 17.56 -23.26
CA SER A 319 -1.92 18.80 -24.04
C SER A 319 -1.32 18.74 -25.44
N GLY A 320 -0.14 18.17 -25.57
CA GLY A 320 0.64 18.25 -26.82
C GLY A 320 1.53 19.46 -26.85
N TYR A 321 1.46 20.31 -25.84
CA TYR A 321 2.22 21.58 -25.76
C TYR A 321 3.57 21.27 -25.11
N ASP A 322 4.65 21.35 -25.86
CA ASP A 322 5.96 20.89 -25.33
C ASP A 322 6.26 21.62 -24.02
N VAL A 323 5.91 22.90 -23.96
CA VAL A 323 6.10 23.69 -22.72
C VAL A 323 5.42 22.98 -21.54
N PHE A 324 4.24 22.41 -21.73
CA PHE A 324 3.52 21.76 -20.63
C PHE A 324 4.21 20.47 -20.23
N MET A 325 4.97 19.85 -21.12
CA MET A 325 5.71 18.63 -20.72
C MET A 325 6.79 19.00 -19.68
N ASN A 326 7.50 20.10 -19.94
CA ASN A 326 8.50 20.64 -19.00
C ASN A 326 7.79 21.09 -17.72
N GLU A 327 6.72 21.86 -17.84
CA GLU A 327 5.98 22.34 -16.63
C GLU A 327 5.44 21.18 -15.82
N ALA A 328 4.92 20.11 -16.44
CA ALA A 328 4.40 18.96 -15.71
C ALA A 328 5.55 18.33 -14.91
N MET A 329 6.72 18.19 -15.53
CA MET A 329 7.89 17.57 -14.87
C MET A 329 8.19 18.40 -13.62
N LYS A 330 8.13 19.73 -13.73
CA LYS A 330 8.53 20.62 -12.64
C LYS A 330 7.48 20.71 -11.52
N ALA A 331 6.22 20.39 -11.85
CA ALA A 331 5.12 20.50 -10.86
C ALA A 331 5.15 19.30 -9.91
N ALA A 332 5.78 18.20 -10.29
CA ALA A 332 5.85 16.95 -9.51
C ALA A 332 6.71 17.13 -8.24
N ILE A 333 6.29 16.50 -7.16
CA ILE A 333 7.14 16.37 -5.93
C ILE A 333 8.47 15.72 -6.35
N HIS A 334 9.58 16.40 -6.10
CA HIS A 334 10.95 15.90 -6.43
C HIS A 334 11.11 14.44 -6.01
N GLY A 335 11.49 13.56 -6.94
CA GLY A 335 11.86 12.16 -6.73
C GLY A 335 10.67 11.25 -6.49
N LYS A 336 9.78 11.63 -5.57
CA LYS A 336 8.65 10.76 -5.16
C LYS A 336 7.64 10.60 -6.28
N ALA A 337 7.30 11.70 -6.93
CA ALA A 337 6.19 11.75 -7.91
C ALA A 337 6.71 11.34 -9.28
N LYS A 338 5.80 10.85 -10.12
CA LYS A 338 5.99 10.51 -11.54
C LYS A 338 5.22 11.54 -12.38
N THR A 339 5.87 12.03 -13.42
CA THR A 339 5.26 12.79 -14.51
C THR A 339 4.98 11.84 -15.66
N VAL A 340 3.73 11.76 -16.09
CA VAL A 340 3.33 10.88 -17.20
C VAL A 340 3.02 11.76 -18.41
N ILE A 341 3.83 11.63 -19.48
CA ILE A 341 3.68 12.40 -20.74
CA ILE A 341 3.62 12.43 -20.70
C ILE A 341 2.81 11.59 -21.70
N THR A 342 1.62 12.07 -22.04
CA THR A 342 0.73 11.45 -23.07
C THR A 342 0.71 12.34 -24.31
N GLY A 343 1.09 13.60 -24.19
CA GLY A 343 0.93 14.57 -25.28
C GLY A 343 1.76 14.23 -26.49
N GLU A 344 1.28 14.63 -27.66
CA GLU A 344 2.02 14.48 -28.93
C GLU A 344 1.92 15.77 -29.74
N GLY A 345 2.90 15.98 -30.59
CA GLY A 345 2.92 17.13 -31.47
C GLY A 345 4.03 16.99 -32.47
N ILE A 346 4.05 17.91 -33.41
CA ILE A 346 5.09 18.00 -34.46
C ILE A 346 6.10 19.03 -33.97
N TYR A 347 7.23 18.57 -33.42
CA TYR A 347 8.19 19.46 -32.73
C TYR A 347 9.39 19.61 -33.65
N GLU A 348 10.05 20.76 -33.60
CA GLU A 348 11.28 20.97 -34.40
C GLU A 348 12.32 19.90 -34.00
N ASN A 349 12.88 19.24 -35.01
CA ASN A 349 13.89 18.16 -34.84
C ASN A 349 13.29 16.99 -34.04
N ASP A 350 11.97 16.90 -33.92
CA ASP A 350 11.29 15.84 -33.13
C ASP A 350 11.94 15.77 -31.75
N ARG A 351 12.15 16.92 -31.11
CA ARG A 351 12.76 16.96 -29.77
CA ARG A 351 12.82 17.05 -29.81
C ARG A 351 11.92 17.78 -28.81
N ILE A 352 11.97 17.36 -27.55
CA ILE A 352 11.38 18.12 -26.42
C ILE A 352 12.50 18.40 -25.42
N PHE A 353 12.23 19.35 -24.55
CA PHE A 353 13.28 19.90 -23.64
CA PHE A 353 13.22 20.01 -23.67
C PHE A 353 12.76 19.91 -22.21
N PHE A 354 13.72 19.83 -21.30
CA PHE A 354 13.45 19.93 -19.88
C PHE A 354 14.49 20.86 -19.23
N ASP A 355 14.01 21.66 -18.29
CA ASP A 355 14.86 22.52 -17.42
C ASP A 355 15.76 21.56 -16.63
N PHE A 356 17.08 21.69 -16.82
CA PHE A 356 18.04 20.65 -16.36
C PHE A 356 18.09 20.58 -14.83
N LYS A 357 18.26 21.70 -14.16
CA LYS A 357 18.42 21.73 -12.69
C LYS A 357 17.21 21.09 -12.02
N ASP A 358 15.99 21.42 -12.45
CA ASP A 358 14.76 20.84 -11.86
CA ASP A 358 14.75 20.83 -11.88
C ASP A 358 14.68 19.35 -12.22
N PHE A 359 15.15 18.95 -13.41
CA PHE A 359 15.12 17.55 -13.85
C PHE A 359 16.10 16.73 -12.99
N LEU A 360 17.34 17.20 -12.84
CA LEU A 360 18.34 16.42 -12.08
C LEU A 360 17.88 16.23 -10.63
N PHE A 361 17.40 17.30 -10.05
CA PHE A 361 16.99 17.32 -8.63
C PHE A 361 15.55 16.81 -8.49
N GLY A 362 15.26 15.64 -9.05
CA GLY A 362 14.04 14.91 -8.70
C GLY A 362 13.08 14.69 -9.85
N GLY A 363 13.45 14.97 -11.08
CA GLY A 363 12.55 14.76 -12.22
C GLY A 363 12.32 13.30 -12.43
N ASN A 364 11.15 12.93 -12.90
CA ASN A 364 10.81 11.51 -13.07
C ASN A 364 9.75 11.44 -14.16
N VAL A 365 10.18 11.23 -15.40
CA VAL A 365 9.28 11.45 -16.57
C VAL A 365 9.19 10.15 -17.38
N VAL A 366 7.98 9.79 -17.79
CA VAL A 366 7.75 8.56 -18.60
C VAL A 366 6.88 8.94 -19.79
N GLY A 367 7.20 8.37 -20.93
CA GLY A 367 6.33 8.31 -22.10
C GLY A 367 5.24 7.29 -21.89
N ASN A 368 4.03 7.66 -22.31
CA ASN A 368 2.82 6.83 -22.11
C ASN A 368 2.07 6.73 -23.43
N VAL A 369 1.65 5.52 -23.75
CA VAL A 369 0.83 5.24 -24.95
C VAL A 369 -0.38 4.45 -24.45
N THR A 370 -1.57 4.98 -24.72
CA THR A 370 -2.87 4.35 -24.38
C THR A 370 -2.95 4.08 -22.87
N GLY A 371 -2.34 4.96 -22.06
CA GLY A 371 -2.57 4.95 -20.61
C GLY A 371 -1.89 3.75 -19.95
N ARG A 372 -0.95 3.11 -20.63
CA ARG A 372 -0.30 1.86 -20.14
C ARG A 372 -1.38 0.78 -19.97
N VAL A 373 -2.52 0.92 -20.66
CA VAL A 373 -3.64 -0.04 -20.47
C VAL A 373 -3.39 -1.24 -21.38
N ARG A 374 -2.95 -2.37 -20.83
CA ARG A 374 -2.62 -3.56 -21.64
C ARG A 374 -3.93 -4.22 -22.10
N ILE A 375 -3.99 -4.61 -23.37
CA ILE A 375 -5.29 -4.96 -24.00
C ILE A 375 -5.93 -6.22 -23.36
N HIS A 376 -5.13 -7.13 -22.81
CA HIS A 376 -5.63 -8.39 -22.16
C HIS A 376 -5.65 -8.20 -20.65
N SER A 377 -4.58 -7.73 -20.02
CA SER A 377 -4.51 -7.67 -18.53
C SER A 377 -5.33 -6.53 -17.93
N ASP A 378 -5.41 -5.36 -18.58
CA ASP A 378 -5.97 -4.14 -17.93
C ASP A 378 -7.29 -3.71 -18.58
N PHE A 379 -7.41 -3.84 -19.89
CA PHE A 379 -8.58 -3.28 -20.61
C PHE A 379 -9.89 -3.86 -20.05
N PRO A 380 -10.01 -5.18 -19.76
CA PRO A 380 -11.26 -5.68 -19.18
C PRO A 380 -11.66 -4.92 -17.90
N GLY A 381 -10.71 -4.64 -17.01
CA GLY A 381 -11.01 -3.84 -15.82
C GLY A 381 -11.45 -2.42 -16.14
N LEU A 382 -10.76 -1.75 -17.08
CA LEU A 382 -11.12 -0.39 -17.53
C LEU A 382 -12.57 -0.42 -18.03
N LEU A 383 -12.90 -1.45 -18.81
CA LEU A 383 -14.25 -1.59 -19.42
C LEU A 383 -15.30 -1.76 -18.31
N ARG A 384 -15.03 -2.57 -17.28
CA ARG A 384 -15.96 -2.71 -16.12
CA ARG A 384 -15.98 -2.69 -16.14
C ARG A 384 -16.13 -1.32 -15.49
N LYS A 385 -15.04 -0.59 -15.32
CA LYS A 385 -15.09 0.75 -14.70
C LYS A 385 -15.99 1.69 -15.52
N ALA A 386 -15.86 1.70 -16.84
CA ALA A 386 -16.62 2.56 -17.77
C ALA A 386 -18.12 2.34 -17.56
N GLN A 387 -18.52 1.14 -17.12
CA GLN A 387 -19.94 0.79 -16.91
C GLN A 387 -20.50 1.34 -15.60
N GLU A 388 -19.66 1.90 -14.72
CA GLU A 388 -20.12 2.38 -13.41
C GLU A 388 -20.77 3.72 -13.66
N PRO A 389 -21.91 4.01 -12.99
CA PRO A 389 -22.67 5.22 -13.30
C PRO A 389 -21.89 6.54 -13.32
N VAL A 390 -21.00 6.79 -12.34
CA VAL A 390 -20.30 8.11 -12.30
C VAL A 390 -19.35 8.17 -13.51
N ILE A 391 -18.70 7.08 -13.83
CA ILE A 391 -17.66 7.06 -14.92
C ILE A 391 -18.42 7.20 -16.25
N ARG A 392 -19.53 6.49 -16.40
CA ARG A 392 -20.40 6.58 -17.60
C ARG A 392 -20.89 8.03 -17.76
N ALA A 393 -21.33 8.70 -16.70
CA ALA A 393 -21.76 10.11 -16.72
C ALA A 393 -20.64 11.01 -17.22
N GLY A 394 -19.43 10.76 -16.75
CA GLY A 394 -18.26 11.53 -17.22
C GLY A 394 -18.00 11.31 -18.70
N MET A 395 -18.05 10.05 -19.17
CA MET A 395 -17.88 9.74 -20.62
C MET A 395 -19.01 10.42 -21.43
N ASP A 396 -20.24 10.42 -20.90
CA ASP A 396 -21.38 11.09 -21.56
C ASP A 396 -21.12 12.59 -21.65
N LYS A 397 -20.51 13.20 -20.63
CA LYS A 397 -20.23 14.64 -20.61
C LYS A 397 -19.11 14.94 -21.62
N ILE A 398 -18.08 14.10 -21.69
CA ILE A 398 -16.99 14.27 -22.71
C ILE A 398 -17.62 14.31 -24.11
N LEU A 399 -18.49 13.36 -24.38
CA LEU A 399 -19.10 13.11 -25.71
C LEU A 399 -20.27 14.07 -25.99
N GLY A 400 -20.87 14.68 -24.96
CA GLY A 400 -22.20 15.30 -25.05
C GLY A 400 -23.19 14.28 -25.58
N TYR A 401 -23.14 13.06 -25.04
CA TYR A 401 -23.96 11.94 -25.56
C TYR A 401 -25.41 12.07 -25.09
N ASP A 402 -26.33 11.89 -26.03
CA ASP A 402 -27.79 11.79 -25.75
CA ASP A 402 -27.79 11.79 -25.77
C ASP A 402 -28.21 10.33 -25.93
N ALA A 403 -28.52 9.65 -24.83
CA ALA A 403 -28.82 8.20 -24.82
C ALA A 403 -30.10 7.88 -25.62
N ALA A 404 -31.02 8.83 -25.70
CA ALA A 404 -32.31 8.66 -26.40
C ALA A 404 -32.11 8.66 -27.92
N THR A 405 -31.21 9.48 -28.44
CA THR A 405 -30.96 9.60 -29.92
C THR A 405 -29.66 8.89 -30.32
N MET A 406 -28.81 8.54 -29.36
CA MET A 406 -27.47 7.94 -29.60
C MET A 406 -26.63 8.94 -30.41
N LYS A 407 -26.93 10.23 -30.26
CA LYS A 407 -26.17 11.31 -30.94
C LYS A 407 -25.20 11.97 -29.96
N CYS A 408 -24.05 12.40 -30.46
CA CYS A 408 -23.08 13.18 -29.68
C CYS A 408 -23.20 14.64 -30.09
N LYS A 409 -22.70 15.54 -29.26
CA LYS A 409 -22.85 16.99 -29.46
C LYS A 409 -22.20 17.36 -30.79
N TYR A 410 -20.99 16.88 -31.01
CA TYR A 410 -20.26 17.11 -32.27
C TYR A 410 -20.14 15.76 -32.96
N GLU A 411 -20.86 15.60 -34.08
CA GLU A 411 -20.93 14.30 -34.77
C GLU A 411 -21.13 14.59 -36.26
N VAL A 412 -20.38 13.86 -37.09
CA VAL A 412 -20.54 13.89 -38.57
C VAL A 412 -20.61 12.46 -39.05
N ASP A 413 -21.39 12.22 -40.11
CA ASP A 413 -21.56 10.87 -40.66
C ASP A 413 -20.78 10.81 -41.97
N ILE A 414 -19.98 9.78 -42.14
CA ILE A 414 -19.14 9.62 -43.35
C ILE A 414 -20.04 9.55 -44.62
N ARG A 415 -21.31 9.22 -44.44
CA ARG A 415 -22.22 9.02 -45.59
C ARG A 415 -22.77 10.38 -46.02
N GLU A 416 -22.47 11.46 -45.31
CA GLU A 416 -23.06 12.80 -45.62
C GLU A 416 -22.12 13.64 -46.49
N GLY A 417 -20.99 13.10 -46.94
CA GLY A 417 -20.16 13.79 -47.96
C GLY A 417 -18.98 14.57 -47.40
N THR A 418 -18.04 14.87 -48.29
CA THR A 418 -16.78 15.55 -47.93
C THR A 418 -17.06 16.94 -47.35
N PRO A 419 -17.90 17.83 -47.93
CA PRO A 419 -18.07 19.15 -47.34
C PRO A 419 -18.48 19.16 -45.85
N ALA A 420 -19.39 18.28 -45.45
CA ALA A 420 -19.81 18.16 -44.05
C ALA A 420 -18.60 17.71 -43.19
N LEU A 421 -17.76 16.82 -43.71
CA LEU A 421 -16.56 16.36 -42.96
C LEU A 421 -15.58 17.52 -42.80
N LEU A 422 -15.33 18.31 -43.85
CA LEU A 422 -14.32 19.40 -43.81
C LEU A 422 -14.78 20.42 -42.77
N LYS A 423 -16.08 20.67 -42.69
CA LYS A 423 -16.59 21.64 -41.69
CA LYS A 423 -16.68 21.60 -41.70
C LYS A 423 -16.46 21.02 -40.30
N ALA A 424 -16.72 19.73 -40.16
CA ALA A 424 -16.58 19.05 -38.85
C ALA A 424 -15.11 19.15 -38.40
N LEU A 425 -14.16 18.97 -39.32
CA LEU A 425 -12.72 18.99 -38.95
C LEU A 425 -12.31 20.37 -38.45
N GLU A 426 -12.83 21.44 -39.06
CA GLU A 426 -12.67 22.83 -38.55
C GLU A 426 -13.28 22.96 -37.14
N GLU A 427 -14.45 22.37 -36.90
CA GLU A 427 -15.19 22.48 -35.62
C GLU A 427 -14.48 21.69 -34.51
N VAL A 428 -13.50 20.84 -34.84
CA VAL A 428 -12.65 20.22 -33.79
C VAL A 428 -12.07 21.31 -32.90
N GLU A 429 -11.86 22.50 -33.45
CA GLU A 429 -11.16 23.61 -32.74
C GLU A 429 -12.18 24.44 -31.96
N ASN A 430 -13.46 24.14 -32.07
CA ASN A 430 -14.50 24.90 -31.35
C ASN A 430 -14.26 24.75 -29.84
N VAL A 431 -14.47 25.85 -29.11
CA VAL A 431 -14.25 25.98 -27.63
CA VAL A 431 -14.13 25.90 -27.66
C VAL A 431 -14.89 24.78 -26.93
N ASP A 432 -16.10 24.38 -27.37
CA ASP A 432 -16.93 23.40 -26.65
C ASP A 432 -16.91 22.04 -27.37
N CYS A 433 -16.05 21.86 -28.37
CA CYS A 433 -15.84 20.53 -28.99
C CYS A 433 -14.77 19.78 -28.18
N VAL A 434 -15.19 18.86 -27.32
CA VAL A 434 -14.26 18.00 -26.54
C VAL A 434 -13.91 16.77 -27.38
N LYS A 435 -14.89 16.19 -28.08
CA LYS A 435 -14.71 14.93 -28.81
C LYS A 435 -15.68 14.87 -29.97
N LEU A 436 -15.18 15.05 -31.17
CA LEU A 436 -15.97 14.89 -32.42
C LEU A 436 -16.08 13.39 -32.70
N VAL A 437 -17.28 12.92 -33.02
CA VAL A 437 -17.53 11.53 -33.43
C VAL A 437 -17.82 11.52 -34.94
N ILE A 438 -17.21 10.54 -35.59
CA ILE A 438 -17.41 10.24 -37.03
C ILE A 438 -18.24 8.97 -37.07
N LYS A 439 -19.53 9.12 -37.30
CA LYS A 439 -20.40 7.93 -37.50
C LYS A 439 -20.13 7.30 -38.86
N LEU A 440 -19.99 5.98 -38.89
CA LEU A 440 -19.54 5.25 -40.10
C LEU A 440 -20.61 4.26 -40.61
N ASN A 441 -21.48 3.76 -39.72
CA ASN A 441 -22.53 2.78 -40.07
C ASN A 441 -23.68 2.98 -39.09
N ASP A 442 -24.85 2.44 -39.40
CA ASP A 442 -25.98 2.45 -38.45
C ASP A 442 -25.59 1.65 -37.20
N TYR A 443 -26.03 2.04 -36.03
CA TYR A 443 -25.69 1.33 -34.76
C TYR A 443 -26.61 0.11 -34.49
N ALA B 30 44.23 22.45 13.31
CA ALA B 30 44.39 23.82 13.95
C ALA B 30 43.61 23.88 15.27
N LYS B 31 44.11 24.69 16.20
CA LYS B 31 43.43 24.94 17.51
C LYS B 31 42.68 26.27 17.43
N PRO B 32 41.45 26.35 17.98
CA PRO B 32 40.70 27.60 17.90
C PRO B 32 41.31 28.67 18.80
N ASP B 33 41.08 29.94 18.49
CA ASP B 33 41.41 31.08 19.37
C ASP B 33 40.40 31.11 20.52
N LYS B 34 40.49 32.13 21.38
CA LYS B 34 39.75 32.17 22.67
C LYS B 34 38.25 32.34 22.40
N ASN B 35 37.87 32.86 21.22
CA ASN B 35 36.44 33.00 20.80
C ASN B 35 35.97 31.76 20.00
N GLY B 36 36.76 30.69 19.94
CA GLY B 36 36.42 29.43 19.27
C GLY B 36 36.59 29.52 17.74
N VAL B 37 37.21 30.58 17.22
CA VAL B 37 37.43 30.73 15.76
C VAL B 37 38.69 29.99 15.35
N ILE B 38 38.59 29.15 14.31
CA ILE B 38 39.76 28.47 13.71
C ILE B 38 40.22 29.30 12.50
N THR B 39 41.53 29.45 12.36
CA THR B 39 42.21 29.94 11.14
C THR B 39 42.86 28.76 10.42
N CYS B 40 42.53 28.56 9.15
CA CYS B 40 43.02 27.37 8.41
C CYS B 40 43.06 27.67 6.92
N LYS B 41 43.64 26.77 6.14
CA LYS B 41 43.68 26.91 4.67
C LYS B 41 42.34 26.44 4.10
N ALA B 42 41.91 27.14 3.06
CA ALA B 42 40.73 26.78 2.24
C ALA B 42 40.97 27.23 0.81
N ILE B 43 40.31 26.55 -0.12
CA ILE B 43 40.41 26.89 -1.56
C ILE B 43 39.26 27.81 -1.91
N MET B 44 39.60 29.08 -2.16
CA MET B 44 38.64 30.14 -2.48
C MET B 44 38.49 30.22 -3.99
N LEU B 45 37.24 30.40 -4.42
CA LEU B 45 36.84 30.71 -5.80
C LEU B 45 36.36 32.16 -5.79
N LYS B 46 37.07 33.03 -6.50
CA LYS B 46 36.82 34.49 -6.42
C LYS B 46 35.54 34.82 -7.20
N GLU B 47 35.28 34.10 -8.28
CA GLU B 47 34.21 34.41 -9.26
C GLU B 47 34.16 33.22 -10.20
N ALA B 48 33.15 33.16 -11.05
CA ALA B 48 33.06 32.06 -12.03
C ALA B 48 34.24 32.14 -13.00
N LYS B 49 34.80 30.98 -13.32
CA LYS B 49 35.77 30.79 -14.40
C LYS B 49 34.98 30.55 -15.69
N LEU B 50 34.66 31.65 -16.37
CA LEU B 50 33.90 31.63 -17.65
C LEU B 50 34.82 31.10 -18.77
N PRO B 51 34.26 30.64 -19.91
CA PRO B 51 35.08 30.09 -20.98
C PRO B 51 36.20 31.07 -21.37
N GLY B 52 37.41 30.55 -21.54
CA GLY B 52 38.62 31.30 -21.89
C GLY B 52 39.42 31.74 -20.67
N MET B 53 38.82 31.77 -19.47
CA MET B 53 39.53 32.15 -18.22
C MET B 53 40.35 30.97 -17.74
N SER B 54 41.35 31.24 -16.90
CA SER B 54 42.24 30.22 -16.32
C SER B 54 41.81 29.91 -14.89
N TYR B 55 42.28 28.79 -14.36
CA TYR B 55 42.20 28.50 -12.91
C TYR B 55 42.91 29.62 -12.13
N ALA B 56 44.02 30.12 -12.65
CA ALA B 56 44.81 31.16 -11.99
C ALA B 56 43.93 32.39 -11.79
N ASP B 57 42.99 32.65 -12.71
CA ASP B 57 42.11 33.84 -12.64
C ASP B 57 41.22 33.81 -11.40
N THR B 58 40.85 32.64 -10.90
CA THR B 58 39.73 32.54 -9.92
C THR B 58 40.06 31.72 -8.68
N VAL B 59 41.06 30.83 -8.74
CA VAL B 59 41.29 29.81 -7.68
C VAL B 59 42.52 30.21 -6.84
N GLN B 60 42.35 30.26 -5.53
CA GLN B 60 43.49 30.59 -4.66
C GLN B 60 43.32 29.92 -3.30
N ILE B 61 44.38 29.34 -2.79
CA ILE B 61 44.43 28.88 -1.37
C ILE B 61 44.69 30.09 -0.49
N ILE B 62 43.83 30.33 0.48
CA ILE B 62 43.96 31.47 1.43
C ILE B 62 43.74 30.98 2.84
N ASP B 63 44.15 31.80 3.79
CA ASP B 63 43.72 31.62 5.18
C ASP B 63 42.31 32.14 5.35
N ILE B 64 41.47 31.32 5.97
CA ILE B 64 40.08 31.69 6.32
C ILE B 64 39.88 31.49 7.82
N GLN B 65 38.88 32.19 8.33
CA GLN B 65 38.33 32.03 9.69
C GLN B 65 37.06 31.20 9.62
N VAL B 66 37.01 30.14 10.42
CA VAL B 66 35.84 29.25 10.54
C VAL B 66 35.23 29.49 11.93
N ASP B 67 34.01 30.03 11.97
CA ASP B 67 33.29 30.30 13.24
C ASP B 67 32.96 28.98 13.92
N PRO B 68 32.75 29.01 15.24
CA PRO B 68 32.27 27.82 15.95
C PRO B 68 30.86 27.41 15.51
N PRO B 69 30.54 26.11 15.65
CA PRO B 69 29.25 25.59 15.22
C PRO B 69 28.15 26.07 16.17
N GLN B 70 26.99 26.40 15.59
CA GLN B 70 25.76 26.82 16.28
C GLN B 70 24.71 25.73 16.14
N ASN B 71 23.65 25.81 16.95
CA ASN B 71 22.44 24.95 16.84
C ASN B 71 22.88 23.49 16.69
N VAL B 72 22.59 22.84 15.58
CA VAL B 72 22.85 21.38 15.43
C VAL B 72 24.04 21.16 14.48
N GLU B 73 24.87 22.18 14.32
CA GLU B 73 25.99 22.12 13.34
C GLU B 73 27.15 21.28 13.88
N LEU B 74 27.87 20.67 12.95
CA LEU B 74 29.20 20.04 13.20
C LEU B 74 30.27 20.95 12.62
N ARG B 75 31.33 21.18 13.37
CA ARG B 75 32.59 21.69 12.79
C ARG B 75 33.53 20.50 12.64
N VAL B 76 34.09 20.36 11.45
CA VAL B 76 34.69 19.09 11.01
C VAL B 76 36.11 19.35 10.55
N LYS B 77 37.06 18.62 11.14
CA LYS B 77 38.47 18.64 10.69
C LYS B 77 38.55 17.75 9.44
N MET B 78 38.74 18.32 8.27
CA MET B 78 38.65 17.54 7.01
C MET B 78 39.95 16.76 6.82
N LEU B 79 39.84 15.51 6.41
CA LEU B 79 41.03 14.70 6.11
C LEU B 79 41.43 14.93 4.65
N CYS B 80 40.50 14.71 3.74
CA CYS B 80 40.73 14.99 2.33
C CYS B 80 39.40 15.33 1.69
N ALA B 81 39.49 16.03 0.60
CA ALA B 81 38.38 16.17 -0.36
C ALA B 81 38.82 15.38 -1.58
N SER B 82 37.90 15.04 -2.46
CA SER B 82 38.29 14.51 -3.77
C SER B 82 37.42 15.21 -4.81
N VAL B 83 37.97 15.31 -6.00
CA VAL B 83 37.47 16.22 -7.05
C VAL B 83 36.40 15.47 -7.84
N CYS B 84 35.16 15.92 -7.67
CA CYS B 84 34.01 15.54 -8.48
C CYS B 84 33.98 16.44 -9.73
N ARG B 85 33.55 15.95 -10.90
CA ARG B 85 33.41 16.85 -12.06
C ARG B 85 32.54 18.05 -11.65
N THR B 86 31.56 17.85 -10.77
CA THR B 86 30.71 18.97 -10.37
C THR B 86 31.51 20.02 -9.59
N ASP B 87 32.58 19.66 -8.91
CA ASP B 87 33.49 20.66 -8.33
C ASP B 87 34.07 21.56 -9.42
N ILE B 88 34.45 20.99 -10.56
CA ILE B 88 35.01 21.77 -11.70
C ILE B 88 33.87 22.60 -12.27
N LEU B 89 32.66 22.04 -12.44
CA LEU B 89 31.52 22.85 -12.92
C LEU B 89 31.33 24.03 -11.97
N THR B 90 31.44 23.82 -10.65
CA THR B 90 31.27 24.90 -9.65
C THR B 90 32.29 26.01 -9.92
N ILE B 91 33.53 25.66 -10.19
CA ILE B 91 34.58 26.66 -10.52
C ILE B 91 34.10 27.50 -11.70
N GLU B 92 33.38 26.87 -12.64
CA GLU B 92 32.90 27.50 -13.90
C GLU B 92 31.61 28.28 -13.65
N GLY B 93 31.06 28.25 -12.45
CA GLY B 93 29.89 29.05 -12.06
C GLY B 93 28.61 28.27 -11.94
N PHE B 94 28.64 26.92 -12.08
CA PHE B 94 27.44 26.05 -12.05
C PHE B 94 26.68 26.21 -10.73
N MET B 95 25.39 26.53 -10.84
CA MET B 95 24.44 26.71 -9.72
C MET B 95 24.88 27.82 -8.74
N ALA B 96 25.75 28.71 -9.15
CA ALA B 96 26.27 29.80 -8.29
C ALA B 96 26.21 31.12 -9.06
N PRO B 97 25.00 31.59 -9.45
CA PRO B 97 24.88 32.89 -10.12
C PRO B 97 25.35 34.10 -9.32
N THR B 98 25.20 34.08 -7.99
CA THR B 98 25.62 35.18 -7.10
C THR B 98 26.53 34.72 -5.95
N GLN B 99 26.78 33.42 -5.82
CA GLN B 99 27.34 32.84 -4.57
C GLN B 99 28.86 32.71 -4.69
N PHE B 100 29.51 33.80 -5.07
CA PHE B 100 30.97 33.99 -5.03
C PHE B 100 31.25 35.26 -4.23
N PRO B 101 32.40 35.36 -3.56
CA PRO B 101 33.42 34.32 -3.50
C PRO B 101 32.93 33.16 -2.61
N LYS B 102 33.48 32.00 -2.85
CA LYS B 102 33.04 30.79 -2.11
C LYS B 102 34.27 29.94 -1.79
N ILE B 103 34.07 29.03 -0.85
CA ILE B 103 34.95 27.85 -0.68
C ILE B 103 34.32 26.71 -1.47
N ASN B 104 35.08 26.06 -2.33
CA ASN B 104 34.53 24.99 -3.19
C ASN B 104 34.37 23.67 -2.40
N GLY B 105 33.68 22.71 -3.02
CA GLY B 105 33.78 21.28 -2.73
C GLY B 105 32.57 20.73 -2.03
N HIS B 106 32.10 19.56 -2.48
CA HIS B 106 31.00 18.85 -1.79
C HIS B 106 31.40 17.39 -1.54
N GLU B 107 32.56 16.94 -2.06
CA GLU B 107 33.01 15.55 -1.89
C GLU B 107 34.18 15.59 -0.89
N GLY B 108 34.03 14.93 0.24
CA GLY B 108 35.08 14.87 1.27
C GLY B 108 34.63 14.15 2.52
N VAL B 109 35.58 13.98 3.42
CA VAL B 109 35.39 13.26 4.70
C VAL B 109 36.22 13.97 5.77
N GLY B 110 35.70 13.96 6.98
CA GLY B 110 36.45 14.50 8.11
C GLY B 110 35.99 13.99 9.45
N ILE B 111 36.63 14.54 10.47
CA ILE B 111 36.43 14.16 11.90
C ILE B 111 35.76 15.32 12.62
N ILE B 112 34.72 15.03 13.38
CA ILE B 112 34.01 16.09 14.15
C ILE B 112 35.00 16.63 15.16
N GLU B 113 35.18 17.94 15.14
CA GLU B 113 36.05 18.63 16.11
C GLU B 113 35.19 19.26 17.21
N SER B 114 34.00 19.78 16.88
CA SER B 114 33.07 20.36 17.86
C SER B 114 31.67 20.37 17.27
N MET B 115 30.66 20.66 18.10
CA MET B 115 29.24 20.58 17.68
C MET B 115 28.48 21.73 18.34
N GLY B 116 27.46 22.23 17.67
CA GLY B 116 26.48 23.16 18.27
C GLY B 116 25.80 22.49 19.47
N PRO B 117 25.24 23.29 20.40
CA PRO B 117 24.71 22.75 21.65
C PRO B 117 23.47 21.85 21.48
N ASP B 118 22.78 21.93 20.35
CA ASP B 118 21.50 21.19 20.16
C ASP B 118 21.76 19.86 19.44
N THR B 119 23.01 19.58 19.06
CA THR B 119 23.35 18.42 18.22
C THR B 119 22.95 17.15 18.96
N LYS B 120 22.37 16.19 18.27
CA LYS B 120 22.10 14.82 18.78
C LYS B 120 22.78 13.82 17.87
N ASN B 121 23.13 12.65 18.42
CA ASN B 121 23.47 11.39 17.71
C ASN B 121 24.86 11.49 17.09
N PHE B 122 25.65 12.51 17.46
CA PHE B 122 27.07 12.58 17.03
C PHE B 122 27.98 12.90 18.21
N LYS B 123 29.24 12.51 18.10
CA LYS B 123 30.28 12.83 19.12
C LYS B 123 31.53 13.39 18.43
N VAL B 124 32.23 14.26 19.16
CA VAL B 124 33.61 14.67 18.79
C VAL B 124 34.41 13.39 18.51
N GLY B 125 35.12 13.32 17.37
CA GLY B 125 35.92 12.17 16.99
C GLY B 125 35.22 11.25 15.98
N ASP B 126 33.90 11.41 15.79
CA ASP B 126 33.18 10.67 14.73
C ASP B 126 33.75 11.08 13.37
N VAL B 127 33.89 10.13 12.47
CA VAL B 127 34.26 10.35 11.05
C VAL B 127 32.95 10.45 10.27
N ILE B 128 32.76 11.58 9.59
CA ILE B 128 31.49 11.82 8.84
C ILE B 128 31.75 12.17 7.39
N VAL B 129 30.73 11.91 6.59
CA VAL B 129 30.49 12.56 5.28
C VAL B 129 29.14 13.28 5.39
N ALA B 130 28.93 14.28 4.55
CA ALA B 130 27.70 15.10 4.59
C ALA B 130 27.39 15.51 3.17
N PRO B 131 26.63 14.67 2.45
CA PRO B 131 26.22 14.98 1.09
C PRO B 131 25.10 15.99 1.05
N THR B 132 24.51 16.15 -0.14
CA THR B 132 23.61 17.28 -0.44
C THR B 132 22.26 17.10 0.26
N LEU B 133 21.79 15.87 0.42
CA LEU B 133 20.40 15.61 0.86
C LEU B 133 20.42 14.88 2.18
N GLY B 134 19.67 15.40 3.15
CA GLY B 134 19.47 14.68 4.43
C GLY B 134 18.27 13.77 4.32
N GLU B 135 17.88 13.13 5.43
CA GLU B 135 16.77 12.16 5.41
C GLU B 135 15.94 12.32 6.69
N CYS B 136 14.91 13.15 6.66
CA CYS B 136 14.13 13.47 7.90
C CYS B 136 13.36 12.25 8.36
N GLN B 137 13.07 11.30 7.46
CA GLN B 137 12.35 10.02 7.74
C GLN B 137 10.85 10.22 8.02
N THR B 138 10.29 11.43 7.93
CA THR B 138 8.86 11.69 8.26
C THR B 138 8.08 12.38 7.13
N CYS B 139 8.75 13.06 6.17
CA CYS B 139 8.04 13.67 5.01
C CYS B 139 7.50 12.56 4.10
N SER B 140 6.59 12.91 3.20
CA SER B 140 5.96 11.89 2.32
C SER B 140 6.98 11.34 1.33
N SER B 141 8.01 12.12 0.98
CA SER B 141 9.10 11.60 0.13
C SER B 141 9.90 10.55 0.90
N CYS B 142 10.35 10.82 2.13
CA CYS B 142 11.10 9.82 2.94
C CYS B 142 10.21 8.57 3.10
N ARG B 143 8.95 8.76 3.47
CA ARG B 143 8.02 7.64 3.82
C ARG B 143 7.67 6.83 2.58
N SER B 144 7.81 7.40 1.36
CA SER B 144 7.56 6.65 0.11
C SER B 144 8.47 5.41 0.03
N GLY B 145 9.67 5.48 0.62
CA GLY B 145 10.67 4.39 0.52
C GLY B 145 11.43 4.38 -0.80
N ARG B 146 11.15 5.30 -1.73
CA ARG B 146 11.67 5.13 -3.11
C ARG B 146 12.44 6.38 -3.57
N THR B 147 12.82 7.29 -2.67
CA THR B 147 13.64 8.43 -3.08
C THR B 147 14.42 8.98 -1.88
N ASN B 148 15.47 9.74 -2.19
CA ASN B 148 16.32 10.41 -1.18
C ASN B 148 16.03 11.90 -1.24
N PHE B 149 15.11 12.37 -2.09
CA PHE B 149 14.81 13.81 -2.19
C PHE B 149 13.91 14.23 -1.03
N CYS B 150 14.52 14.39 0.13
CA CYS B 150 13.81 14.72 1.37
C CYS B 150 13.24 16.14 1.20
N GLN B 151 12.01 16.35 1.63
CA GLN B 151 11.34 17.67 1.58
C GLN B 151 11.89 18.64 2.65
N ASN B 152 12.38 18.11 3.77
CA ASN B 152 12.83 18.92 4.92
C ASN B 152 14.35 19.18 4.87
N TYR B 153 15.16 18.26 4.35
CA TYR B 153 16.63 18.44 4.25
C TYR B 153 17.05 18.34 2.78
N GLY B 154 16.58 19.31 1.99
CA GLY B 154 16.91 19.40 0.56
C GLY B 154 18.18 20.18 0.33
N ALA B 155 18.54 20.36 -0.93
CA ALA B 155 19.78 21.02 -1.34
C ALA B 155 19.79 22.47 -0.85
N ASN B 156 20.86 22.87 -0.18
CA ASN B 156 21.01 24.25 0.34
C ASN B 156 21.53 25.19 -0.77
N GLU B 157 20.66 25.55 -1.71
CA GLU B 157 21.08 26.29 -2.92
C GLU B 157 21.52 27.74 -2.64
N SER B 158 21.17 28.28 -1.49
CA SER B 158 21.59 29.65 -1.06
C SER B 158 23.10 29.71 -0.81
N ALA B 159 23.73 28.56 -0.53
CA ALA B 159 25.17 28.45 -0.17
C ALA B 159 25.44 29.28 1.09
N LEU B 160 24.40 29.49 1.92
CA LEU B 160 24.50 30.25 3.18
C LEU B 160 23.76 29.51 4.29
N GLU B 161 24.04 29.94 5.51
CA GLU B 161 23.18 29.66 6.68
C GLU B 161 21.79 30.26 6.45
N PRO B 162 20.75 29.63 7.02
CA PRO B 162 19.36 30.11 6.83
C PRO B 162 19.12 31.56 7.29
N ASP B 163 19.97 32.11 8.15
CA ASP B 163 19.87 33.54 8.60
C ASP B 163 20.68 34.43 7.67
N GLY B 164 21.24 33.90 6.58
CA GLY B 164 22.00 34.71 5.60
C GLY B 164 23.46 34.90 5.99
N THR B 165 23.91 34.32 7.10
CA THR B 165 25.34 34.39 7.53
C THR B 165 26.13 33.22 6.90
N SER B 166 27.44 33.21 7.11
CA SER B 166 28.33 32.09 6.76
C SER B 166 29.25 31.87 7.94
N ARG B 167 29.56 30.62 8.24
CA ARG B 167 30.62 30.29 9.23
C ARG B 167 32.01 30.61 8.66
N PHE B 168 32.12 30.86 7.37
CA PHE B 168 33.42 31.21 6.74
C PHE B 168 33.51 32.72 6.48
N SER B 169 34.71 33.24 6.74
CA SER B 169 35.10 34.61 6.35
C SER B 169 36.60 34.65 6.09
N TYR B 170 37.06 35.73 5.47
CA TYR B 170 38.49 36.00 5.32
C TYR B 170 38.73 37.50 5.46
N ILE B 171 39.99 37.80 5.77
CA ILE B 171 40.56 39.18 5.80
C ILE B 171 41.20 39.43 4.42
N ASP B 172 40.62 40.33 3.61
CA ASP B 172 41.12 40.63 2.23
C ASP B 172 42.31 41.60 2.34
N SER B 173 42.91 41.98 1.21
CA SER B 173 44.12 42.85 1.15
C SER B 173 43.83 44.22 1.79
N ASP B 174 42.59 44.72 1.75
CA ASP B 174 42.24 46.05 2.33
C ASP B 174 42.03 45.93 3.84
N GLY B 175 42.24 44.74 4.43
CA GLY B 175 42.05 44.48 5.88
C GLY B 175 40.58 44.30 6.29
N LYS B 176 39.66 44.21 5.33
CA LYS B 176 38.20 44.08 5.64
C LYS B 176 37.86 42.59 5.77
N LYS B 177 37.02 42.26 6.75
CA LYS B 177 36.41 40.93 6.97
C LYS B 177 35.32 40.77 5.92
N LYS B 178 35.38 39.70 5.13
CA LYS B 178 34.43 39.44 4.03
C LYS B 178 33.87 38.02 4.13
N LEU B 179 32.61 37.90 3.73
CA LEU B 179 31.86 36.63 3.79
C LEU B 179 32.36 35.72 2.67
N LEU B 180 32.47 34.43 2.96
CA LEU B 180 32.62 33.40 1.90
C LEU B 180 31.37 32.50 1.91
N TYR B 181 30.81 32.30 0.72
CA TYR B 181 29.74 31.34 0.50
C TYR B 181 30.26 29.91 0.64
N TYR B 182 29.34 29.01 0.94
CA TYR B 182 29.61 27.55 0.86
C TYR B 182 29.53 27.10 -0.59
N LYS B 183 29.65 25.78 -0.81
CA LYS B 183 29.17 25.17 -2.07
C LYS B 183 27.65 25.11 -1.99
N LEU B 184 27.11 24.26 -1.15
CA LEU B 184 25.64 24.22 -0.86
C LEU B 184 25.47 24.39 0.65
N GLY B 185 25.41 23.31 1.43
CA GLY B 185 25.23 23.36 2.89
C GLY B 185 26.55 23.34 3.60
N CYS B 186 27.66 23.25 2.86
CA CYS B 186 29.01 23.24 3.43
C CYS B 186 30.00 23.40 2.25
N SER B 187 31.28 23.38 2.56
CA SER B 187 32.37 23.30 1.58
C SER B 187 33.39 22.29 2.10
N THR B 188 33.95 21.45 1.23
CA THR B 188 34.91 20.42 1.65
C THR B 188 36.34 20.80 1.29
N TRP B 189 36.57 21.83 0.47
CA TRP B 189 37.95 22.22 0.08
C TRP B 189 38.52 23.18 1.14
N THR B 190 38.61 22.69 2.35
CA THR B 190 39.00 23.49 3.53
C THR B 190 39.50 22.52 4.59
N GLN B 191 40.42 22.97 5.44
CA GLN B 191 40.92 22.12 6.55
C GLN B 191 39.81 21.93 7.59
N TYR B 192 38.89 22.88 7.70
CA TYR B 192 37.73 22.82 8.62
C TYR B 192 36.46 23.31 7.93
N MET B 193 35.38 22.57 8.10
CA MET B 193 34.06 22.83 7.45
C MET B 193 32.99 22.85 8.54
N VAL B 194 31.90 23.57 8.31
CA VAL B 194 30.73 23.54 9.20
C VAL B 194 29.59 22.98 8.37
N VAL B 195 28.84 22.05 8.92
CA VAL B 195 27.67 21.47 8.22
C VAL B 195 26.59 21.22 9.27
N ASP B 196 25.35 21.43 8.87
CA ASP B 196 24.17 20.99 9.62
C ASP B 196 24.22 19.46 9.79
N SER B 197 24.15 18.97 11.03
CA SER B 197 24.22 17.54 11.36
C SER B 197 23.06 16.72 10.75
N ASN B 198 21.99 17.35 10.27
CA ASN B 198 20.90 16.62 9.57
C ASN B 198 21.38 16.11 8.20
N TYR B 199 22.55 16.53 7.73
CA TYR B 199 23.12 16.09 6.43
C TYR B 199 24.27 15.11 6.64
N ALA B 200 24.66 14.80 7.89
CA ALA B 200 25.85 13.97 8.18
C ALA B 200 25.49 12.53 8.46
N THR B 201 26.43 11.67 8.15
CA THR B 201 26.32 10.22 8.45
C THR B 201 27.73 9.72 8.77
N LYS B 202 27.82 8.79 9.74
CA LYS B 202 29.13 8.44 10.34
C LYS B 202 29.68 7.13 9.76
N LEU B 203 31.01 7.09 9.61
CA LEU B 203 31.75 5.98 8.99
CA LEU B 203 31.72 5.95 9.00
C LEU B 203 32.46 5.12 10.06
N ASN B 204 32.71 5.69 11.23
CA ASN B 204 33.73 5.10 12.16
C ASN B 204 33.13 3.91 12.93
N GLU B 205 31.81 3.79 13.07
CA GLU B 205 31.21 2.64 13.81
C GLU B 205 31.25 1.41 12.91
N ILE B 206 30.92 1.58 11.63
CA ILE B 206 30.86 0.45 10.66
C ILE B 206 32.22 0.19 10.03
N ALA B 207 33.00 1.24 9.73
CA ALA B 207 34.22 1.13 8.92
C ALA B 207 35.35 1.94 9.55
N PRO B 208 35.76 1.60 10.80
CA PRO B 208 36.82 2.32 11.49
C PRO B 208 38.14 2.28 10.71
N GLU B 209 38.40 1.29 9.87
CA GLU B 209 39.70 1.22 9.16
C GLU B 209 39.63 1.80 7.75
N LEU B 210 38.51 2.34 7.32
CA LEU B 210 38.40 2.79 5.92
C LEU B 210 39.34 3.98 5.72
N PRO B 211 40.20 3.98 4.69
CA PRO B 211 41.08 5.12 4.46
C PRO B 211 40.29 6.36 4.06
N PRO B 212 40.85 7.56 4.32
CA PRO B 212 40.19 8.81 3.97
C PRO B 212 39.74 8.91 2.51
N PRO B 213 40.57 8.66 1.48
CA PRO B 213 40.10 8.91 0.11
C PRO B 213 38.89 8.03 -0.25
N HIS B 214 38.81 6.84 0.34
CA HIS B 214 37.64 5.95 0.18
C HIS B 214 36.39 6.59 0.78
N GLY B 215 36.52 7.12 2.01
CA GLY B 215 35.41 7.81 2.65
C GLY B 215 35.00 9.01 1.79
N SER B 216 35.97 9.71 1.20
CA SER B 216 35.69 10.91 0.37
C SER B 216 34.83 10.51 -0.83
N ILE B 217 35.21 9.46 -1.57
CA ILE B 217 34.41 9.10 -2.78
C ILE B 217 33.06 8.52 -2.33
N LEU B 218 32.96 7.87 -1.17
CA LEU B 218 31.63 7.47 -0.65
C LEU B 218 30.71 8.68 -0.46
N SER B 219 31.22 9.91 -0.25
CA SER B 219 30.40 11.09 0.00
C SER B 219 29.70 11.54 -1.28
N CYS B 220 30.24 11.25 -2.46
CA CYS B 220 29.57 11.62 -3.73
C CYS B 220 29.82 10.60 -4.84
N ALA B 221 31.01 10.56 -5.47
CA ALA B 221 31.18 9.86 -6.74
C ALA B 221 30.76 8.38 -6.60
N PHE B 222 31.27 7.67 -5.58
CA PHE B 222 31.02 6.21 -5.49
C PHE B 222 29.56 5.93 -5.14
N ALA B 223 29.00 6.60 -4.13
CA ALA B 223 27.58 6.51 -3.78
C ALA B 223 26.71 6.73 -5.03
N THR B 224 27.05 7.74 -5.83
CA THR B 224 26.28 8.12 -7.03
C THR B 224 26.26 6.96 -8.03
N GLY B 225 27.43 6.46 -8.46
CA GLY B 225 27.45 5.43 -9.51
C GLY B 225 26.90 4.12 -9.00
N TYR B 226 27.31 3.73 -7.78
CA TYR B 226 26.87 2.48 -7.14
C TYR B 226 25.35 2.52 -6.92
N GLY B 227 24.86 3.60 -6.33
CA GLY B 227 23.43 3.74 -5.98
C GLY B 227 22.56 3.86 -7.23
N ALA B 228 23.04 4.53 -8.28
CA ALA B 228 22.28 4.67 -9.54
C ALA B 228 21.94 3.27 -10.07
N VAL B 229 22.88 2.34 -9.94
CA VAL B 229 22.69 0.93 -10.41
C VAL B 229 21.88 0.13 -9.39
N TRP B 230 22.28 0.16 -8.13
CA TRP B 230 21.75 -0.72 -7.07
C TRP B 230 20.33 -0.32 -6.71
N LEU B 231 20.11 0.97 -6.47
CA LEU B 231 18.87 1.48 -5.89
C LEU B 231 17.95 2.00 -7.00
N ASP B 232 18.45 2.86 -7.89
CA ASP B 232 17.55 3.65 -8.76
C ASP B 232 17.14 2.79 -9.97
N ALA B 233 18.10 2.24 -10.71
CA ALA B 233 17.81 1.34 -11.85
C ALA B 233 17.36 -0.03 -11.32
N ALA B 234 17.69 -0.32 -10.06
CA ALA B 234 17.36 -1.56 -9.33
C ALA B 234 17.80 -2.76 -10.18
N VAL B 235 19.06 -2.77 -10.59
CA VAL B 235 19.63 -3.85 -11.43
C VAL B 235 19.55 -5.18 -10.68
N GLN B 236 19.13 -6.23 -11.38
CA GLN B 236 18.88 -7.61 -10.88
C GLN B 236 19.92 -8.49 -11.55
N GLU B 237 20.22 -9.63 -10.94
CA GLU B 237 21.04 -10.65 -11.61
C GLU B 237 20.46 -10.93 -13.01
N GLY B 238 21.31 -11.02 -14.03
CA GLY B 238 20.93 -11.35 -15.41
C GLY B 238 20.49 -10.16 -16.23
N ASP B 239 20.43 -8.95 -15.63
CA ASP B 239 20.08 -7.70 -16.37
C ASP B 239 21.20 -7.28 -17.31
N SER B 240 20.83 -6.57 -18.38
CA SER B 240 21.83 -5.87 -19.20
C SER B 240 21.84 -4.40 -18.77
N VAL B 241 23.03 -3.79 -18.76
CA VAL B 241 23.25 -2.39 -18.25
C VAL B 241 24.11 -1.67 -19.27
N ALA B 242 23.77 -0.42 -19.56
CA ALA B 242 24.61 0.49 -20.34
C ALA B 242 24.96 1.67 -19.42
N ILE B 243 26.22 2.07 -19.45
CA ILE B 243 26.80 3.18 -18.67
C ILE B 243 27.48 4.12 -19.64
N PHE B 244 26.93 5.32 -19.72
CA PHE B 244 27.41 6.43 -20.57
C PHE B 244 28.29 7.32 -19.72
N GLY B 245 29.60 7.15 -19.86
CA GLY B 245 30.62 7.92 -19.16
C GLY B 245 31.22 7.10 -18.05
N VAL B 246 32.46 6.71 -18.20
CA VAL B 246 33.18 5.94 -17.14
C VAL B 246 34.31 6.81 -16.59
N GLY B 247 33.94 7.98 -16.01
CA GLY B 247 34.77 8.57 -14.95
C GLY B 247 34.51 7.85 -13.65
N SER B 248 34.80 8.48 -12.52
CA SER B 248 34.68 7.82 -11.21
C SER B 248 33.24 7.34 -11.00
N VAL B 249 32.27 8.17 -11.39
CA VAL B 249 30.85 7.80 -11.20
C VAL B 249 30.56 6.55 -12.04
N GLY B 250 30.90 6.56 -13.32
CA GLY B 250 30.56 5.43 -14.22
C GLY B 250 31.26 4.17 -13.78
N ILE B 251 32.49 4.26 -13.31
CA ILE B 251 33.25 3.06 -12.90
CA ILE B 251 33.28 3.08 -12.87
C ILE B 251 32.64 2.52 -11.60
N SER B 252 32.15 3.40 -10.74
CA SER B 252 31.41 2.97 -9.54
C SER B 252 30.18 2.17 -9.99
N ALA B 253 29.46 2.65 -11.00
CA ALA B 253 28.32 1.94 -11.60
C ALA B 253 28.74 0.56 -12.12
N VAL B 254 29.86 0.46 -12.82
CA VAL B 254 30.38 -0.84 -13.31
C VAL B 254 30.55 -1.77 -12.11
N ILE B 255 31.16 -1.28 -11.03
CA ILE B 255 31.45 -2.13 -9.87
C ILE B 255 30.13 -2.64 -9.29
N ALA B 256 29.11 -1.79 -9.17
CA ALA B 256 27.78 -2.20 -8.67
C ALA B 256 27.19 -3.24 -9.64
N ALA B 257 27.22 -2.99 -10.94
CA ALA B 257 26.54 -3.86 -11.95
C ALA B 257 27.20 -5.25 -11.87
N LYS B 258 28.53 -5.28 -11.74
CA LYS B 258 29.31 -6.55 -11.55
C LYS B 258 28.90 -7.21 -10.23
N GLU B 259 28.89 -6.50 -9.11
CA GLU B 259 28.46 -7.06 -7.80
C GLU B 259 27.06 -7.68 -7.93
N LEU B 260 26.16 -7.05 -8.70
CA LEU B 260 24.74 -7.47 -8.78
C LEU B 260 24.56 -8.56 -9.84
N LYS B 261 25.65 -9.01 -10.45
CA LYS B 261 25.69 -10.11 -11.45
C LYS B 261 24.84 -9.73 -12.68
N ALA B 262 24.91 -8.49 -13.15
CA ALA B 262 24.43 -8.16 -14.52
C ALA B 262 25.02 -9.19 -15.50
N LYS B 263 24.25 -9.60 -16.49
CA LYS B 263 24.75 -10.47 -17.58
C LYS B 263 25.64 -9.67 -18.53
N GLN B 264 25.37 -8.38 -18.69
CA GLN B 264 26.02 -7.56 -19.70
C GLN B 264 26.16 -6.14 -19.15
N ILE B 265 27.36 -5.57 -19.30
CA ILE B 265 27.71 -4.23 -18.79
C ILE B 265 28.41 -3.52 -19.93
N ILE B 266 27.67 -2.65 -20.65
CA ILE B 266 28.18 -1.94 -21.83
C ILE B 266 28.59 -0.53 -21.42
N VAL B 267 29.83 -0.19 -21.67
CA VAL B 267 30.38 1.15 -21.26
C VAL B 267 30.67 1.96 -22.49
N VAL B 268 30.29 3.24 -22.45
CA VAL B 268 30.42 4.16 -23.59
C VAL B 268 31.24 5.37 -23.13
N ASP B 269 32.28 5.73 -23.87
CA ASP B 269 33.11 6.91 -23.51
C ASP B 269 34.03 7.21 -24.71
N ARG B 270 34.75 8.31 -24.63
CA ARG B 270 35.80 8.55 -25.67
CA ARG B 270 35.79 8.72 -25.61
C ARG B 270 37.20 8.40 -25.09
N ASN B 271 37.30 8.09 -23.80
CA ASN B 271 38.61 7.98 -23.09
C ASN B 271 39.00 6.51 -23.03
N GLU B 272 39.96 6.09 -23.85
CA GLU B 272 40.32 4.65 -23.97
C GLU B 272 40.88 4.14 -22.64
N TYR B 273 41.59 4.97 -21.88
CA TYR B 273 42.15 4.57 -20.56
C TYR B 273 41.04 4.13 -19.61
N LYS B 274 39.98 4.94 -19.53
CA LYS B 274 38.89 4.69 -18.56
C LYS B 274 38.01 3.53 -19.05
N LEU B 275 37.79 3.43 -20.36
CA LEU B 275 37.07 2.28 -20.93
C LEU B 275 37.83 1.00 -20.55
N LYS B 276 39.16 1.03 -20.65
CA LYS B 276 39.97 -0.17 -20.26
C LYS B 276 39.85 -0.43 -18.76
N MET B 277 39.90 0.59 -17.90
CA MET B 277 39.70 0.39 -16.46
C MET B 277 38.32 -0.24 -16.20
N ALA B 278 37.31 0.22 -16.93
CA ALA B 278 35.94 -0.28 -16.73
C ALA B 278 35.93 -1.78 -17.07
N MET B 279 36.56 -2.16 -18.17
CA MET B 279 36.66 -3.58 -18.64
C MET B 279 37.39 -4.41 -17.57
N GLU B 280 38.43 -3.85 -16.95
CA GLU B 280 39.18 -4.54 -15.87
C GLU B 280 38.32 -4.75 -14.64
N LEU B 281 37.27 -3.93 -14.38
CA LEU B 281 36.47 -4.01 -13.14
C LEU B 281 35.10 -4.63 -13.42
N GLY B 282 34.93 -5.21 -14.60
CA GLY B 282 33.75 -6.06 -14.84
C GLY B 282 32.88 -5.68 -16.03
N ALA B 283 33.14 -4.58 -16.76
CA ALA B 283 32.40 -4.30 -18.01
C ALA B 283 32.67 -5.45 -18.99
N THR B 284 31.67 -5.78 -19.80
CA THR B 284 31.68 -6.91 -20.76
C THR B 284 31.91 -6.39 -22.16
N HIS B 285 31.47 -5.15 -22.44
CA HIS B 285 31.55 -4.55 -23.79
C HIS B 285 31.92 -3.07 -23.67
N ILE B 287 32.39 0.67 -25.99
CA ILE B 287 32.14 1.43 -27.18
C ILE B 287 32.88 2.76 -27.03
N ASN B 288 33.74 3.07 -27.96
CA ASN B 288 34.35 4.42 -28.08
C ASN B 288 33.44 5.26 -28.98
N SER B 289 32.73 6.21 -28.38
CA SER B 289 31.75 7.06 -29.09
C SER B 289 32.43 7.94 -30.13
N GLU B 290 33.71 8.26 -30.02
CA GLU B 290 34.45 9.05 -31.03
C GLU B 290 34.83 8.19 -32.23
N LYS B 291 34.69 6.88 -32.20
CA LYS B 291 35.21 6.00 -33.26
C LYS B 291 34.08 5.22 -33.89
N LEU B 292 32.83 5.68 -33.70
CA LEU B 292 31.68 4.96 -34.27
C LEU B 292 31.60 5.26 -35.76
N PRO B 293 31.19 4.27 -36.59
CA PRO B 293 30.93 4.51 -38.00
C PRO B 293 29.99 5.72 -38.15
N GLU B 294 30.23 6.52 -39.19
CA GLU B 294 29.29 7.56 -39.69
C GLU B 294 27.86 7.02 -39.55
N GLY B 295 26.96 7.82 -38.95
CA GLY B 295 25.51 7.57 -38.88
C GLY B 295 25.12 6.41 -37.97
N VAL B 296 26.05 5.91 -37.14
CA VAL B 296 25.75 4.95 -36.03
C VAL B 296 25.82 5.77 -34.72
N THR B 297 24.69 5.93 -34.05
CA THR B 297 24.61 6.70 -32.78
C THR B 297 25.07 5.81 -31.65
N PRO B 298 25.48 6.38 -30.50
CA PRO B 298 25.82 5.54 -29.38
C PRO B 298 24.67 4.61 -28.95
N SER B 299 23.43 5.08 -28.96
CA SER B 299 22.29 4.19 -28.60
C SER B 299 22.16 3.03 -29.60
N GLN B 300 22.37 3.28 -30.88
CA GLN B 300 22.29 2.21 -31.90
C GLN B 300 23.41 1.19 -31.65
N ALA B 301 24.60 1.67 -31.33
CA ALA B 301 25.77 0.81 -31.02
C ALA B 301 25.46 -0.05 -29.80
N VAL B 302 24.86 0.53 -28.76
CA VAL B 302 24.46 -0.23 -27.54
C VAL B 302 23.42 -1.28 -27.94
N ARG B 303 22.38 -0.87 -28.65
CA ARG B 303 21.27 -1.80 -29.05
C ARG B 303 21.80 -2.96 -29.89
N LYS B 304 22.78 -2.71 -30.75
CA LYS B 304 23.37 -3.73 -31.64
C LYS B 304 23.98 -4.87 -30.83
N LEU B 305 24.33 -4.65 -29.55
CA LEU B 305 24.95 -5.69 -28.69
C LEU B 305 23.89 -6.49 -27.93
N THR B 306 22.61 -6.20 -28.11
CA THR B 306 21.52 -6.84 -27.34
C THR B 306 20.67 -7.66 -28.30
N PRO B 307 19.96 -8.69 -27.82
CA PRO B 307 19.15 -9.57 -28.67
C PRO B 307 18.04 -8.80 -29.38
N LYS B 308 17.95 -8.94 -30.70
CA LYS B 308 16.95 -8.27 -31.56
C LYS B 308 17.06 -6.75 -31.40
N GLU B 309 18.21 -6.24 -30.96
CA GLU B 309 18.42 -4.78 -30.74
C GLU B 309 17.37 -4.18 -29.83
N VAL B 310 16.98 -4.91 -28.80
CA VAL B 310 15.91 -4.54 -27.82
C VAL B 310 16.43 -3.49 -26.84
N GLY B 311 17.75 -3.37 -26.69
CA GLY B 311 18.35 -2.46 -25.69
C GLY B 311 18.60 -3.10 -24.34
N VAL B 312 18.86 -2.26 -23.34
CA VAL B 312 19.28 -2.67 -21.98
C VAL B 312 18.16 -2.55 -20.96
N ASP B 313 18.22 -3.41 -19.93
CA ASP B 313 17.33 -3.39 -18.75
C ASP B 313 17.50 -2.11 -17.92
N ALA B 314 18.69 -1.53 -17.96
CA ALA B 314 19.05 -0.35 -17.14
C ALA B 314 20.07 0.46 -17.91
N SER B 315 19.84 1.76 -17.97
CA SER B 315 20.67 2.70 -18.69
C SER B 315 21.06 3.82 -17.73
N ILE B 316 22.35 3.93 -17.50
CA ILE B 316 22.97 4.93 -16.59
C ILE B 316 23.69 5.98 -17.41
N GLU B 317 23.38 7.25 -17.16
CA GLU B 317 24.17 8.36 -17.73
C GLU B 317 25.01 8.95 -16.60
N SER B 318 26.31 9.08 -16.83
CA SER B 318 27.30 9.54 -15.82
C SER B 318 28.42 10.26 -16.56
N SER B 319 28.08 11.10 -17.53
CA SER B 319 29.03 11.78 -18.43
C SER B 319 28.96 13.29 -18.27
N GLY B 320 27.76 13.86 -18.06
CA GLY B 320 27.54 15.32 -18.16
C GLY B 320 27.39 15.78 -19.60
N TYR B 321 27.43 14.86 -20.55
CA TYR B 321 27.24 15.21 -21.97
C TYR B 321 25.77 15.12 -22.30
N ASP B 322 25.14 16.25 -22.62
CA ASP B 322 23.68 16.29 -22.89
C ASP B 322 23.29 15.30 -23.99
N VAL B 323 24.13 15.11 -24.99
CA VAL B 323 23.88 14.11 -26.06
C VAL B 323 23.72 12.72 -25.44
N PHE B 324 24.57 12.35 -24.48
CA PHE B 324 24.52 11.01 -23.85
C PHE B 324 23.27 10.86 -22.97
N MET B 325 22.68 11.93 -22.46
CA MET B 325 21.44 11.78 -21.67
C MET B 325 20.35 11.25 -22.62
N ASN B 326 20.29 11.82 -23.80
CA ASN B 326 19.35 11.42 -24.86
C ASN B 326 19.71 10.00 -25.31
N GLU B 327 20.98 9.72 -25.60
CA GLU B 327 21.37 8.37 -26.07
C GLU B 327 21.08 7.32 -25.00
N ALA B 328 21.30 7.64 -23.74
CA ALA B 328 20.98 6.74 -22.61
C ALA B 328 19.48 6.41 -22.61
N MET B 329 18.65 7.42 -22.80
CA MET B 329 17.18 7.21 -22.84
C MET B 329 16.81 6.22 -23.96
N LYS B 330 17.44 6.39 -25.10
CA LYS B 330 17.15 5.63 -26.34
CA LYS B 330 17.16 5.64 -26.35
C LYS B 330 17.70 4.21 -26.28
N ALA B 331 18.72 3.96 -25.43
CA ALA B 331 19.35 2.63 -25.27
C ALA B 331 18.48 1.71 -24.44
N ALA B 332 17.64 2.25 -23.58
CA ALA B 332 16.81 1.48 -22.62
C ALA B 332 15.71 0.73 -23.35
N ILE B 333 15.40 -0.47 -22.86
CA ILE B 333 14.23 -1.23 -23.38
C ILE B 333 12.97 -0.39 -23.11
N HIS B 334 12.21 -0.10 -24.16
CA HIS B 334 11.00 0.76 -24.13
C HIS B 334 10.12 0.33 -22.96
N GLY B 335 9.73 1.26 -22.10
CA GLY B 335 8.74 1.08 -21.03
C GLY B 335 9.29 0.34 -19.81
N LYS B 336 9.92 -0.81 -20.01
CA LYS B 336 10.40 -1.73 -18.95
C LYS B 336 11.58 -1.11 -18.20
N ALA B 337 12.55 -0.55 -18.92
CA ALA B 337 13.86 -0.14 -18.36
C ALA B 337 13.77 1.30 -17.88
N LYS B 338 14.63 1.65 -16.94
CA LYS B 338 14.74 3.03 -16.44
C LYS B 338 16.10 3.56 -16.90
N THR B 339 16.10 4.84 -17.26
CA THR B 339 17.29 5.62 -17.54
C THR B 339 17.53 6.53 -16.34
N VAL B 340 18.69 6.42 -15.74
CA VAL B 340 19.08 7.16 -14.52
C VAL B 340 20.10 8.21 -14.96
N ILE B 341 19.73 9.47 -14.88
CA ILE B 341 20.62 10.59 -15.27
C ILE B 341 21.33 11.14 -14.03
N THR B 342 22.64 10.96 -13.96
CA THR B 342 23.46 11.52 -12.86
C THR B 342 24.25 12.72 -13.38
N GLY B 343 24.46 12.83 -14.68
CA GLY B 343 25.37 13.84 -15.25
C GLY B 343 24.89 15.27 -15.03
N GLU B 344 25.87 16.16 -14.95
CA GLU B 344 25.63 17.61 -14.75
C GLU B 344 26.53 18.37 -15.70
N GLY B 345 26.10 19.58 -16.03
CA GLY B 345 26.83 20.41 -16.97
C GLY B 345 26.18 21.77 -17.08
N ILE B 346 26.87 22.65 -17.76
CA ILE B 346 26.42 24.03 -18.04
C ILE B 346 25.88 23.96 -19.47
N TYR B 347 24.56 23.90 -19.58
CA TYR B 347 23.89 23.69 -20.88
C TYR B 347 23.25 25.01 -21.35
N GLU B 348 23.16 25.19 -22.65
CA GLU B 348 22.43 26.31 -23.29
C GLU B 348 21.00 26.37 -22.71
N ASN B 349 20.63 27.51 -22.15
CA ASN B 349 19.29 27.78 -21.57
C ASN B 349 19.04 26.86 -20.37
N ASP B 350 20.08 26.29 -19.76
CA ASP B 350 20.00 25.32 -18.65
C ASP B 350 18.95 24.27 -19.04
N ARG B 351 18.99 23.78 -20.26
CA ARG B 351 18.02 22.77 -20.73
CA ARG B 351 18.01 22.73 -20.67
C ARG B 351 18.73 21.54 -21.31
N ILE B 352 18.09 20.38 -21.18
CA ILE B 352 18.47 19.14 -21.90
C ILE B 352 17.32 18.73 -22.81
N PHE B 353 17.61 17.83 -23.71
CA PHE B 353 16.69 17.46 -24.81
C PHE B 353 16.56 15.95 -24.88
N PHE B 354 15.42 15.55 -25.42
CA PHE B 354 15.11 14.15 -25.74
C PHE B 354 14.46 14.07 -27.10
N ASP B 355 14.84 13.05 -27.85
CA ASP B 355 14.13 12.61 -29.09
C ASP B 355 12.70 12.24 -28.66
N PHE B 356 11.70 12.90 -29.23
CA PHE B 356 10.31 12.82 -28.70
C PHE B 356 9.67 11.47 -29.03
N LYS B 357 9.83 10.96 -30.25
CA LYS B 357 9.10 9.70 -30.61
C LYS B 357 9.62 8.55 -29.71
N ASP B 358 10.93 8.40 -29.57
CA ASP B 358 11.53 7.38 -28.67
C ASP B 358 11.08 7.62 -27.23
N PHE B 359 11.00 8.87 -26.82
CA PHE B 359 10.59 9.22 -25.44
C PHE B 359 9.15 8.79 -25.21
N LEU B 360 8.23 9.19 -26.10
CA LEU B 360 6.79 8.86 -25.89
C LEU B 360 6.60 7.35 -25.88
N PHE B 361 7.24 6.64 -26.80
CA PHE B 361 7.10 5.16 -26.99
C PHE B 361 8.11 4.42 -26.10
N GLY B 362 8.10 4.73 -24.80
CA GLY B 362 8.76 3.92 -23.77
C GLY B 362 9.87 4.59 -23.00
N GLY B 363 10.05 5.90 -23.16
CA GLY B 363 11.09 6.62 -22.39
C GLY B 363 10.77 6.60 -20.92
N ASN B 364 11.80 6.52 -20.08
CA ASN B 364 11.59 6.45 -18.62
C ASN B 364 12.86 7.02 -18.00
N VAL B 365 12.85 8.30 -17.64
CA VAL B 365 14.09 9.01 -17.26
C VAL B 365 13.93 9.66 -15.90
N VAL B 366 14.94 9.47 -15.05
CA VAL B 366 14.88 10.04 -13.68
C VAL B 366 16.18 10.82 -13.43
N GLY B 367 16.02 11.94 -12.74
CA GLY B 367 17.16 12.69 -12.18
C GLY B 367 17.63 12.00 -10.93
N ASN B 368 18.93 11.95 -10.74
CA ASN B 368 19.50 11.24 -9.58
C ASN B 368 20.55 12.11 -8.92
N VAL B 369 20.50 12.16 -7.61
CA VAL B 369 21.52 12.86 -6.79
C VAL B 369 22.04 11.86 -5.76
N THR B 370 23.35 11.68 -5.73
CA THR B 370 24.04 10.82 -4.74
C THR B 370 23.51 9.39 -4.83
N GLY B 371 23.08 8.96 -6.01
CA GLY B 371 22.78 7.53 -6.25
C GLY B 371 21.46 7.11 -5.62
N ARG B 372 20.66 8.06 -5.14
CA ARG B 372 19.45 7.78 -4.34
C ARG B 372 19.82 7.15 -2.99
N VAL B 373 21.09 7.24 -2.61
CA VAL B 373 21.57 6.59 -1.34
C VAL B 373 21.19 7.48 -0.17
N ARG B 374 20.16 7.08 0.59
CA ARG B 374 19.67 7.86 1.73
C ARG B 374 20.70 7.75 2.85
N ILE B 375 21.05 8.87 3.49
CA ILE B 375 22.20 8.87 4.43
C ILE B 375 21.95 7.98 5.66
N HIS B 376 20.70 7.80 6.13
CA HIS B 376 20.42 6.89 7.29
C HIS B 376 19.99 5.48 6.84
N SER B 377 19.10 5.36 5.85
CA SER B 377 18.50 4.06 5.45
C SER B 377 19.42 3.25 4.56
N ASP B 378 20.25 3.89 3.72
CA ASP B 378 20.98 3.15 2.66
C ASP B 378 22.50 3.24 2.84
N PHE B 379 23.02 4.38 3.33
CA PHE B 379 24.47 4.61 3.40
C PHE B 379 25.15 3.54 4.25
N PRO B 380 24.59 3.11 5.40
CA PRO B 380 25.22 2.05 6.20
C PRO B 380 25.46 0.75 5.43
N GLY B 381 24.49 0.32 4.65
CA GLY B 381 24.67 -0.88 3.82
C GLY B 381 25.66 -0.65 2.71
N LEU B 382 25.68 0.55 2.13
CA LEU B 382 26.72 0.89 1.11
C LEU B 382 28.12 0.78 1.74
N LEU B 383 28.27 1.31 2.95
CA LEU B 383 29.55 1.36 3.70
C LEU B 383 29.98 -0.08 4.03
N ARG B 384 29.04 -0.95 4.42
CA ARG B 384 29.37 -2.39 4.66
CA ARG B 384 29.35 -2.39 4.65
C ARG B 384 29.80 -3.03 3.35
N LYS B 385 29.10 -2.73 2.24
CA LYS B 385 29.48 -3.24 0.90
C LYS B 385 30.88 -2.74 0.51
N ALA B 386 31.22 -1.49 0.79
CA ALA B 386 32.51 -0.88 0.41
C ALA B 386 33.66 -1.66 1.06
N GLN B 387 33.42 -2.32 2.19
CA GLN B 387 34.48 -3.10 2.91
C GLN B 387 34.68 -4.50 2.31
N GLU B 388 33.80 -4.93 1.41
CA GLU B 388 33.98 -6.26 0.80
C GLU B 388 35.18 -6.19 -0.14
N PRO B 389 36.01 -7.25 -0.18
CA PRO B 389 37.28 -7.19 -0.88
C PRO B 389 37.17 -6.74 -2.34
N VAL B 390 36.22 -7.27 -3.10
CA VAL B 390 36.17 -6.90 -4.55
C VAL B 390 35.79 -5.42 -4.69
N ILE B 391 34.91 -4.92 -3.82
CA ILE B 391 34.38 -3.53 -3.91
C ILE B 391 35.55 -2.64 -3.53
N ARG B 392 36.26 -2.98 -2.45
CA ARG B 392 37.45 -2.23 -2.02
C ARG B 392 38.50 -2.22 -3.13
N ALA B 393 38.74 -3.33 -3.83
CA ALA B 393 39.75 -3.40 -4.90
C ALA B 393 39.32 -2.41 -5.99
N GLY B 394 38.01 -2.31 -6.22
CA GLY B 394 37.49 -1.41 -7.27
C GLY B 394 37.71 0.06 -6.88
N MET B 395 37.45 0.40 -5.65
CA MET B 395 37.69 1.74 -5.09
C MET B 395 39.19 2.04 -5.15
N ASP B 396 40.04 1.07 -4.80
CA ASP B 396 41.52 1.25 -4.88
C ASP B 396 41.93 1.57 -6.30
N LYS B 397 41.31 0.91 -7.30
CA LYS B 397 41.63 1.12 -8.71
C LYS B 397 41.19 2.52 -9.13
N ILE B 398 39.97 2.92 -8.77
CA ILE B 398 39.47 4.29 -9.09
C ILE B 398 40.47 5.32 -8.57
N LEU B 399 40.92 5.12 -7.33
CA LEU B 399 41.79 6.09 -6.63
C LEU B 399 43.27 5.95 -7.01
N GLY B 400 43.67 4.80 -7.56
CA GLY B 400 45.07 4.39 -7.67
C GLY B 400 45.71 4.46 -6.30
N TYR B 401 45.04 3.89 -5.31
CA TYR B 401 45.45 3.99 -3.89
C TYR B 401 46.63 3.06 -3.57
N ASP B 402 47.62 3.60 -2.87
CA ASP B 402 48.76 2.84 -2.28
C ASP B 402 48.60 2.79 -0.76
N ALA B 403 48.24 1.63 -0.21
CA ALA B 403 47.97 1.44 1.22
C ALA B 403 49.26 1.65 2.04
N ALA B 404 50.44 1.49 1.43
CA ALA B 404 51.74 1.68 2.12
C ALA B 404 51.94 3.16 2.47
N THR B 405 51.61 4.07 1.56
CA THR B 405 51.87 5.52 1.70
C THR B 405 50.58 6.30 1.99
N MET B 406 49.40 5.66 1.81
CA MET B 406 48.06 6.28 1.95
C MET B 406 47.94 7.41 0.92
N LYS B 407 48.68 7.31 -0.17
CA LYS B 407 48.66 8.30 -1.26
C LYS B 407 47.89 7.71 -2.45
N CYS B 408 47.14 8.56 -3.15
CA CYS B 408 46.47 8.24 -4.43
C CYS B 408 47.34 8.67 -5.62
N LYS B 409 47.05 8.14 -6.78
CA LYS B 409 47.87 8.37 -7.99
C LYS B 409 47.91 9.87 -8.27
N TYR B 410 46.75 10.53 -8.31
CA TYR B 410 46.64 12.00 -8.47
C TYR B 410 46.20 12.59 -7.12
N GLU B 411 47.13 13.28 -6.50
CA GLU B 411 46.89 13.87 -5.18
C GLU B 411 47.68 15.16 -5.10
N VAL B 412 47.05 16.14 -4.50
CA VAL B 412 47.69 17.43 -4.18
C VAL B 412 47.30 17.76 -2.74
N ASP B 413 48.15 18.51 -2.04
CA ASP B 413 47.96 18.83 -0.63
C ASP B 413 47.75 20.32 -0.52
N ILE B 414 46.70 20.69 0.19
CA ILE B 414 46.30 22.13 0.30
C ILE B 414 47.44 22.90 1.00
N ARG B 415 48.31 22.23 1.74
CA ARG B 415 49.40 22.92 2.46
C ARG B 415 50.60 23.19 1.53
N GLU B 416 50.58 22.75 0.27
CA GLU B 416 51.70 22.91 -0.70
C GLU B 416 51.59 24.15 -1.58
N GLY B 417 50.51 24.92 -1.43
CA GLY B 417 50.34 26.22 -2.08
C GLY B 417 49.59 26.16 -3.42
N THR B 418 49.22 27.33 -3.88
CA THR B 418 48.31 27.52 -5.01
C THR B 418 48.91 26.97 -6.30
N PRO B 419 50.20 27.18 -6.63
CA PRO B 419 50.69 26.72 -7.93
C PRO B 419 50.50 25.19 -8.13
N ALA B 420 50.81 24.41 -7.10
CA ALA B 420 50.61 22.95 -7.12
C ALA B 420 49.13 22.65 -7.40
N LEU B 421 48.22 23.34 -6.71
CA LEU B 421 46.78 23.11 -6.87
C LEU B 421 46.39 23.43 -8.31
N LEU B 422 46.84 24.55 -8.86
CA LEU B 422 46.42 24.94 -10.23
C LEU B 422 46.89 23.88 -11.23
N LYS B 423 48.10 23.38 -11.06
CA LYS B 423 48.62 22.29 -11.92
C LYS B 423 47.72 21.04 -11.79
N ALA B 424 47.34 20.70 -10.56
CA ALA B 424 46.50 19.50 -10.30
C ALA B 424 45.15 19.69 -11.02
N LEU B 425 44.57 20.88 -10.96
CA LEU B 425 43.26 21.14 -11.62
C LEU B 425 43.36 20.98 -13.14
N GLU B 426 44.46 21.41 -13.75
CA GLU B 426 44.67 21.15 -15.18
C GLU B 426 44.75 19.64 -15.41
N GLU B 427 45.46 18.93 -14.53
CA GLU B 427 45.72 17.48 -14.69
C GLU B 427 44.45 16.65 -14.43
N VAL B 428 43.36 17.25 -13.97
CA VAL B 428 42.07 16.53 -13.89
C VAL B 428 41.72 16.00 -15.28
N GLU B 429 42.17 16.68 -16.35
CA GLU B 429 41.85 16.29 -17.75
C GLU B 429 42.87 15.26 -18.26
N ASN B 430 43.88 14.90 -17.48
CA ASN B 430 44.80 13.80 -17.90
C ASN B 430 44.01 12.51 -18.12
N VAL B 431 44.35 11.74 -19.14
CA VAL B 431 43.52 10.56 -19.51
C VAL B 431 43.43 9.55 -18.39
N ASP B 432 44.44 9.47 -17.54
CA ASP B 432 44.54 8.46 -16.47
C ASP B 432 44.24 9.07 -15.12
N CYS B 433 43.74 10.32 -15.07
CA CYS B 433 43.22 10.89 -13.81
C CYS B 433 41.75 10.52 -13.67
N VAL B 434 41.47 9.52 -12.84
CA VAL B 434 40.08 9.11 -12.57
C VAL B 434 39.52 9.92 -11.42
N LYS B 435 40.32 10.14 -10.36
CA LYS B 435 39.85 10.87 -9.16
C LYS B 435 41.05 11.58 -8.53
N LEU B 436 41.15 12.88 -8.72
CA LEU B 436 42.14 13.70 -7.99
C LEU B 436 41.70 13.80 -6.53
N VAL B 437 42.66 13.60 -5.63
CA VAL B 437 42.44 13.76 -4.18
C VAL B 437 43.13 15.03 -3.73
N ILE B 438 42.43 15.78 -2.89
CA ILE B 438 43.00 16.97 -2.23
C ILE B 438 43.21 16.65 -0.76
N LYS B 439 44.46 16.42 -0.37
CA LYS B 439 44.75 16.13 1.06
C LYS B 439 44.67 17.44 1.86
N LEU B 440 43.99 17.44 3.00
CA LEU B 440 43.69 18.67 3.76
C LEU B 440 44.38 18.69 5.12
N ASN B 441 44.66 17.51 5.68
CA ASN B 441 45.22 17.39 7.03
C ASN B 441 45.93 16.05 7.12
N ASP B 442 46.79 15.91 8.12
CA ASP B 442 47.37 14.58 8.38
C ASP B 442 46.24 13.58 8.68
N TYR B 443 46.42 12.35 8.23
CA TYR B 443 45.47 11.21 8.41
C TYR B 443 45.55 10.54 9.82
N GLY C 36 -36.79 -30.25 -20.27
CA GLY C 36 -37.20 -30.15 -18.82
C GLY C 36 -37.02 -28.74 -18.28
N VAL C 37 -36.96 -27.74 -19.15
CA VAL C 37 -36.81 -26.31 -18.81
C VAL C 37 -38.16 -25.78 -18.30
N ILE C 38 -38.16 -24.99 -17.21
CA ILE C 38 -39.34 -24.27 -16.66
C ILE C 38 -39.20 -22.79 -16.98
N THR C 39 -40.32 -22.14 -17.30
CA THR C 39 -40.42 -20.67 -17.39
C THR C 39 -41.22 -20.19 -16.18
N CYS C 40 -40.73 -19.17 -15.48
CA CYS C 40 -41.41 -18.63 -14.28
C CYS C 40 -40.98 -17.20 -14.04
N LYS C 41 -41.63 -16.55 -13.10
CA LYS C 41 -41.32 -15.17 -12.67
C LYS C 41 -40.09 -15.23 -11.75
N ALA C 42 -39.22 -14.22 -11.85
CA ALA C 42 -38.07 -14.00 -10.94
C ALA C 42 -37.78 -12.50 -10.85
N ILE C 43 -37.20 -12.07 -9.71
CA ILE C 43 -36.87 -10.64 -9.46
C ILE C 43 -35.42 -10.40 -9.92
N MET C 44 -35.22 -9.75 -11.08
CA MET C 44 -33.89 -9.43 -11.64
C MET C 44 -33.37 -8.10 -11.09
N LEU C 45 -32.08 -8.05 -10.78
CA LEU C 45 -31.34 -6.80 -10.52
C LEU C 45 -30.43 -6.60 -11.73
N LYS C 46 -30.58 -5.48 -12.42
CA LYS C 46 -29.83 -5.22 -13.67
C LYS C 46 -28.36 -4.93 -13.31
N GLU C 47 -28.17 -4.22 -12.18
CA GLU C 47 -26.88 -3.67 -11.71
C GLU C 47 -27.06 -3.07 -10.30
N ALA C 48 -25.98 -2.59 -9.70
CA ALA C 48 -26.00 -2.10 -8.31
C ALA C 48 -26.81 -0.81 -8.23
N LYS C 49 -27.69 -0.70 -7.24
CA LYS C 49 -28.39 0.56 -6.92
C LYS C 49 -27.42 1.39 -6.06
N LEU C 50 -26.71 2.36 -6.67
CA LEU C 50 -25.76 3.20 -5.92
C LEU C 50 -26.52 4.39 -5.36
N PRO C 51 -25.92 5.17 -4.44
CA PRO C 51 -26.65 6.28 -3.80
C PRO C 51 -27.17 7.24 -4.88
N GLY C 52 -28.42 7.71 -4.74
CA GLY C 52 -29.12 8.58 -5.71
C GLY C 52 -30.01 7.77 -6.65
N MET C 53 -29.64 6.52 -6.93
CA MET C 53 -30.45 5.62 -7.80
C MET C 53 -31.66 5.09 -7.01
N SER C 54 -32.73 4.80 -7.71
CA SER C 54 -33.99 4.25 -7.16
C SER C 54 -34.03 2.74 -7.39
N TYR C 55 -34.91 2.03 -6.68
CA TYR C 55 -35.14 0.58 -6.96
C TYR C 55 -35.63 0.43 -8.40
N ALA C 56 -36.46 1.38 -8.87
CA ALA C 56 -37.03 1.39 -10.23
C ALA C 56 -35.89 1.32 -11.26
N ASP C 57 -34.78 2.02 -11.02
CA ASP C 57 -33.61 1.98 -11.94
C ASP C 57 -33.07 0.54 -12.10
N THR C 58 -33.17 -0.37 -11.11
CA THR C 58 -32.41 -1.67 -11.14
C THR C 58 -33.30 -2.93 -11.00
N VAL C 59 -34.46 -2.85 -10.35
CA VAL C 59 -35.25 -4.07 -9.94
C VAL C 59 -36.41 -4.25 -10.92
N GLN C 60 -36.51 -5.42 -11.55
CA GLN C 60 -37.65 -5.78 -12.43
C GLN C 60 -38.05 -7.25 -12.23
N ILE C 61 -39.35 -7.54 -12.06
CA ILE C 61 -39.89 -8.93 -12.20
C ILE C 61 -39.91 -9.27 -13.70
N ILE C 62 -39.35 -10.41 -14.09
CA ILE C 62 -39.31 -10.84 -15.51
C ILE C 62 -39.58 -12.33 -15.57
N ASP C 63 -39.91 -12.83 -16.75
CA ASP C 63 -40.02 -14.28 -17.02
C ASP C 63 -38.59 -14.76 -17.21
N ILE C 64 -38.19 -15.88 -16.58
CA ILE C 64 -36.84 -16.48 -16.75
C ILE C 64 -37.03 -17.94 -17.13
N GLN C 65 -35.99 -18.55 -17.67
CA GLN C 65 -35.91 -20.02 -17.91
C GLN C 65 -35.03 -20.63 -16.82
N VAL C 66 -35.47 -21.74 -16.23
CA VAL C 66 -34.72 -22.50 -15.20
C VAL C 66 -34.46 -23.88 -15.75
N ASP C 67 -33.20 -24.14 -16.11
CA ASP C 67 -32.74 -25.43 -16.65
C ASP C 67 -32.96 -26.48 -15.57
N PRO C 68 -32.99 -27.77 -15.99
CA PRO C 68 -33.16 -28.88 -15.05
C PRO C 68 -31.93 -29.06 -14.17
N PRO C 69 -32.09 -29.72 -13.00
CA PRO C 69 -30.98 -29.98 -12.09
C PRO C 69 -30.03 -31.05 -12.64
N GLN C 70 -28.71 -30.87 -12.41
CA GLN C 70 -27.67 -31.85 -12.76
C GLN C 70 -27.06 -32.41 -11.47
N ASN C 71 -26.20 -33.43 -11.59
CA ASN C 71 -25.36 -33.98 -10.48
C ASN C 71 -26.26 -34.15 -9.25
N VAL C 72 -25.99 -33.43 -8.15
CA VAL C 72 -26.68 -33.58 -6.82
C VAL C 72 -27.57 -32.37 -6.57
N GLU C 73 -27.97 -31.66 -7.62
CA GLU C 73 -28.80 -30.44 -7.52
C GLU C 73 -30.26 -30.78 -7.27
N LEU C 74 -30.93 -29.89 -6.53
CA LEU C 74 -32.40 -29.87 -6.34
C LEU C 74 -32.92 -28.74 -7.21
N ARG C 75 -34.00 -28.94 -7.96
CA ARG C 75 -34.80 -27.80 -8.49
C ARG C 75 -36.01 -27.69 -7.55
N VAL C 76 -36.30 -26.47 -7.12
CA VAL C 76 -37.18 -26.26 -5.94
C VAL C 76 -38.28 -25.27 -6.32
N LYS C 77 -39.53 -25.68 -6.13
CA LYS C 77 -40.67 -24.77 -6.33
C LYS C 77 -40.75 -23.89 -5.08
N MET C 78 -40.43 -22.61 -5.18
CA MET C 78 -40.35 -21.75 -3.98
C MET C 78 -41.76 -21.37 -3.55
N LEU C 79 -42.03 -21.48 -2.25
CA LEU C 79 -43.28 -21.01 -1.62
C LEU C 79 -43.16 -19.51 -1.37
N CYS C 80 -42.14 -19.06 -0.63
CA CYS C 80 -41.94 -17.61 -0.42
C CYS C 80 -40.46 -17.33 -0.14
N ALA C 81 -40.05 -16.10 -0.33
CA ALA C 81 -38.75 -15.59 0.12
C ALA C 81 -39.09 -14.51 1.12
N SER C 82 -38.17 -14.19 2.01
CA SER C 82 -38.36 -13.03 2.91
C SER C 82 -37.11 -12.17 2.84
N VAL C 83 -37.27 -10.89 3.17
CA VAL C 83 -36.28 -9.84 2.82
C VAL C 83 -35.35 -9.66 4.02
N CYS C 84 -34.14 -10.19 3.85
CA CYS C 84 -32.99 -10.01 4.77
C CYS C 84 -32.37 -8.66 4.42
N ARG C 85 -31.95 -7.85 5.39
CA ARG C 85 -31.23 -6.59 5.11
C ARG C 85 -30.13 -6.88 4.08
N THR C 86 -29.53 -8.06 4.12
CA THR C 86 -28.43 -8.41 3.17
C THR C 86 -29.01 -8.53 1.75
N ASP C 87 -30.30 -8.80 1.58
CA ASP C 87 -30.92 -8.79 0.23
C ASP C 87 -30.93 -7.37 -0.31
N ILE C 88 -31.20 -6.38 0.53
CA ILE C 88 -31.13 -4.93 0.15
C ILE C 88 -29.66 -4.57 -0.15
N LEU C 89 -28.72 -4.97 0.71
CA LEU C 89 -27.29 -4.68 0.44
C LEU C 89 -26.97 -5.26 -0.94
N THR C 90 -27.46 -6.47 -1.23
CA THR C 90 -27.17 -7.14 -2.51
C THR C 90 -27.72 -6.25 -3.63
N ILE C 91 -28.85 -5.59 -3.40
CA ILE C 91 -29.44 -4.67 -4.41
C ILE C 91 -28.43 -3.53 -4.59
N GLU C 92 -27.79 -3.11 -3.50
CA GLU C 92 -26.87 -1.95 -3.49
C GLU C 92 -25.50 -2.35 -4.05
N GLY C 93 -25.30 -3.62 -4.44
CA GLY C 93 -24.04 -4.12 -5.03
C GLY C 93 -23.16 -4.97 -4.10
N PHE C 94 -23.55 -5.15 -2.83
CA PHE C 94 -22.77 -5.89 -1.81
C PHE C 94 -22.30 -7.26 -2.34
N MET C 95 -20.99 -7.48 -2.28
CA MET C 95 -20.33 -8.75 -2.62
C MET C 95 -20.63 -9.14 -4.07
N ALA C 96 -21.06 -8.21 -4.92
CA ALA C 96 -21.38 -8.48 -6.33
C ALA C 96 -20.64 -7.48 -7.22
N PRO C 97 -19.29 -7.48 -7.25
CA PRO C 97 -18.58 -6.47 -8.04
C PRO C 97 -18.85 -6.64 -9.55
N THR C 98 -19.02 -7.89 -10.00
CA THR C 98 -19.24 -8.25 -11.43
C THR C 98 -20.43 -9.21 -11.64
N GLN C 99 -21.26 -9.44 -10.62
CA GLN C 99 -22.23 -10.58 -10.63
C GLN C 99 -23.63 -10.04 -10.86
N PHE C 100 -23.76 -9.12 -11.82
CA PHE C 100 -25.03 -8.63 -12.40
C PHE C 100 -25.03 -8.94 -13.89
N PRO C 101 -26.17 -9.26 -14.54
CA PRO C 101 -27.47 -9.24 -13.88
C PRO C 101 -27.67 -10.51 -13.04
N LYS C 102 -28.47 -10.41 -11.99
CA LYS C 102 -28.69 -11.57 -11.10
C LYS C 102 -30.16 -11.67 -10.71
N ILE C 103 -30.52 -12.87 -10.27
CA ILE C 103 -31.75 -13.04 -9.44
C ILE C 103 -31.34 -12.82 -7.98
N ASN C 104 -32.08 -11.97 -7.25
CA ASN C 104 -31.73 -11.70 -5.83
C ASN C 104 -32.13 -12.88 -4.95
N GLY C 105 -31.64 -12.91 -3.71
CA GLY C 105 -32.29 -13.60 -2.58
C GLY C 105 -31.51 -14.78 -2.04
N HIS C 106 -31.39 -14.84 -0.72
CA HIS C 106 -30.79 -16.04 -0.08
C HIS C 106 -31.70 -16.60 1.02
N GLU C 107 -32.75 -15.86 1.40
CA GLU C 107 -33.70 -16.21 2.49
C GLU C 107 -35.02 -16.69 1.85
N GLY C 108 -35.36 -17.96 2.03
CA GLY C 108 -36.57 -18.53 1.43
C GLY C 108 -36.71 -19.99 1.68
N VAL C 109 -37.86 -20.53 1.24
CA VAL C 109 -38.23 -21.95 1.47
C VAL C 109 -38.95 -22.45 0.23
N GLY C 110 -38.83 -23.73 -0.06
CA GLY C 110 -39.60 -24.32 -1.17
C GLY C 110 -39.66 -25.81 -1.11
N ILE C 111 -40.33 -26.37 -2.11
CA ILE C 111 -40.59 -27.84 -2.23
C ILE C 111 -39.78 -28.39 -3.40
N ILE C 112 -39.15 -29.54 -3.20
CA ILE C 112 -38.31 -30.22 -4.23
C ILE C 112 -39.24 -30.69 -5.35
N GLU C 113 -39.00 -30.15 -6.55
CA GLU C 113 -39.74 -30.43 -7.82
C GLU C 113 -39.02 -31.56 -8.57
N SER C 114 -37.68 -31.53 -8.62
CA SER C 114 -36.88 -32.58 -9.30
C SER C 114 -35.45 -32.54 -8.75
N MET C 115 -34.69 -33.61 -9.03
CA MET C 115 -33.34 -33.82 -8.48
C MET C 115 -32.43 -34.30 -9.61
N GLY C 116 -31.16 -33.86 -9.64
CA GLY C 116 -30.14 -34.43 -10.54
C GLY C 116 -29.98 -35.91 -10.23
N PRO C 117 -29.40 -36.71 -11.14
CA PRO C 117 -29.36 -38.17 -10.96
C PRO C 117 -28.51 -38.66 -9.77
N ASP C 118 -27.58 -37.84 -9.26
CA ASP C 118 -26.61 -38.26 -8.21
C ASP C 118 -27.16 -37.97 -6.80
N THR C 119 -28.30 -37.28 -6.70
CA THR C 119 -28.81 -36.76 -5.42
C THR C 119 -29.08 -37.92 -4.46
N LYS C 120 -28.79 -37.74 -3.17
CA LYS C 120 -29.09 -38.71 -2.10
C LYS C 120 -29.77 -37.97 -0.94
N ASN C 121 -30.62 -38.69 -0.19
CA ASN C 121 -31.22 -38.27 1.10
C ASN C 121 -32.27 -37.17 0.90
N PHE C 122 -32.70 -36.92 -0.34
CA PHE C 122 -33.84 -36.02 -0.65
C PHE C 122 -34.85 -36.76 -1.51
N LYS C 123 -36.13 -36.41 -1.36
CA LYS C 123 -37.22 -36.91 -2.22
C LYS C 123 -37.94 -35.69 -2.79
N VAL C 124 -38.51 -35.82 -3.99
CA VAL C 124 -39.49 -34.84 -4.55
C VAL C 124 -40.60 -34.68 -3.52
N GLY C 125 -41.05 -33.43 -3.29
CA GLY C 125 -42.06 -33.12 -2.25
C GLY C 125 -41.43 -32.67 -0.93
N ASP C 126 -40.12 -32.89 -0.73
CA ASP C 126 -39.44 -32.40 0.50
C ASP C 126 -39.51 -30.86 0.53
N VAL C 127 -39.80 -30.31 1.70
CA VAL C 127 -39.72 -28.85 1.99
C VAL C 127 -38.30 -28.57 2.48
N ILE C 128 -37.57 -27.71 1.77
CA ILE C 128 -36.14 -27.48 2.14
C ILE C 128 -35.84 -25.98 2.26
N VAL C 129 -34.81 -25.68 3.05
CA VAL C 129 -34.07 -24.40 2.96
C VAL C 129 -32.63 -24.76 2.59
N ALA C 130 -31.93 -23.79 2.01
CA ALA C 130 -30.54 -23.99 1.53
C ALA C 130 -29.73 -22.73 1.81
N PRO C 131 -29.14 -22.62 3.03
CA PRO C 131 -28.41 -21.40 3.37
C PRO C 131 -27.02 -21.42 2.72
N THR C 132 -26.16 -20.50 3.14
CA THR C 132 -24.86 -20.23 2.46
C THR C 132 -23.84 -21.35 2.65
N LEU C 133 -23.85 -22.03 3.79
CA LEU C 133 -22.80 -23.01 4.16
C LEU C 133 -23.39 -24.40 4.34
N GLY C 134 -22.80 -25.37 3.66
CA GLY C 134 -23.05 -26.80 3.89
C GLY C 134 -22.28 -27.36 5.08
N GLU C 135 -22.38 -28.67 5.27
CA GLU C 135 -21.78 -29.40 6.42
C GLU C 135 -21.33 -30.77 5.93
N CYS C 136 -20.10 -30.87 5.42
CA CYS C 136 -19.52 -32.12 4.86
C CYS C 136 -19.30 -33.15 5.98
N GLN C 137 -19.09 -32.69 7.22
CA GLN C 137 -18.94 -33.52 8.45
C GLN C 137 -17.55 -34.20 8.53
N THR C 138 -16.65 -33.98 7.59
CA THR C 138 -15.33 -34.70 7.52
C THR C 138 -14.13 -33.74 7.57
N CYS C 139 -14.28 -32.49 7.16
CA CYS C 139 -13.18 -31.48 7.17
C CYS C 139 -12.83 -31.12 8.63
N SER C 140 -11.63 -30.60 8.83
CA SER C 140 -11.12 -30.25 10.18
C SER C 140 -12.04 -29.22 10.85
N SER C 141 -12.69 -28.34 10.06
CA SER C 141 -13.64 -27.31 10.58
C SER C 141 -14.92 -27.99 11.11
N CYS C 142 -15.57 -28.82 10.29
CA CYS C 142 -16.73 -29.65 10.73
C CYS C 142 -16.31 -30.46 11.96
N ARG C 143 -15.17 -31.15 11.95
CA ARG C 143 -14.85 -32.10 13.05
C ARG C 143 -14.51 -31.36 14.34
N SER C 144 -14.13 -30.07 14.26
CA SER C 144 -13.86 -29.22 15.45
C SER C 144 -15.09 -29.18 16.36
N GLY C 145 -16.29 -29.30 15.78
CA GLY C 145 -17.55 -29.22 16.55
C GLY C 145 -17.91 -27.80 16.95
N ARG C 146 -17.13 -26.77 16.55
CA ARG C 146 -17.37 -25.40 17.08
C ARG C 146 -17.56 -24.35 15.95
N THR C 147 -17.82 -24.79 14.73
CA THR C 147 -18.06 -23.85 13.61
C THR C 147 -18.88 -24.51 12.50
N ASN C 148 -19.53 -23.68 11.70
CA ASN C 148 -20.28 -24.10 10.50
C ASN C 148 -19.54 -23.67 9.23
N PHE C 149 -18.34 -23.10 9.37
CA PHE C 149 -17.55 -22.64 8.19
C PHE C 149 -16.88 -23.84 7.56
N CYS C 150 -17.65 -24.65 6.85
CA CYS C 150 -17.22 -25.91 6.20
C CYS C 150 -16.20 -25.58 5.12
N GLN C 151 -15.08 -26.30 5.09
CA GLN C 151 -14.00 -26.10 4.09
C GLN C 151 -14.49 -26.56 2.71
N ASN C 152 -15.38 -27.57 2.65
CA ASN C 152 -15.79 -28.24 1.38
C ASN C 152 -17.02 -27.56 0.80
N TYR C 153 -17.95 -27.12 1.64
CA TYR C 153 -19.19 -26.44 1.18
C TYR C 153 -19.27 -25.03 1.75
N GLY C 154 -18.37 -24.17 1.29
CA GLY C 154 -18.31 -22.75 1.69
C GLY C 154 -19.18 -21.91 0.82
N ALA C 155 -19.16 -20.60 1.07
CA ALA C 155 -19.92 -19.57 0.32
C ALA C 155 -19.57 -19.60 -1.18
N ASN C 156 -20.58 -19.75 -2.03
CA ASN C 156 -20.37 -19.76 -3.50
C ASN C 156 -20.31 -18.32 -4.03
N GLU C 157 -19.19 -17.63 -3.80
CA GLU C 157 -19.01 -16.18 -4.13
C GLU C 157 -19.07 -15.88 -5.64
N SER C 158 -18.80 -16.86 -6.49
CA SER C 158 -18.80 -16.71 -7.97
C SER C 158 -20.21 -16.36 -8.45
N ALA C 159 -21.23 -16.77 -7.68
CA ALA C 159 -22.67 -16.61 -8.03
C ALA C 159 -22.99 -17.39 -9.30
N LEU C 160 -22.25 -18.48 -9.55
CA LEU C 160 -22.38 -19.35 -10.75
C LEU C 160 -22.18 -20.79 -10.33
N GLU C 161 -22.52 -21.69 -11.23
CA GLU C 161 -22.15 -23.12 -11.14
C GLU C 161 -20.63 -23.22 -11.31
N PRO C 162 -20.00 -24.31 -10.83
CA PRO C 162 -18.55 -24.41 -10.83
C PRO C 162 -17.92 -24.47 -12.23
N ASP C 163 -18.71 -24.79 -13.27
CA ASP C 163 -18.26 -24.77 -14.69
C ASP C 163 -18.55 -23.41 -15.35
N GLY C 164 -19.05 -22.44 -14.59
CA GLY C 164 -19.27 -21.06 -15.08
C GLY C 164 -20.60 -20.93 -15.82
N THR C 165 -21.43 -21.97 -15.85
CA THR C 165 -22.85 -21.87 -16.31
C THR C 165 -23.72 -21.34 -15.16
N SER C 166 -24.94 -20.90 -15.51
CA SER C 166 -26.05 -20.61 -14.57
C SER C 166 -27.25 -21.43 -15.01
N ARG C 167 -27.99 -22.01 -14.06
CA ARG C 167 -29.27 -22.68 -14.39
C ARG C 167 -30.30 -21.63 -14.81
N PHE C 168 -30.00 -20.35 -14.64
CA PHE C 168 -30.91 -19.22 -14.95
C PHE C 168 -30.46 -18.50 -16.21
N SER C 169 -31.43 -18.14 -17.05
CA SER C 169 -31.27 -17.29 -18.25
C SER C 169 -32.59 -16.58 -18.53
N TYR C 170 -32.57 -15.57 -19.40
CA TYR C 170 -33.79 -14.87 -19.84
C TYR C 170 -33.61 -14.44 -21.30
N ILE C 171 -34.71 -14.24 -22.01
CA ILE C 171 -34.74 -13.57 -23.35
C ILE C 171 -35.08 -12.09 -23.11
N ASP C 172 -34.15 -11.19 -23.41
CA ASP C 172 -34.36 -9.71 -23.35
C ASP C 172 -35.06 -9.27 -24.64
N SER C 173 -35.46 -8.01 -24.74
CA SER C 173 -36.31 -7.48 -25.84
C SER C 173 -35.49 -7.22 -27.12
N ASP C 174 -34.51 -8.07 -27.42
CA ASP C 174 -33.98 -8.29 -28.78
C ASP C 174 -33.74 -9.80 -28.98
N GLY C 175 -34.65 -10.63 -28.42
CA GLY C 175 -34.74 -12.08 -28.66
C GLY C 175 -33.46 -12.83 -28.30
N LYS C 176 -32.55 -12.22 -27.54
CA LYS C 176 -31.22 -12.81 -27.19
C LYS C 176 -31.31 -13.49 -25.80
N LYS C 177 -30.71 -14.67 -25.66
CA LYS C 177 -30.58 -15.41 -24.38
C LYS C 177 -29.40 -14.82 -23.59
N LYS C 178 -29.62 -14.43 -22.33
CA LYS C 178 -28.61 -13.76 -21.46
C LYS C 178 -28.57 -14.51 -20.11
N LEU C 179 -27.35 -14.75 -19.60
CA LEU C 179 -27.10 -15.49 -18.33
C LEU C 179 -27.62 -14.65 -17.16
N LEU C 180 -28.12 -15.31 -16.12
CA LEU C 180 -28.41 -14.60 -14.85
C LEU C 180 -27.51 -15.21 -13.79
N TYR C 181 -26.86 -14.32 -13.02
CA TYR C 181 -26.09 -14.69 -11.81
C TYR C 181 -27.07 -15.13 -10.71
N TYR C 182 -26.58 -15.98 -9.83
CA TYR C 182 -27.22 -16.32 -8.54
C TYR C 182 -26.96 -15.21 -7.55
N LYS C 183 -27.43 -15.39 -6.30
CA LYS C 183 -26.94 -14.58 -5.15
C LYS C 183 -25.55 -15.16 -4.82
N LEU C 184 -25.54 -16.37 -4.26
CA LEU C 184 -24.32 -17.18 -4.03
C LEU C 184 -24.52 -18.56 -4.69
N GLY C 185 -24.98 -19.58 -3.97
CA GLY C 185 -25.18 -20.94 -4.52
C GLY C 185 -26.54 -21.07 -5.19
N CYS C 186 -27.36 -20.03 -5.10
CA CYS C 186 -28.80 -20.04 -5.52
C CYS C 186 -29.37 -18.64 -5.43
N SER C 187 -30.61 -18.44 -5.88
CA SER C 187 -31.41 -17.21 -5.65
C SER C 187 -32.80 -17.67 -5.19
N THR C 188 -33.38 -16.98 -4.22
CA THR C 188 -34.69 -17.35 -3.66
C THR C 188 -35.80 -16.49 -4.26
N TRP C 189 -35.47 -15.36 -4.90
CA TRP C 189 -36.50 -14.37 -5.34
C TRP C 189 -36.99 -14.81 -6.72
N THR C 190 -37.49 -16.04 -6.79
CA THR C 190 -37.83 -16.75 -8.05
C THR C 190 -38.84 -17.85 -7.71
N GLN C 191 -39.79 -18.12 -8.60
CA GLN C 191 -40.77 -19.20 -8.37
C GLN C 191 -40.08 -20.57 -8.41
N TYR C 192 -38.96 -20.71 -9.13
CA TYR C 192 -38.17 -21.96 -9.19
C TYR C 192 -36.69 -21.59 -9.06
N MET C 193 -35.97 -22.37 -8.25
CA MET C 193 -34.52 -22.15 -8.00
C MET C 193 -33.82 -23.50 -8.11
N VAL C 194 -32.50 -23.45 -8.32
CA VAL C 194 -31.66 -24.66 -8.36
C VAL C 194 -30.53 -24.49 -7.35
N VAL C 195 -30.28 -25.51 -6.53
CA VAL C 195 -29.26 -25.47 -5.47
C VAL C 195 -28.64 -26.84 -5.30
N ASP C 196 -27.34 -26.85 -5.03
CA ASP C 196 -26.58 -28.08 -4.70
C ASP C 196 -27.17 -28.66 -3.41
N SER C 197 -27.56 -29.94 -3.43
CA SER C 197 -28.23 -30.61 -2.28
C SER C 197 -27.31 -30.65 -1.04
N ASN C 198 -26.01 -30.37 -1.18
CA ASN C 198 -25.08 -30.36 -0.01
C ASN C 198 -25.31 -29.11 0.84
N TYR C 199 -26.12 -28.17 0.36
CA TYR C 199 -26.47 -26.94 1.11
C TYR C 199 -27.89 -27.02 1.67
N ALA C 200 -28.64 -28.09 1.39
CA ALA C 200 -30.08 -28.19 1.73
C ALA C 200 -30.30 -29.00 3.00
N THR C 201 -31.35 -28.67 3.73
CA THR C 201 -31.81 -29.39 4.93
C THR C 201 -33.35 -29.37 4.92
N LYS C 202 -34.01 -30.47 5.31
CA LYS C 202 -35.48 -30.60 5.09
C LYS C 202 -36.27 -30.19 6.35
N LEU C 203 -37.47 -29.61 6.15
CA LEU C 203 -38.38 -29.11 7.23
C LEU C 203 -39.53 -30.10 7.48
N ASN C 204 -39.88 -30.92 6.51
CA ASN C 204 -41.23 -31.58 6.42
C ASN C 204 -41.31 -32.80 7.34
N GLU C 205 -40.21 -33.50 7.63
CA GLU C 205 -40.19 -34.66 8.57
C GLU C 205 -40.41 -34.13 9.99
N ILE C 206 -39.70 -33.08 10.39
CA ILE C 206 -39.72 -32.56 11.79
C ILE C 206 -40.92 -31.62 11.95
N ALA C 207 -41.22 -30.78 10.96
CA ALA C 207 -42.24 -29.72 11.11
C ALA C 207 -43.11 -29.66 9.87
N PRO C 208 -43.87 -30.73 9.56
CA PRO C 208 -44.70 -30.73 8.36
C PRO C 208 -45.73 -29.58 8.37
N GLU C 209 -46.11 -29.07 9.54
CA GLU C 209 -47.17 -28.04 9.71
C GLU C 209 -46.63 -26.62 9.59
N LEU C 210 -45.31 -26.43 9.54
CA LEU C 210 -44.73 -25.07 9.71
C LEU C 210 -45.13 -24.22 8.50
N PRO C 211 -45.68 -23.00 8.69
CA PRO C 211 -46.07 -22.19 7.55
C PRO C 211 -44.80 -21.74 6.81
N PRO C 212 -44.93 -21.44 5.50
CA PRO C 212 -43.80 -21.00 4.68
C PRO C 212 -43.00 -19.80 5.19
N PRO C 213 -43.62 -18.67 5.61
CA PRO C 213 -42.82 -17.53 6.01
C PRO C 213 -41.94 -17.87 7.24
N HIS C 214 -42.37 -18.82 8.07
CA HIS C 214 -41.58 -19.28 9.23
C HIS C 214 -40.35 -20.00 8.69
N GLY C 215 -40.56 -20.88 7.71
CA GLY C 215 -39.52 -21.69 7.05
C GLY C 215 -38.50 -20.79 6.40
N SER C 216 -38.99 -19.70 5.78
CA SER C 216 -38.20 -18.65 5.12
C SER C 216 -37.30 -17.94 6.13
N ILE C 217 -37.81 -17.45 7.26
CA ILE C 217 -36.92 -16.76 8.24
C ILE C 217 -35.97 -17.77 8.91
N LEU C 218 -36.33 -19.05 9.01
CA LEU C 218 -35.40 -20.08 9.52
C LEU C 218 -34.20 -20.24 8.57
N SER C 219 -34.34 -19.90 7.29
CA SER C 219 -33.25 -20.08 6.29
C SER C 219 -32.15 -19.05 6.53
N CYS C 220 -32.46 -17.91 7.12
CA CYS C 220 -31.43 -16.90 7.43
C CYS C 220 -31.69 -16.14 8.73
N ALA C 221 -32.60 -15.17 8.73
CA ALA C 221 -32.74 -14.16 9.80
C ALA C 221 -32.84 -14.87 11.16
N PHE C 222 -33.71 -15.88 11.25
CA PHE C 222 -34.06 -16.47 12.55
C PHE C 222 -32.93 -17.37 13.01
N ALA C 223 -32.38 -18.17 12.12
CA ALA C 223 -31.19 -19.00 12.43
C ALA C 223 -30.06 -18.07 12.90
N THR C 224 -29.90 -16.91 12.27
CA THR C 224 -28.74 -16.02 12.56
C THR C 224 -28.85 -15.46 13.98
N GLY C 225 -29.97 -14.78 14.34
CA GLY C 225 -30.12 -14.18 15.68
C GLY C 225 -30.16 -15.27 16.74
N TYR C 226 -30.92 -16.31 16.51
CA TYR C 226 -31.12 -17.39 17.50
C TYR C 226 -29.80 -18.09 17.78
N GLY C 227 -29.14 -18.55 16.71
CA GLY C 227 -27.85 -19.28 16.76
C GLY C 227 -26.74 -18.41 17.32
N ALA C 228 -26.73 -17.10 17.01
CA ALA C 228 -25.69 -16.16 17.51
C ALA C 228 -25.69 -16.24 19.02
N VAL C 229 -26.88 -16.28 19.62
CA VAL C 229 -27.03 -16.33 21.10
C VAL C 229 -26.77 -17.76 21.60
N TRP C 230 -27.45 -18.73 20.98
CA TRP C 230 -27.53 -20.13 21.46
C TRP C 230 -26.18 -20.83 21.29
N LEU C 231 -25.59 -20.76 20.11
CA LEU C 231 -24.42 -21.57 19.73
C LEU C 231 -23.13 -20.75 19.89
N ASP C 232 -23.13 -19.52 19.39
CA ASP C 232 -21.86 -18.79 19.19
C ASP C 232 -21.50 -18.08 20.49
N ALA C 233 -22.35 -17.20 21.01
CA ALA C 233 -22.13 -16.57 22.34
C ALA C 233 -22.37 -17.62 23.45
N ALA C 234 -23.06 -18.73 23.18
CA ALA C 234 -23.27 -19.83 24.17
C ALA C 234 -23.88 -19.24 25.44
N VAL C 235 -24.94 -18.47 25.29
CA VAL C 235 -25.61 -17.81 26.46
C VAL C 235 -26.15 -18.88 27.40
N GLN C 236 -25.89 -18.70 28.71
CA GLN C 236 -26.33 -19.61 29.79
C GLN C 236 -27.40 -18.91 30.61
N GLU C 237 -28.25 -19.68 31.29
CA GLU C 237 -29.15 -19.16 32.36
C GLU C 237 -28.38 -18.19 33.26
N GLY C 238 -28.92 -17.01 33.49
CA GLY C 238 -28.35 -16.00 34.40
C GLY C 238 -27.44 -15.00 33.69
N ASP C 239 -27.07 -15.26 32.43
CA ASP C 239 -26.10 -14.39 31.70
C ASP C 239 -26.78 -13.05 31.43
N SER C 240 -25.98 -11.99 31.30
CA SER C 240 -26.38 -10.69 30.72
C SER C 240 -26.04 -10.71 29.24
N VAL C 241 -26.93 -10.16 28.42
CA VAL C 241 -26.82 -10.16 26.94
C VAL C 241 -27.07 -8.73 26.48
N ALA C 242 -26.21 -8.20 25.61
CA ALA C 242 -26.52 -6.98 24.86
C ALA C 242 -26.72 -7.36 23.40
N ILE C 243 -27.71 -6.75 22.77
CA ILE C 243 -28.06 -6.96 21.33
C ILE C 243 -28.14 -5.58 20.70
N PHE C 244 -27.26 -5.29 19.74
CA PHE C 244 -27.14 -4.00 19.01
C PHE C 244 -27.81 -4.18 17.66
N GLY C 245 -29.04 -3.65 17.54
CA GLY C 245 -29.87 -3.84 16.34
C GLY C 245 -30.96 -4.87 16.56
N VAL C 246 -32.22 -4.42 16.70
CA VAL C 246 -33.37 -5.34 16.88
C VAL C 246 -34.27 -5.25 15.65
N GLY C 247 -33.68 -5.52 14.49
CA GLY C 247 -34.37 -6.06 13.32
C GLY C 247 -34.72 -7.53 13.52
N SER C 248 -35.06 -8.22 12.46
CA SER C 248 -35.52 -9.63 12.49
C SER C 248 -34.41 -10.50 13.11
N VAL C 249 -33.14 -10.20 12.80
CA VAL C 249 -32.01 -10.96 13.41
C VAL C 249 -31.98 -10.67 14.93
N GLY C 250 -31.93 -9.40 15.33
CA GLY C 250 -31.83 -8.94 16.73
C GLY C 250 -33.00 -9.45 17.56
N ILE C 251 -34.22 -9.34 17.04
CA ILE C 251 -35.40 -9.88 17.75
C ILE C 251 -35.28 -11.41 17.89
N SER C 252 -34.77 -12.13 16.90
CA SER C 252 -34.56 -13.60 16.97
C SER C 252 -33.56 -13.89 18.08
N ALA C 253 -32.53 -13.04 18.23
CA ALA C 253 -31.57 -13.12 19.36
C ALA C 253 -32.30 -12.90 20.69
N VAL C 254 -33.23 -11.94 20.77
CA VAL C 254 -34.00 -11.71 22.04
C VAL C 254 -34.73 -13.00 22.40
N ILE C 255 -35.40 -13.62 21.43
CA ILE C 255 -36.22 -14.85 21.59
C ILE C 255 -35.34 -15.96 22.16
N ALA C 256 -34.13 -16.17 21.60
CA ALA C 256 -33.15 -17.13 22.13
C ALA C 256 -32.73 -16.75 23.56
N ALA C 257 -32.37 -15.50 23.83
CA ALA C 257 -31.78 -15.13 25.14
C ALA C 257 -32.87 -15.30 26.22
N LYS C 258 -34.14 -15.07 25.85
CA LYS C 258 -35.30 -15.25 26.77
C LYS C 258 -35.49 -16.76 27.00
N GLU C 259 -35.45 -17.55 25.94
CA GLU C 259 -35.57 -19.02 25.99
C GLU C 259 -34.47 -19.61 26.87
N LEU C 260 -33.23 -19.10 26.78
CA LEU C 260 -32.08 -19.64 27.56
C LEU C 260 -32.02 -19.01 28.95
N LYS C 261 -33.01 -18.18 29.30
CA LYS C 261 -33.23 -17.66 30.67
C LYS C 261 -32.06 -16.74 31.05
N ALA C 262 -31.60 -15.93 30.11
CA ALA C 262 -30.68 -14.81 30.44
C ALA C 262 -31.32 -14.04 31.59
N LYS C 263 -30.52 -13.45 32.48
CA LYS C 263 -31.00 -12.60 33.58
C LYS C 263 -31.28 -11.22 33.03
N GLN C 264 -30.53 -10.77 32.04
CA GLN C 264 -30.60 -9.38 31.55
C GLN C 264 -30.37 -9.41 30.03
N ILE C 265 -31.26 -8.74 29.31
CA ILE C 265 -31.27 -8.66 27.83
C ILE C 265 -31.46 -7.18 27.51
N ILE C 266 -30.36 -6.56 27.11
CA ILE C 266 -30.29 -5.12 26.85
C ILE C 266 -30.32 -4.96 25.34
N VAL C 267 -31.27 -4.20 24.82
CA VAL C 267 -31.41 -4.03 23.35
C VAL C 267 -31.15 -2.57 23.04
N VAL C 268 -30.38 -2.34 21.97
CA VAL C 268 -29.87 -1.01 21.54
C VAL C 268 -30.28 -0.81 20.09
N ASP C 269 -30.92 0.33 19.81
CA ASP C 269 -31.41 0.66 18.46
C ASP C 269 -31.82 2.14 18.47
N ARG C 270 -32.12 2.67 17.29
CA ARG C 270 -32.72 4.00 17.08
C ARG C 270 -34.25 3.87 16.85
N ASN C 271 -34.76 2.67 16.65
CA ASN C 271 -36.19 2.44 16.32
C ASN C 271 -36.94 1.98 17.57
N GLU C 272 -37.76 2.85 18.15
CA GLU C 272 -38.43 2.56 19.45
C GLU C 272 -39.53 1.51 19.24
N TYR C 273 -40.07 1.37 18.03
CA TYR C 273 -41.17 0.39 17.79
C TYR C 273 -40.57 -1.03 17.89
N LYS C 274 -39.41 -1.21 17.28
CA LYS C 274 -38.66 -2.48 17.35
C LYS C 274 -38.09 -2.72 18.75
N LEU C 275 -37.61 -1.68 19.42
CA LEU C 275 -37.15 -1.84 20.84
C LEU C 275 -38.33 -2.32 21.69
N LYS C 276 -39.53 -1.78 21.44
CA LYS C 276 -40.73 -2.14 22.25
C LYS C 276 -41.10 -3.60 21.95
N MET C 277 -41.10 -4.00 20.68
CA MET C 277 -41.37 -5.41 20.32
C MET C 277 -40.35 -6.32 21.02
N ALA C 278 -39.09 -5.88 21.02
CA ALA C 278 -38.02 -6.64 21.69
C ALA C 278 -38.40 -6.78 23.17
N MET C 279 -38.80 -5.67 23.82
CA MET C 279 -39.21 -5.70 25.27
C MET C 279 -40.41 -6.67 25.40
N GLU C 280 -41.34 -6.65 24.45
CA GLU C 280 -42.52 -7.56 24.51
C GLU C 280 -42.06 -9.02 24.44
N LEU C 281 -41.00 -9.34 23.68
CA LEU C 281 -40.55 -10.75 23.46
C LEU C 281 -39.45 -11.17 24.43
N GLY C 282 -39.15 -10.34 25.45
CA GLY C 282 -38.39 -10.79 26.62
C GLY C 282 -37.19 -9.91 26.94
N ALA C 283 -36.90 -8.88 26.16
CA ALA C 283 -35.86 -7.88 26.53
C ALA C 283 -36.22 -7.21 27.87
N THR C 284 -35.21 -6.91 28.70
CA THR C 284 -35.36 -6.40 30.09
C THR C 284 -35.03 -4.90 30.13
N HIS C 285 -34.14 -4.44 29.26
CA HIS C 285 -33.72 -3.02 29.20
C HIS C 285 -33.60 -2.62 27.74
N ILE C 287 -32.34 0.67 25.13
CA ILE C 287 -31.55 1.88 24.98
C ILE C 287 -31.80 2.40 23.56
N ASN C 288 -32.24 3.64 23.46
CA ASN C 288 -32.33 4.37 22.18
C ASN C 288 -31.00 5.09 22.02
N SER C 289 -30.18 4.63 21.08
CA SER C 289 -28.78 5.12 20.93
C SER C 289 -28.82 6.58 20.48
N GLU C 290 -29.98 7.07 20.05
CA GLU C 290 -30.09 8.49 19.60
C GLU C 290 -30.63 9.38 20.72
N LYS C 291 -30.84 8.87 21.93
CA LYS C 291 -31.37 9.64 23.07
C LYS C 291 -30.53 9.39 24.33
N LEU C 292 -29.22 9.16 24.19
CA LEU C 292 -28.33 8.95 25.35
C LEU C 292 -27.82 10.31 25.83
N PRO C 293 -27.56 10.49 27.14
CA PRO C 293 -27.00 11.74 27.66
C PRO C 293 -25.75 12.09 26.83
N GLU C 294 -25.44 13.38 26.73
CA GLU C 294 -24.28 13.92 25.95
C GLU C 294 -22.99 13.30 26.50
N GLY C 295 -22.14 12.78 25.59
CA GLY C 295 -20.85 12.15 25.94
C GLY C 295 -20.95 10.66 26.26
N VAL C 296 -22.14 10.11 26.45
CA VAL C 296 -22.30 8.68 26.86
C VAL C 296 -22.49 7.84 25.60
N THR C 297 -21.57 6.89 25.36
CA THR C 297 -21.58 5.96 24.19
C THR C 297 -22.56 4.81 24.48
N PRO C 298 -23.01 4.08 23.44
CA PRO C 298 -23.84 2.89 23.66
C PRO C 298 -23.20 1.82 24.57
N SER C 299 -21.89 1.54 24.43
CA SER C 299 -21.20 0.59 25.33
C SER C 299 -21.23 1.11 26.77
N GLN C 300 -20.96 2.40 27.01
CA GLN C 300 -21.03 2.99 28.37
C GLN C 300 -22.45 2.78 28.94
N ALA C 301 -23.48 3.05 28.15
CA ALA C 301 -24.89 2.93 28.58
C ALA C 301 -25.19 1.47 28.97
N VAL C 302 -24.75 0.52 28.16
CA VAL C 302 -24.90 -0.93 28.47
C VAL C 302 -24.18 -1.21 29.78
N ARG C 303 -22.90 -0.84 29.87
CA ARG C 303 -22.06 -1.18 31.03
C ARG C 303 -22.74 -0.63 32.28
N LYS C 304 -23.28 0.60 32.23
CA LYS C 304 -23.97 1.26 33.38
C LYS C 304 -25.14 0.40 33.91
N LEU C 305 -25.70 -0.55 33.13
CA LEU C 305 -26.83 -1.42 33.57
C LEU C 305 -26.32 -2.69 34.23
N THR C 306 -25.00 -2.92 34.28
CA THR C 306 -24.40 -4.17 34.79
C THR C 306 -23.71 -3.87 36.11
N PRO C 307 -23.53 -4.88 36.99
CA PRO C 307 -22.86 -4.67 38.28
C PRO C 307 -21.39 -4.22 38.18
N LYS C 308 -21.05 -3.13 38.89
CA LYS C 308 -19.77 -2.39 38.84
C LYS C 308 -19.36 -2.09 37.39
N GLU C 309 -20.34 -1.89 36.51
CA GLU C 309 -20.12 -1.47 35.10
C GLU C 309 -19.19 -2.46 34.37
N VAL C 310 -19.22 -3.74 34.72
CA VAL C 310 -18.33 -4.81 34.15
C VAL C 310 -18.73 -5.18 32.70
N GLY C 311 -19.97 -4.87 32.29
CA GLY C 311 -20.53 -5.15 30.95
C GLY C 311 -21.25 -6.48 30.88
N VAL C 312 -21.44 -7.03 29.68
CA VAL C 312 -22.33 -8.21 29.47
C VAL C 312 -21.54 -9.50 29.17
N ASP C 313 -22.13 -10.63 29.52
CA ASP C 313 -21.55 -11.99 29.30
C ASP C 313 -21.52 -12.32 27.80
N ALA C 314 -22.35 -11.66 27.00
CA ALA C 314 -22.53 -11.99 25.56
C ALA C 314 -22.97 -10.72 24.86
N SER C 315 -22.24 -10.33 23.84
CA SER C 315 -22.54 -9.08 23.11
C SER C 315 -22.81 -9.46 21.65
N ILE C 316 -24.03 -9.20 21.17
CA ILE C 316 -24.46 -9.57 19.79
C ILE C 316 -24.59 -8.30 18.97
N GLU C 317 -23.94 -8.25 17.81
CA GLU C 317 -24.16 -7.11 16.89
C GLU C 317 -24.98 -7.65 15.73
N SER C 318 -26.08 -6.96 15.41
CA SER C 318 -27.05 -7.41 14.39
C SER C 318 -27.72 -6.15 13.81
N SER C 319 -26.91 -5.14 13.51
CA SER C 319 -27.34 -3.80 13.06
C SER C 319 -26.85 -3.52 11.64
N GLY C 320 -25.66 -4.01 11.25
CA GLY C 320 -24.97 -3.56 10.02
C GLY C 320 -24.25 -2.24 10.25
N TYR C 321 -24.39 -1.60 11.42
CA TYR C 321 -23.75 -0.29 11.71
C TYR C 321 -22.32 -0.54 12.21
N ASP C 322 -21.30 -0.10 11.48
CA ASP C 322 -19.89 -0.39 11.88
C ASP C 322 -19.59 0.11 13.30
N VAL C 323 -20.09 1.30 13.66
CA VAL C 323 -19.97 1.90 15.02
C VAL C 323 -20.43 0.87 16.06
N PHE C 324 -21.56 0.18 15.84
CA PHE C 324 -22.14 -0.78 16.82
C PHE C 324 -21.28 -2.04 16.91
N MET C 325 -20.50 -2.36 15.89
CA MET C 325 -19.58 -3.51 16.00
C MET C 325 -18.53 -3.20 17.06
N ASN C 326 -18.01 -1.97 17.05
CA ASN C 326 -17.01 -1.50 18.02
C ASN C 326 -17.70 -1.37 19.39
N GLU C 327 -18.89 -0.75 19.46
CA GLU C 327 -19.60 -0.64 20.76
C GLU C 327 -19.87 -2.04 21.32
N ALA C 328 -20.29 -2.96 20.48
CA ALA C 328 -20.63 -4.35 20.88
C ALA C 328 -19.38 -4.97 21.52
N MET C 329 -18.24 -4.81 20.86
CA MET C 329 -16.94 -5.31 21.39
C MET C 329 -16.68 -4.70 22.77
N LYS C 330 -16.87 -3.38 22.91
CA LYS C 330 -16.56 -2.62 24.16
C LYS C 330 -17.56 -2.97 25.27
N ALA C 331 -18.75 -3.44 24.92
CA ALA C 331 -19.83 -3.69 25.92
C ALA C 331 -19.61 -5.03 26.60
N ALA C 332 -18.80 -5.89 25.99
CA ALA C 332 -18.54 -7.26 26.49
C ALA C 332 -17.63 -7.19 27.72
N ILE C 333 -17.85 -8.10 28.67
CA ILE C 333 -16.92 -8.29 29.82
C ILE C 333 -15.57 -8.65 29.21
N HIS C 334 -14.54 -7.85 29.51
CA HIS C 334 -13.16 -8.10 29.02
C HIS C 334 -12.84 -9.58 29.20
N GLY C 335 -12.39 -10.21 28.11
CA GLY C 335 -11.81 -11.55 28.11
C GLY C 335 -12.86 -12.62 28.12
N LYS C 336 -13.74 -12.58 29.13
CA LYS C 336 -14.70 -13.65 29.42
C LYS C 336 -15.78 -13.75 28.35
N ALA C 337 -16.27 -12.63 27.86
CA ALA C 337 -17.44 -12.59 26.96
C ALA C 337 -16.98 -12.61 25.51
N LYS C 338 -17.85 -13.10 24.64
CA LYS C 338 -17.65 -13.10 23.17
C LYS C 338 -18.57 -12.06 22.57
N THR C 339 -18.07 -11.29 21.61
CA THR C 339 -18.84 -10.36 20.76
C THR C 339 -19.09 -11.11 19.45
N VAL C 340 -20.35 -11.34 19.12
CA VAL C 340 -20.71 -12.05 17.86
C VAL C 340 -21.22 -10.99 16.88
N ILE C 341 -20.49 -10.80 15.78
CA ILE C 341 -20.81 -9.84 14.70
C ILE C 341 -21.57 -10.60 13.60
N THR C 342 -22.84 -10.27 13.40
CA THR C 342 -23.65 -10.82 12.30
C THR C 342 -23.88 -9.70 11.29
N GLY C 343 -23.63 -8.45 11.67
CA GLY C 343 -23.97 -7.30 10.82
C GLY C 343 -23.17 -7.32 9.51
N GLU C 344 -23.77 -6.80 8.44
CA GLU C 344 -23.15 -6.61 7.11
C GLU C 344 -23.52 -5.20 6.62
N GLY C 345 -22.68 -4.64 5.77
CA GLY C 345 -22.85 -3.30 5.18
C GLY C 345 -21.78 -3.05 4.13
N ILE C 346 -21.90 -1.92 3.45
CA ILE C 346 -20.93 -1.45 2.42
C ILE C 346 -20.11 -0.41 3.14
N TYR C 347 -18.92 -0.80 3.59
CA TYR C 347 -18.07 0.04 4.47
C TYR C 347 -16.97 0.69 3.62
N GLU C 348 -16.53 1.87 4.04
CA GLU C 348 -15.37 2.57 3.43
C GLU C 348 -14.22 1.55 3.40
N ASN C 349 -13.71 1.26 2.19
CA ASN C 349 -12.56 0.36 1.93
C ASN C 349 -12.85 -1.03 2.48
N ASP C 350 -14.10 -1.48 2.49
CA ASP C 350 -14.52 -2.79 3.06
C ASP C 350 -13.73 -3.07 4.36
N ARG C 351 -13.63 -2.09 5.25
CA ARG C 351 -12.95 -2.25 6.55
C ARG C 351 -13.90 -1.87 7.69
N ILE C 352 -13.73 -2.54 8.82
CA ILE C 352 -14.37 -2.14 10.11
C ILE C 352 -13.20 -1.82 11.06
N PHE C 353 -13.50 -1.23 12.21
CA PHE C 353 -12.52 -0.64 13.13
C PHE C 353 -12.85 -1.04 14.57
N PHE C 354 -11.82 -1.18 15.39
CA PHE C 354 -11.96 -1.37 16.85
C PHE C 354 -11.05 -0.35 17.53
N ASP C 355 -11.53 0.23 18.62
CA ASP C 355 -10.67 0.95 19.60
C ASP C 355 -9.63 -0.05 20.11
N PHE C 356 -8.34 0.21 19.93
CA PHE C 356 -7.26 -0.78 20.17
C PHE C 356 -7.12 -1.12 21.67
N LYS C 357 -7.13 -0.13 22.55
CA LYS C 357 -6.86 -0.35 23.99
C LYS C 357 -7.91 -1.33 24.55
N ASP C 358 -9.19 -1.09 24.29
CA ASP C 358 -10.31 -1.97 24.72
C ASP C 358 -10.20 -3.32 24.01
N PHE C 359 -9.73 -3.35 22.76
CA PHE C 359 -9.58 -4.62 22.03
C PHE C 359 -8.49 -5.46 22.71
N LEU C 360 -7.34 -4.84 22.94
CA LEU C 360 -6.18 -5.62 23.44
C LEU C 360 -6.49 -6.13 24.84
N PHE C 361 -7.05 -5.27 25.68
CA PHE C 361 -7.38 -5.61 27.09
C PHE C 361 -8.74 -6.30 27.14
N GLY C 362 -8.95 -7.33 26.32
CA GLY C 362 -10.03 -8.31 26.55
C GLY C 362 -11.03 -8.41 25.42
N GLY C 363 -10.76 -7.80 24.28
CA GLY C 363 -11.65 -7.89 23.11
C GLY C 363 -11.76 -9.33 22.67
N ASN C 364 -12.90 -9.74 22.13
CA ASN C 364 -13.10 -11.14 21.70
C ASN C 364 -14.21 -11.15 20.66
N VAL C 365 -13.85 -11.10 19.40
CA VAL C 365 -14.83 -10.77 18.33
C VAL C 365 -14.83 -11.89 17.30
N VAL C 366 -16.01 -12.41 16.95
CA VAL C 366 -16.12 -13.49 15.91
C VAL C 366 -17.09 -13.03 14.83
N GLY C 367 -16.74 -13.31 13.58
CA GLY C 367 -17.67 -13.28 12.45
C GLY C 367 -18.64 -14.43 12.52
N ASN C 368 -19.90 -14.14 12.25
CA ASN C 368 -20.96 -15.18 12.27
C ASN C 368 -21.76 -15.13 10.98
N VAL C 369 -22.00 -16.29 10.42
CA VAL C 369 -22.89 -16.49 9.26
C VAL C 369 -23.95 -17.53 9.65
N THR C 370 -25.24 -17.18 9.53
CA THR C 370 -26.38 -18.09 9.78
C THR C 370 -26.35 -18.62 11.22
N GLY C 371 -25.88 -17.80 12.16
CA GLY C 371 -25.90 -18.11 13.60
C GLY C 371 -25.05 -19.32 13.96
N ARG C 372 -24.07 -19.68 13.11
CA ARG C 372 -23.25 -20.87 13.35
C ARG C 372 -24.13 -22.13 13.34
N VAL C 373 -25.37 -22.03 12.84
CA VAL C 373 -26.30 -23.19 12.81
C VAL C 373 -25.93 -24.11 11.64
N ARG C 374 -25.27 -25.23 11.93
CA ARG C 374 -24.90 -26.28 10.94
C ARG C 374 -26.18 -26.98 10.47
N ILE C 375 -26.29 -27.15 9.16
CA ILE C 375 -27.59 -27.54 8.51
C ILE C 375 -27.97 -28.98 8.93
N HIS C 376 -27.02 -29.84 9.28
CA HIS C 376 -27.32 -31.25 9.68
C HIS C 376 -27.25 -31.39 11.21
N SER C 377 -26.21 -30.86 11.85
CA SER C 377 -25.98 -31.03 13.31
C SER C 377 -26.89 -30.11 14.15
N ASP C 378 -27.17 -28.89 13.74
CA ASP C 378 -27.87 -27.93 14.63
C ASP C 378 -29.29 -27.59 14.13
N PHE C 379 -29.51 -27.53 12.83
CA PHE C 379 -30.76 -27.04 12.23
C PHE C 379 -31.96 -27.86 12.74
N PRO C 380 -31.92 -29.21 12.76
CA PRO C 380 -33.05 -29.99 13.26
C PRO C 380 -33.48 -29.58 14.66
N GLY C 381 -32.52 -29.36 15.55
CA GLY C 381 -32.75 -28.79 16.90
C GLY C 381 -33.40 -27.43 16.85
N LEU C 382 -32.91 -26.50 16.01
CA LEU C 382 -33.50 -25.16 15.85
C LEU C 382 -34.97 -25.30 15.40
N LEU C 383 -35.21 -26.15 14.40
CA LEU C 383 -36.55 -26.39 13.81
C LEU C 383 -37.50 -26.93 14.90
N ARG C 384 -37.07 -27.88 15.74
CA ARG C 384 -37.94 -28.38 16.84
CA ARG C 384 -37.87 -28.38 16.90
C ARG C 384 -38.27 -27.19 17.77
N LYS C 385 -37.29 -26.36 18.11
CA LYS C 385 -37.46 -25.18 19.02
C LYS C 385 -38.46 -24.21 18.39
N ALA C 386 -38.45 -24.04 17.06
CA ALA C 386 -39.34 -23.09 16.36
C ALA C 386 -40.82 -23.51 16.51
N GLN C 387 -41.09 -24.80 16.74
CA GLN C 387 -42.48 -25.33 16.89
C GLN C 387 -43.01 -25.13 18.31
N GLU C 388 -42.17 -24.76 19.27
CA GLU C 388 -42.61 -24.55 20.67
C GLU C 388 -43.47 -23.29 20.71
N PRO C 389 -44.62 -23.28 21.44
CA PRO C 389 -45.54 -22.15 21.35
C PRO C 389 -44.90 -20.77 21.56
N VAL C 390 -44.02 -20.60 22.56
CA VAL C 390 -43.49 -19.24 22.89
C VAL C 390 -42.58 -18.78 21.74
N ILE C 391 -41.82 -19.70 21.17
CA ILE C 391 -40.90 -19.38 20.04
C ILE C 391 -41.74 -19.05 18.81
N ARG C 392 -42.77 -19.85 18.51
CA ARG C 392 -43.68 -19.63 17.37
C ARG C 392 -44.36 -18.25 17.52
N ALA C 393 -44.76 -17.88 18.74
CA ALA C 393 -45.41 -16.58 19.01
C ALA C 393 -44.39 -15.46 18.74
N GLY C 394 -43.11 -15.68 19.05
CA GLY C 394 -42.04 -14.74 18.69
C GLY C 394 -41.91 -14.61 17.19
N MET C 395 -41.90 -15.73 16.48
CA MET C 395 -41.77 -15.74 15.00
C MET C 395 -43.01 -15.06 14.41
N ASP C 396 -44.20 -15.27 15.01
CA ASP C 396 -45.45 -14.64 14.50
C ASP C 396 -45.34 -13.12 14.63
N LYS C 397 -44.80 -12.64 15.75
CA LYS C 397 -44.70 -11.21 16.05
C LYS C 397 -43.70 -10.58 15.07
N ILE C 398 -42.55 -11.24 14.84
CA ILE C 398 -41.56 -10.79 13.82
C ILE C 398 -42.28 -10.62 12.48
N LEU C 399 -43.03 -11.65 12.07
CA LEU C 399 -43.67 -11.70 10.73
C LEU C 399 -44.98 -10.91 10.68
N GLY C 400 -45.58 -10.60 11.84
CA GLY C 400 -46.99 -10.15 11.90
C GLY C 400 -47.87 -11.13 11.15
N TYR C 401 -47.70 -12.42 11.45
CA TYR C 401 -48.36 -13.55 10.76
C TYR C 401 -49.81 -13.64 11.24
N ASP C 402 -50.73 -13.85 10.30
CA ASP C 402 -52.15 -14.17 10.64
C ASP C 402 -52.39 -15.61 10.24
N ALA C 403 -52.54 -16.53 11.20
CA ALA C 403 -52.73 -17.98 10.94
C ALA C 403 -54.00 -18.19 10.11
N ALA C 404 -55.02 -17.33 10.28
CA ALA C 404 -56.31 -17.39 9.54
C ALA C 404 -56.05 -17.28 8.03
N THR C 405 -55.32 -16.24 7.61
CA THR C 405 -55.15 -15.86 6.18
C THR C 405 -53.83 -16.42 5.61
N MET C 406 -52.91 -16.86 6.47
CA MET C 406 -51.49 -17.16 6.12
C MET C 406 -50.82 -15.93 5.49
N LYS C 407 -51.18 -14.72 5.93
CA LYS C 407 -50.64 -13.43 5.43
C LYS C 407 -49.75 -12.82 6.51
N CYS C 408 -48.67 -12.17 6.10
CA CYS C 408 -47.80 -11.39 7.01
C CYS C 408 -48.14 -9.90 6.87
N LYS C 409 -47.89 -9.15 7.92
CA LYS C 409 -48.18 -7.70 8.02
C LYS C 409 -47.65 -6.96 6.79
N TYR C 410 -46.40 -7.22 6.41
CA TYR C 410 -45.77 -6.71 5.17
C TYR C 410 -45.51 -7.87 4.22
N GLU C 411 -46.24 -7.91 3.11
CA GLU C 411 -46.23 -9.06 2.18
C GLU C 411 -46.55 -8.54 0.79
N VAL C 412 -45.78 -8.97 -0.21
CA VAL C 412 -45.98 -8.67 -1.66
C VAL C 412 -45.84 -9.98 -2.41
N ASP C 413 -46.67 -10.17 -3.44
CA ASP C 413 -46.71 -11.40 -4.27
C ASP C 413 -46.01 -11.04 -5.57
N ILE C 414 -45.08 -11.89 -6.01
CA ILE C 414 -44.28 -11.70 -7.24
C ILE C 414 -45.24 -11.63 -8.45
N ARG C 415 -46.45 -12.18 -8.31
CA ARG C 415 -47.45 -12.25 -9.42
C ARG C 415 -48.14 -10.90 -9.59
N GLU C 416 -48.01 -9.95 -8.66
CA GLU C 416 -48.68 -8.62 -8.72
C GLU C 416 -47.82 -7.59 -9.47
N GLY C 417 -46.70 -8.01 -10.09
CA GLY C 417 -45.85 -7.20 -10.97
C GLY C 417 -44.96 -6.16 -10.27
N THR C 418 -44.11 -5.50 -11.06
CA THR C 418 -42.97 -4.69 -10.59
C THR C 418 -43.41 -3.51 -9.71
N PRO C 419 -44.42 -2.71 -10.08
CA PRO C 419 -44.77 -1.55 -9.24
C PRO C 419 -45.10 -1.91 -7.78
N ALA C 420 -45.80 -3.01 -7.55
CA ALA C 420 -46.16 -3.52 -6.21
C ALA C 420 -44.85 -3.82 -5.45
N LEU C 421 -43.91 -4.45 -6.13
CA LEU C 421 -42.60 -4.85 -5.53
C LEU C 421 -41.80 -3.59 -5.16
N LEU C 422 -41.66 -2.61 -6.07
CA LEU C 422 -40.92 -1.36 -5.78
C LEU C 422 -41.54 -0.66 -4.56
N LYS C 423 -42.87 -0.59 -4.44
CA LYS C 423 -43.43 0.04 -3.22
C LYS C 423 -43.06 -0.81 -1.98
N ALA C 424 -43.15 -2.14 -2.07
CA ALA C 424 -42.85 -3.04 -0.92
C ALA C 424 -41.39 -2.83 -0.48
N LEU C 425 -40.46 -2.74 -1.42
CA LEU C 425 -39.02 -2.55 -1.11
C LEU C 425 -38.78 -1.23 -0.40
N GLU C 426 -39.53 -0.17 -0.74
CA GLU C 426 -39.40 1.12 -0.06
C GLU C 426 -39.95 0.96 1.35
N GLU C 427 -41.01 0.16 1.49
CA GLU C 427 -41.71 -0.02 2.79
C GLU C 427 -40.86 -0.88 3.73
N VAL C 428 -39.80 -1.52 3.24
CA VAL C 428 -38.78 -2.19 4.11
C VAL C 428 -38.28 -1.20 5.19
N GLU C 429 -38.30 0.13 4.90
CA GLU C 429 -37.80 1.17 5.82
C GLU C 429 -38.92 1.68 6.74
N ASN C 430 -40.16 1.22 6.58
CA ASN C 430 -41.26 1.59 7.52
C ASN C 430 -40.86 1.22 8.95
N VAL C 431 -41.07 2.13 9.90
CA VAL C 431 -40.75 1.94 11.35
C VAL C 431 -41.27 0.56 11.82
N ASP C 432 -42.41 0.05 11.33
CA ASP C 432 -43.03 -1.20 11.84
C ASP C 432 -42.87 -2.36 10.86
N CYS C 433 -42.07 -2.20 9.79
CA CYS C 433 -41.72 -3.35 8.93
C CYS C 433 -40.53 -4.13 9.54
N VAL C 434 -40.77 -5.26 10.20
CA VAL C 434 -39.66 -6.07 10.79
C VAL C 434 -39.17 -6.99 9.68
N LYS C 435 -40.07 -7.53 8.87
CA LYS C 435 -39.74 -8.58 7.87
C LYS C 435 -40.77 -8.57 6.74
N LEU C 436 -40.36 -8.10 5.57
CA LEU C 436 -41.16 -8.18 4.34
C LEU C 436 -41.10 -9.60 3.79
N VAL C 437 -42.25 -10.16 3.41
CA VAL C 437 -42.30 -11.52 2.79
C VAL C 437 -42.68 -11.37 1.32
N ILE C 438 -41.96 -12.09 0.46
CA ILE C 438 -42.24 -12.15 -1.00
C ILE C 438 -42.85 -13.52 -1.28
N LYS C 439 -44.18 -13.52 -1.40
CA LYS C 439 -44.91 -14.75 -1.75
C LYS C 439 -44.61 -15.06 -3.22
N LEU C 440 -44.34 -16.31 -3.55
CA LEU C 440 -43.85 -16.73 -4.87
C LEU C 440 -44.80 -17.74 -5.54
N ASN C 441 -45.49 -18.54 -4.74
CA ASN C 441 -46.44 -19.56 -5.23
C ASN C 441 -47.55 -19.72 -4.19
N ASP C 442 -48.66 -20.36 -4.55
CA ASP C 442 -49.74 -20.68 -3.57
C ASP C 442 -49.19 -21.71 -2.57
N TYR C 443 -49.59 -21.62 -1.30
CA TYR C 443 -49.04 -22.44 -0.18
C TYR C 443 -49.71 -23.81 -0.08
N ALA D 30 20.81 -0.04 49.28
CA ALA D 30 20.02 -1.28 49.48
C ALA D 30 19.39 -1.31 50.89
N LYS D 31 19.79 -0.39 51.79
CA LYS D 31 19.36 -0.39 53.22
C LYS D 31 18.51 0.85 53.51
N PRO D 32 17.36 0.71 54.21
CA PRO D 32 16.44 1.82 54.43
C PRO D 32 16.96 2.81 55.49
N ASP D 33 16.46 4.05 55.46
CA ASP D 33 16.77 5.08 56.49
C ASP D 33 15.87 4.80 57.71
N LYS D 34 15.95 5.66 58.74
CA LYS D 34 15.21 5.51 60.02
C LYS D 34 13.69 5.50 59.73
N ASN D 35 13.24 6.17 58.67
CA ASN D 35 11.81 6.24 58.23
C ASN D 35 11.48 5.13 57.21
N GLY D 36 12.24 4.02 57.20
CA GLY D 36 12.08 2.88 56.28
C GLY D 36 12.27 3.25 54.82
N VAL D 37 12.74 4.47 54.51
CA VAL D 37 12.84 4.98 53.11
C VAL D 37 14.18 4.52 52.54
N ILE D 38 14.13 3.87 51.36
CA ILE D 38 15.32 3.45 50.57
C ILE D 38 15.65 4.52 49.55
N THR D 39 16.93 4.83 49.39
CA THR D 39 17.45 5.68 48.30
C THR D 39 18.17 4.75 47.33
N CYS D 40 17.85 4.86 46.05
CA CYS D 40 18.42 3.91 45.06
C CYS D 40 18.35 4.51 43.66
N LYS D 41 19.00 3.82 42.72
CA LYS D 41 19.02 4.22 41.29
C LYS D 41 17.73 3.73 40.62
N ALA D 42 17.20 4.53 39.70
CA ALA D 42 16.00 4.20 38.91
C ALA D 42 16.09 5.00 37.62
N ILE D 43 15.47 4.48 36.56
CA ILE D 43 15.45 5.17 35.24
C ILE D 43 14.20 6.03 35.17
N MET D 44 14.36 7.34 35.28
CA MET D 44 13.27 8.34 35.16
C MET D 44 13.08 8.69 33.69
N LEU D 45 11.82 8.75 33.27
CA LEU D 45 11.31 9.38 32.03
C LEU D 45 10.74 10.73 32.45
N LYS D 46 11.37 11.83 32.02
CA LYS D 46 11.01 13.22 32.41
C LYS D 46 9.68 13.60 31.76
N GLU D 47 9.54 13.30 30.47
CA GLU D 47 8.33 13.57 29.67
C GLU D 47 8.30 12.57 28.51
N ALA D 48 7.18 12.54 27.79
CA ALA D 48 6.97 11.70 26.59
C ALA D 48 8.07 12.03 25.58
N LYS D 49 8.65 11.01 24.96
CA LYS D 49 9.69 11.17 23.91
C LYS D 49 8.97 11.32 22.57
N LEU D 50 8.66 12.56 22.19
CA LEU D 50 7.92 12.90 20.94
C LEU D 50 8.83 12.62 19.75
N PRO D 51 8.30 12.51 18.50
CA PRO D 51 9.16 12.30 17.33
C PRO D 51 10.19 13.43 17.17
N GLY D 52 11.45 13.07 16.87
CA GLY D 52 12.56 14.02 16.69
C GLY D 52 13.30 14.29 18.01
N MET D 53 12.73 13.87 19.14
CA MET D 53 13.41 13.90 20.44
C MET D 53 14.35 12.69 20.56
N SER D 54 15.46 12.86 21.29
CA SER D 54 16.43 11.79 21.61
C SER D 54 16.07 11.16 22.94
N TYR D 55 16.64 9.99 23.22
CA TYR D 55 16.57 9.35 24.56
C TYR D 55 17.19 10.32 25.59
N ALA D 56 18.26 11.02 25.21
CA ALA D 56 18.99 11.97 26.09
C ALA D 56 18.02 13.04 26.61
N ASP D 57 17.08 13.46 25.75
CA ASP D 57 16.04 14.48 26.07
C ASP D 57 15.15 14.02 27.24
N THR D 58 14.84 12.72 27.40
CA THR D 58 13.78 12.31 28.38
C THR D 58 14.24 11.24 29.38
N VAL D 59 15.32 10.49 29.11
CA VAL D 59 15.74 9.32 29.95
C VAL D 59 16.96 9.69 30.81
N GLN D 60 16.86 9.52 32.12
CA GLN D 60 18.02 9.73 33.01
C GLN D 60 17.99 8.76 34.19
N ILE D 61 19.16 8.23 34.55
CA ILE D 61 19.31 7.49 35.83
C ILE D 61 19.50 8.51 36.96
N ILE D 62 18.70 8.42 38.02
CA ILE D 62 18.73 9.37 39.16
C ILE D 62 18.61 8.55 40.44
N ASP D 63 18.91 9.19 41.57
CA ASP D 63 18.55 8.67 42.91
C ASP D 63 17.09 9.00 43.16
N ILE D 64 16.31 8.03 43.59
CA ILE D 64 14.88 8.20 43.97
C ILE D 64 14.78 7.75 45.42
N GLN D 65 13.70 8.19 46.06
CA GLN D 65 13.29 7.66 47.38
C GLN D 65 12.16 6.65 47.15
N VAL D 66 12.26 5.49 47.77
CA VAL D 66 11.22 4.45 47.75
C VAL D 66 10.66 4.30 49.18
N ASP D 67 9.37 4.67 49.36
CA ASP D 67 8.69 4.63 50.67
C ASP D 67 8.53 3.18 51.08
N PRO D 68 8.31 2.91 52.40
CA PRO D 68 8.13 1.56 52.88
C PRO D 68 6.79 1.08 52.32
N PRO D 69 6.61 -0.24 52.22
CA PRO D 69 5.35 -0.78 51.72
C PRO D 69 4.21 -0.60 52.74
N GLN D 70 3.01 -0.27 52.27
CA GLN D 70 1.79 -0.19 53.13
C GLN D 70 0.87 -1.37 52.81
N ASN D 71 -0.18 -1.54 53.60
CA ASN D 71 -1.27 -2.53 53.38
C ASN D 71 -0.68 -3.86 52.92
N VAL D 72 -0.93 -4.28 51.68
CA VAL D 72 -0.54 -5.64 51.21
C VAL D 72 0.56 -5.49 50.14
N GLU D 73 1.33 -4.40 50.21
CA GLU D 73 2.40 -4.11 49.22
C GLU D 73 3.67 -4.86 49.56
N LEU D 74 4.40 -5.23 48.50
CA LEU D 74 5.78 -5.79 48.58
C LEU D 74 6.76 -4.70 48.18
N ARG D 75 7.82 -4.48 48.95
CA ARG D 75 8.96 -3.70 48.45
C ARG D 75 10.01 -4.72 48.02
N VAL D 76 10.51 -4.56 46.79
CA VAL D 76 11.21 -5.67 46.08
C VAL D 76 12.56 -5.14 45.61
N LYS D 77 13.62 -5.86 46.01
CA LYS D 77 15.00 -5.65 45.50
C LYS D 77 15.08 -6.26 44.10
N MET D 78 15.11 -5.43 43.09
CA MET D 78 15.05 -5.88 41.68
C MET D 78 16.43 -6.43 41.27
N LEU D 79 16.44 -7.66 40.75
CA LEU D 79 17.65 -8.32 40.19
C LEU D 79 17.92 -7.76 38.80
N CYS D 80 16.99 -7.91 37.86
CA CYS D 80 17.12 -7.23 36.55
C CYS D 80 15.74 -6.92 35.98
N ALA D 81 15.71 -5.96 35.08
CA ALA D 81 14.56 -5.70 34.19
C ALA D 81 14.99 -6.18 32.80
N SER D 82 14.05 -6.47 31.91
CA SER D 82 14.43 -6.72 30.50
C SER D 82 13.49 -5.91 29.63
N VAL D 83 13.95 -5.51 28.44
CA VAL D 83 13.27 -4.45 27.66
C VAL D 83 12.27 -5.16 26.74
N CYS D 84 11.01 -4.90 27.03
CA CYS D 84 9.86 -5.22 26.17
C CYS D 84 9.67 -4.06 25.20
N ARG D 85 9.24 -4.31 23.97
CA ARG D 85 8.93 -3.23 23.02
C ARG D 85 7.96 -2.25 23.69
N THR D 86 7.04 -2.71 24.54
CA THR D 86 6.08 -1.81 25.20
C THR D 86 6.83 -0.81 26.11
N ASP D 87 7.98 -1.19 26.66
CA ASP D 87 8.84 -0.25 27.43
C ASP D 87 9.30 0.90 26.52
N ILE D 88 9.61 0.63 25.26
CA ILE D 88 10.01 1.68 24.30
C ILE D 88 8.76 2.53 24.02
N LEU D 89 7.64 1.88 23.71
CA LEU D 89 6.36 2.61 23.50
C LEU D 89 6.12 3.57 24.67
N THR D 90 6.36 3.13 25.92
CA THR D 90 6.15 3.94 27.17
C THR D 90 7.06 5.19 27.15
N ILE D 91 8.33 5.04 26.77
CA ILE D 91 9.25 6.20 26.59
C ILE D 91 8.62 7.20 25.61
N GLU D 92 7.97 6.70 24.56
CA GLU D 92 7.31 7.55 23.53
C GLU D 92 5.88 7.95 23.93
N GLY D 93 5.44 7.63 25.15
CA GLY D 93 4.22 8.20 25.76
C GLY D 93 3.05 7.25 25.76
N PHE D 94 3.21 6.04 25.23
CA PHE D 94 2.14 5.01 25.15
C PHE D 94 1.43 4.85 26.50
N MET D 95 0.11 5.08 26.50
CA MET D 95 -0.83 4.89 27.65
C MET D 95 -0.46 5.84 28.81
N ALA D 96 0.28 6.91 28.54
CA ALA D 96 0.75 7.81 29.61
C ALA D 96 0.53 9.25 29.16
N PRO D 97 -0.74 9.67 28.96
CA PRO D 97 -1.05 11.02 28.50
C PRO D 97 -0.54 12.09 29.48
N THR D 98 -0.69 11.83 30.78
CA THR D 98 -0.31 12.76 31.88
C THR D 98 0.69 12.13 32.87
N GLN D 99 1.07 10.87 32.71
CA GLN D 99 1.68 10.10 33.83
C GLN D 99 3.22 10.23 33.74
N PHE D 100 3.70 11.47 33.71
CA PHE D 100 5.13 11.90 33.70
C PHE D 100 5.32 12.95 34.78
N PRO D 101 6.49 12.98 35.46
CA PRO D 101 7.57 12.05 35.17
C PRO D 101 7.34 10.68 35.85
N LYS D 102 7.89 9.61 35.26
CA LYS D 102 7.64 8.22 35.72
C LYS D 102 8.98 7.46 35.80
N ILE D 103 8.98 6.37 36.56
CA ILE D 103 9.96 5.26 36.42
C ILE D 103 9.36 4.26 35.42
N ASN D 104 10.11 3.96 34.37
CA ASN D 104 9.68 3.05 33.27
C ASN D 104 9.74 1.61 33.75
N GLY D 105 9.07 0.71 33.02
CA GLY D 105 9.34 -0.74 33.09
C GLY D 105 8.23 -1.57 33.67
N HIS D 106 7.87 -2.70 33.03
CA HIS D 106 6.90 -3.69 33.57
C HIS D 106 7.45 -5.11 33.53
N GLU D 107 8.57 -5.33 32.84
CA GLU D 107 9.20 -6.66 32.72
C GLU D 107 10.44 -6.67 33.64
N GLY D 108 10.47 -7.58 34.60
CA GLY D 108 11.54 -7.66 35.60
C GLY D 108 11.28 -8.71 36.67
N VAL D 109 12.27 -8.92 37.51
CA VAL D 109 12.18 -9.90 38.63
C VAL D 109 13.00 -9.36 39.81
N GLY D 110 12.56 -9.64 41.03
CA GLY D 110 13.20 -9.19 42.27
C GLY D 110 12.92 -10.07 43.47
N ILE D 111 13.53 -9.69 44.59
CA ILE D 111 13.47 -10.41 45.90
C ILE D 111 12.74 -9.49 46.87
N ILE D 112 11.72 -10.00 47.55
CA ILE D 112 10.98 -9.17 48.54
C ILE D 112 11.96 -8.74 49.63
N GLU D 113 12.08 -7.43 49.81
CA GLU D 113 12.91 -6.82 50.87
C GLU D 113 12.03 -6.64 52.12
N SER D 114 10.75 -6.33 51.96
CA SER D 114 9.83 -6.04 53.09
C SER D 114 8.38 -6.05 52.56
N MET D 115 7.40 -6.08 53.46
CA MET D 115 5.97 -6.21 53.12
C MET D 115 5.15 -5.28 54.02
N GLY D 116 4.03 -4.77 53.51
CA GLY D 116 3.02 -4.08 54.32
C GLY D 116 2.49 -4.99 55.43
N PRO D 117 1.86 -4.40 56.47
CA PRO D 117 1.45 -5.17 57.65
C PRO D 117 0.32 -6.17 57.33
N ASP D 118 -0.48 -5.92 56.30
CA ASP D 118 -1.65 -6.77 55.96
C ASP D 118 -1.24 -7.94 55.05
N THR D 119 -0.06 -7.85 54.42
CA THR D 119 0.37 -8.84 53.40
C THR D 119 0.25 -10.26 53.93
N LYS D 120 -0.23 -11.19 53.09
CA LYS D 120 -0.30 -12.65 53.39
C LYS D 120 0.33 -13.44 52.24
N ASN D 121 0.85 -14.62 52.56
CA ASN D 121 1.27 -15.70 51.62
C ASN D 121 2.57 -15.32 50.90
N PHE D 122 3.35 -14.39 51.45
CA PHE D 122 4.70 -14.06 50.96
C PHE D 122 5.66 -13.94 52.15
N LYS D 123 6.95 -14.21 51.93
CA LYS D 123 8.03 -14.04 52.94
C LYS D 123 9.09 -13.10 52.38
N VAL D 124 9.80 -12.39 53.25
CA VAL D 124 11.03 -11.67 52.83
C VAL D 124 11.98 -12.71 52.23
N GLY D 125 12.64 -12.37 51.12
CA GLY D 125 13.54 -13.27 50.37
C GLY D 125 12.83 -14.10 49.30
N ASP D 126 11.50 -14.10 49.26
CA ASP D 126 10.77 -14.70 48.10
C ASP D 126 11.21 -13.97 46.84
N VAL D 127 11.40 -14.72 45.75
CA VAL D 127 11.68 -14.18 44.38
C VAL D 127 10.34 -14.07 43.66
N ILE D 128 10.01 -12.87 43.17
CA ILE D 128 8.69 -12.62 42.55
C ILE D 128 8.81 -11.93 41.21
N VAL D 129 7.80 -12.15 40.38
CA VAL D 129 7.43 -11.25 39.26
C VAL D 129 6.02 -10.75 39.55
N ALA D 130 5.62 -9.67 38.87
CA ALA D 130 4.34 -8.99 39.12
C ALA D 130 3.89 -8.36 37.82
N PRO D 131 3.17 -9.12 36.98
CA PRO D 131 2.69 -8.59 35.72
C PRO D 131 1.45 -7.71 35.90
N THR D 132 0.83 -7.36 34.80
CA THR D 132 -0.19 -6.28 34.72
C THR D 132 -1.50 -6.72 35.40
N LEU D 133 -1.81 -8.01 35.41
CA LEU D 133 -3.12 -8.56 35.85
C LEU D 133 -2.95 -9.56 36.97
N GLY D 134 -3.69 -9.33 38.06
CA GLY D 134 -3.82 -10.30 39.14
C GLY D 134 -4.89 -11.33 38.83
N GLU D 135 -5.16 -12.23 39.78
CA GLU D 135 -6.15 -13.32 39.66
C GLU D 135 -6.88 -13.46 41.01
N CYS D 136 -7.98 -12.72 41.19
CA CYS D 136 -8.72 -12.66 42.50
C CYS D 136 -9.38 -14.02 42.75
N GLN D 137 -9.67 -14.76 41.68
CA GLN D 137 -10.21 -16.15 41.71
C GLN D 137 -11.70 -16.17 42.11
N THR D 138 -12.39 -15.04 42.21
CA THR D 138 -13.83 -15.00 42.63
C THR D 138 -14.72 -14.17 41.69
N CYS D 139 -14.19 -13.31 40.82
CA CYS D 139 -14.99 -12.55 39.82
C CYS D 139 -15.40 -13.53 38.72
N SER D 140 -16.41 -13.19 37.89
CA SER D 140 -16.94 -14.18 36.91
C SER D 140 -15.87 -14.44 35.84
N SER D 141 -14.95 -13.49 35.64
CA SER D 141 -13.85 -13.64 34.65
C SER D 141 -12.87 -14.70 35.16
N CYS D 142 -12.34 -14.56 36.39
CA CYS D 142 -11.48 -15.61 37.00
C CYS D 142 -12.24 -16.94 37.05
N ARG D 143 -13.51 -16.95 37.48
CA ARG D 143 -14.27 -18.20 37.68
C ARG D 143 -14.61 -18.85 36.33
N SER D 144 -14.60 -18.08 35.22
CA SER D 144 -14.87 -18.61 33.86
C SER D 144 -13.82 -19.67 33.47
N GLY D 145 -12.58 -19.53 33.94
CA GLY D 145 -11.50 -20.51 33.68
C GLY D 145 -10.87 -20.30 32.31
N ARG D 146 -11.29 -19.28 31.57
CA ARG D 146 -10.83 -19.13 30.16
C ARG D 146 -10.25 -17.72 29.91
N THR D 147 -9.91 -16.96 30.95
CA THR D 147 -9.34 -15.61 30.75
C THR D 147 -8.56 -15.16 31.99
N ASN D 148 -7.59 -14.27 31.75
CA ASN D 148 -6.77 -13.71 32.85
C ASN D 148 -7.21 -12.27 33.09
N PHE D 149 -8.27 -11.80 32.43
CA PHE D 149 -8.69 -10.38 32.59
C PHE D 149 -9.53 -10.24 33.87
N CYS D 150 -8.85 -10.30 35.00
CA CYS D 150 -9.49 -10.21 36.33
C CYS D 150 -10.23 -8.87 36.44
N GLN D 151 -11.46 -8.91 36.97
CA GLN D 151 -12.30 -7.68 37.13
C GLN D 151 -11.82 -6.90 38.36
N ASN D 152 -11.19 -7.56 39.32
CA ASN D 152 -10.74 -6.92 40.60
C ASN D 152 -9.28 -6.44 40.52
N TYR D 153 -8.37 -7.22 39.92
CA TYR D 153 -6.93 -6.85 39.80
C TYR D 153 -6.56 -6.68 38.32
N GLY D 154 -7.15 -5.66 37.72
CA GLY D 154 -6.93 -5.31 36.30
C GLY D 154 -5.74 -4.38 36.17
N ALA D 155 -5.52 -3.88 34.97
CA ALA D 155 -4.40 -2.96 34.65
C ALA D 155 -4.55 -1.65 35.43
N ASN D 156 -3.52 -1.28 36.18
CA ASN D 156 -3.48 -0.02 36.97
C ASN D 156 -3.09 1.14 36.06
N GLU D 157 -4.03 1.62 35.24
CA GLU D 157 -3.78 2.66 34.20
C GLU D 157 -3.49 4.03 34.84
N SER D 158 -3.85 4.26 36.11
CA SER D 158 -3.56 5.53 36.83
C SER D 158 -2.04 5.72 36.98
N ALA D 159 -1.30 4.61 37.12
CA ALA D 159 0.15 4.63 37.39
C ALA D 159 0.40 5.25 38.78
N LEU D 160 -0.58 5.14 39.69
CA LEU D 160 -0.50 5.59 41.10
C LEU D 160 -1.09 4.51 41.99
N GLU D 161 -0.82 4.58 43.30
CA GLU D 161 -1.61 3.86 44.34
C GLU D 161 -3.07 4.28 44.19
N PRO D 162 -4.03 3.42 44.55
CA PRO D 162 -5.46 3.79 44.48
C PRO D 162 -5.84 5.06 45.26
N ASP D 163 -5.01 5.56 46.18
CA ASP D 163 -5.29 6.82 46.92
C ASP D 163 -4.74 8.03 46.16
N GLY D 164 -4.08 7.81 45.01
CA GLY D 164 -3.42 8.87 44.24
C GLY D 164 -2.03 9.20 44.78
N THR D 165 -1.49 8.42 45.72
CA THR D 165 -0.08 8.60 46.18
C THR D 165 0.84 7.81 45.24
N SER D 166 2.15 7.95 45.42
CA SER D 166 3.19 7.09 44.80
C SER D 166 4.24 6.76 45.87
N ARG D 167 4.74 5.53 45.88
CA ARG D 167 5.82 5.11 46.79
C ARG D 167 7.15 5.72 46.33
N PHE D 168 7.20 6.35 45.15
CA PHE D 168 8.42 6.95 44.54
C PHE D 168 8.36 8.48 44.56
N SER D 169 9.48 9.10 44.94
CA SER D 169 9.73 10.56 44.81
C SER D 169 11.22 10.80 44.54
N TYR D 170 11.54 11.98 44.06
CA TYR D 170 12.95 12.43 43.94
C TYR D 170 13.03 13.89 44.39
N ILE D 171 14.21 14.28 44.84
CA ILE D 171 14.56 15.70 45.15
C ILE D 171 14.93 16.35 43.82
N ASP D 172 14.14 17.33 43.37
CA ASP D 172 14.37 18.09 42.12
C ASP D 172 15.70 18.85 42.25
N SER D 173 16.24 19.34 41.13
CA SER D 173 17.41 20.26 41.07
C SER D 173 17.19 21.44 42.02
N ASP D 174 15.93 21.76 42.33
CA ASP D 174 15.52 22.94 43.12
C ASP D 174 15.38 22.58 44.61
N GLY D 175 15.61 21.33 45.01
CA GLY D 175 15.54 20.87 46.42
C GLY D 175 14.15 20.47 46.85
N LYS D 176 13.17 20.51 45.95
CA LYS D 176 11.74 20.19 46.23
C LYS D 176 11.48 18.71 45.92
N LYS D 177 10.79 18.01 46.84
CA LYS D 177 10.41 16.57 46.72
C LYS D 177 9.28 16.42 45.71
N LYS D 178 9.53 15.72 44.59
CA LYS D 178 8.54 15.57 43.48
C LYS D 178 8.10 14.11 43.38
N LEU D 179 6.81 13.91 43.11
CA LEU D 179 6.20 12.57 42.86
C LEU D 179 6.74 11.97 41.57
N LEU D 180 6.94 10.65 41.56
CA LEU D 180 7.14 9.87 40.31
C LEU D 180 5.99 8.89 40.13
N TYR D 181 5.41 8.89 38.93
CA TYR D 181 4.45 7.86 38.49
C TYR D 181 5.15 6.52 38.28
N TYR D 182 4.35 5.47 38.45
CA TYR D 182 4.66 4.08 38.05
C TYR D 182 4.59 3.97 36.52
N LYS D 183 4.87 2.77 36.00
CA LYS D 183 4.44 2.38 34.63
C LYS D 183 2.92 2.08 34.68
N LEU D 184 2.53 1.00 35.35
CA LEU D 184 1.10 0.71 35.68
C LEU D 184 0.96 0.55 37.19
N GLY D 185 1.01 -0.67 37.72
CA GLY D 185 0.94 -0.92 39.17
C GLY D 185 2.27 -0.76 39.88
N CYS D 186 3.35 -0.58 39.12
CA CYS D 186 4.75 -0.69 39.61
C CYS D 186 5.68 -0.21 38.48
N SER D 187 6.97 -0.13 38.76
CA SER D 187 8.01 0.17 37.75
C SER D 187 9.16 -0.81 38.02
N THR D 188 9.68 -1.45 36.97
CA THR D 188 10.78 -2.45 37.09
C THR D 188 12.16 -1.83 36.85
N TRP D 189 12.28 -0.64 36.24
CA TRP D 189 13.59 0.03 35.90
C TRP D 189 14.10 0.81 37.11
N THR D 190 14.31 0.11 38.22
CA THR D 190 14.69 0.68 39.53
C THR D 190 15.31 -0.42 40.37
N GLN D 191 16.25 -0.11 41.25
CA GLN D 191 16.83 -1.14 42.14
C GLN D 191 15.79 -1.64 43.15
N TYR D 192 14.81 -0.81 43.50
CA TYR D 192 13.71 -1.20 44.41
C TYR D 192 12.37 -0.72 43.87
N MET D 193 11.38 -1.60 43.87
CA MET D 193 10.03 -1.25 43.40
C MET D 193 9.05 -1.63 44.51
N VAL D 194 7.86 -1.04 44.44
CA VAL D 194 6.74 -1.49 45.31
C VAL D 194 5.59 -1.92 44.39
N VAL D 195 4.99 -3.03 44.75
CA VAL D 195 3.83 -3.58 44.01
C VAL D 195 2.83 -4.15 45.01
N ASP D 196 1.55 -4.00 44.71
CA ASP D 196 0.43 -4.68 45.40
C ASP D 196 0.67 -6.19 45.31
N SER D 197 0.76 -6.91 46.43
CA SER D 197 1.03 -8.37 46.46
C SER D 197 -0.03 -9.18 45.68
N ASN D 198 -1.19 -8.58 45.37
CA ASN D 198 -2.26 -9.27 44.58
C ASN D 198 -1.83 -9.45 43.12
N TYR D 199 -0.72 -8.84 42.71
CA TYR D 199 -0.22 -8.95 41.34
C TYR D 199 1.05 -9.79 41.27
N ALA D 200 1.58 -10.26 42.40
CA ALA D 200 2.87 -10.97 42.50
C ALA D 200 2.62 -12.46 42.46
N THR D 201 3.61 -13.20 41.95
CA THR D 201 3.68 -14.67 42.00
C THR D 201 5.15 -15.09 42.17
N LYS D 202 5.39 -16.16 42.92
CA LYS D 202 6.73 -16.55 43.43
C LYS D 202 7.44 -17.49 42.47
N LEU D 203 8.76 -17.32 42.29
CA LEU D 203 9.61 -18.23 41.47
C LEU D 203 10.42 -19.21 42.35
N ASN D 204 10.75 -18.85 43.60
CA ASN D 204 11.84 -19.51 44.38
C ASN D 204 11.42 -20.91 44.87
N GLU D 205 10.13 -21.18 45.06
CA GLU D 205 9.68 -22.49 45.60
C GLU D 205 9.73 -23.55 44.50
N ILE D 206 9.39 -23.17 43.26
CA ILE D 206 9.34 -24.13 42.12
C ILE D 206 10.70 -24.13 41.41
N ALA D 207 11.28 -22.95 41.22
CA ALA D 207 12.46 -22.73 40.35
C ALA D 207 13.51 -21.90 41.08
N PRO D 208 14.01 -22.36 42.24
CA PRO D 208 15.01 -21.60 42.98
C PRO D 208 16.28 -21.36 42.16
N GLU D 209 16.59 -22.19 41.16
CA GLU D 209 17.88 -22.10 40.42
C GLU D 209 17.70 -21.32 39.11
N LEU D 210 16.50 -20.82 38.84
CA LEU D 210 16.25 -20.05 37.60
C LEU D 210 17.02 -18.75 37.64
N PRO D 211 17.89 -18.47 36.64
CA PRO D 211 18.62 -17.21 36.60
C PRO D 211 17.70 -16.02 36.50
N PRO D 212 18.12 -14.82 36.97
CA PRO D 212 17.29 -13.63 36.88
C PRO D 212 16.74 -13.29 35.49
N PRO D 213 17.55 -13.22 34.42
CA PRO D 213 17.02 -12.73 33.15
C PRO D 213 15.88 -13.65 32.64
N HIS D 214 15.97 -14.94 32.94
CA HIS D 214 14.89 -15.92 32.62
C HIS D 214 13.62 -15.51 33.40
N GLY D 215 13.75 -15.17 34.68
CA GLY D 215 12.61 -14.76 35.52
C GLY D 215 12.00 -13.51 34.94
N SER D 216 12.85 -12.60 34.48
CA SER D 216 12.46 -11.30 33.91
C SER D 216 11.59 -11.56 32.66
N ILE D 217 12.05 -12.39 31.72
CA ILE D 217 11.19 -12.59 30.50
C ILE D 217 9.94 -13.39 30.85
N LEU D 218 9.96 -14.26 31.87
CA LEU D 218 8.72 -14.94 32.33
C LEU D 218 7.69 -13.91 32.79
N SER D 219 8.12 -12.70 33.21
CA SER D 219 7.19 -11.69 33.76
C SER D 219 6.40 -11.01 32.61
N CYS D 220 6.88 -11.02 31.36
CA CYS D 220 6.08 -10.48 30.22
C CYS D 220 6.33 -11.23 28.89
N ALA D 221 7.46 -10.99 28.23
CA ALA D 221 7.67 -11.44 26.83
C ALA D 221 7.42 -12.95 26.68
N PHE D 222 8.07 -13.76 27.49
CA PHE D 222 8.01 -15.23 27.32
C PHE D 222 6.63 -15.74 27.67
N ALA D 223 6.06 -15.30 28.80
CA ALA D 223 4.70 -15.73 29.19
C ALA D 223 3.75 -15.38 28.04
N THR D 224 3.92 -14.19 27.45
CA THR D 224 3.01 -13.65 26.40
C THR D 224 3.04 -14.57 25.18
N GLY D 225 4.23 -14.85 24.64
CA GLY D 225 4.30 -15.64 23.39
C GLY D 225 4.00 -17.09 23.67
N TYR D 226 4.47 -17.60 24.79
CA TYR D 226 4.25 -19.01 25.15
C TYR D 226 2.77 -19.20 25.43
N GLY D 227 2.19 -18.36 26.30
CA GLY D 227 0.78 -18.55 26.67
C GLY D 227 -0.17 -18.30 25.50
N ALA D 228 0.18 -17.41 24.58
CA ALA D 228 -0.68 -17.09 23.42
C ALA D 228 -0.92 -18.38 22.63
N VAL D 229 0.13 -19.19 22.49
CA VAL D 229 0.04 -20.49 21.77
C VAL D 229 -0.59 -21.55 22.66
N TRP D 230 -0.09 -21.68 23.89
CA TRP D 230 -0.44 -22.82 24.78
C TRP D 230 -1.87 -22.69 25.30
N LEU D 231 -2.23 -21.52 25.81
CA LEU D 231 -3.52 -21.29 26.51
C LEU D 231 -4.54 -20.66 25.57
N ASP D 232 -4.19 -19.60 24.83
CA ASP D 232 -5.21 -18.75 24.17
C ASP D 232 -5.62 -19.39 22.84
N ALA D 233 -4.67 -19.66 21.95
CA ALA D 233 -4.93 -20.40 20.69
C ALA D 233 -5.16 -21.89 20.98
N ALA D 234 -4.73 -22.36 22.13
CA ALA D 234 -4.89 -23.76 22.56
C ALA D 234 -4.34 -24.69 21.47
N VAL D 235 -3.13 -24.44 21.00
CA VAL D 235 -2.51 -25.27 19.95
C VAL D 235 -2.39 -26.71 20.44
N GLN D 236 -2.76 -27.66 19.59
CA GLN D 236 -2.76 -29.13 19.82
C GLN D 236 -1.70 -29.77 18.92
N GLU D 237 -1.21 -30.97 19.30
CA GLU D 237 -0.35 -31.79 18.44
C GLU D 237 -1.00 -31.87 17.04
N GLY D 238 -0.26 -31.55 15.99
CA GLY D 238 -0.72 -31.65 14.60
C GLY D 238 -1.30 -30.35 14.07
N ASP D 239 -1.45 -29.31 14.89
CA ASP D 239 -1.97 -28.01 14.43
C ASP D 239 -0.91 -27.29 13.59
N SER D 240 -1.34 -26.52 12.61
CA SER D 240 -0.51 -25.48 11.97
C SER D 240 -0.62 -24.18 12.76
N VAL D 241 0.48 -23.43 12.76
CA VAL D 241 0.59 -22.14 13.50
C VAL D 241 1.25 -21.12 12.59
N ALA D 242 0.74 -19.89 12.59
CA ALA D 242 1.45 -18.76 11.99
C ALA D 242 1.72 -17.75 13.06
N ILE D 243 2.95 -17.25 13.08
CA ILE D 243 3.41 -16.22 14.03
C ILE D 243 3.93 -15.01 13.26
N PHE D 244 3.27 -13.88 13.46
CA PHE D 244 3.58 -12.59 12.81
C PHE D 244 4.40 -11.72 13.77
N GLY D 245 5.72 -11.67 13.53
CA GLY D 245 6.68 -10.94 14.38
C GLY D 245 7.42 -11.91 15.29
N VAL D 246 8.71 -12.11 15.03
CA VAL D 246 9.56 -13.02 15.87
C VAL D 246 10.61 -12.19 16.60
N GLY D 247 10.11 -11.20 17.34
CA GLY D 247 10.77 -10.63 18.52
C GLY D 247 10.77 -11.64 19.65
N SER D 248 11.08 -11.19 20.86
CA SER D 248 11.16 -12.11 22.01
C SER D 248 9.80 -12.79 22.21
N VAL D 249 8.71 -12.07 22.02
CA VAL D 249 7.34 -12.66 22.17
C VAL D 249 7.13 -13.75 21.12
N GLY D 250 7.34 -13.42 19.85
CA GLY D 250 7.14 -14.34 18.72
C GLY D 250 8.01 -15.59 18.84
N ILE D 251 9.26 -15.44 19.27
CA ILE D 251 10.15 -16.64 19.43
C ILE D 251 9.65 -17.51 20.59
N SER D 252 9.13 -16.89 21.65
CA SER D 252 8.48 -17.65 22.74
C SER D 252 7.32 -18.50 22.20
N ALA D 253 6.55 -17.95 21.26
CA ALA D 253 5.41 -18.60 20.60
C ALA D 253 5.92 -19.80 19.80
N VAL D 254 7.06 -19.65 19.13
CA VAL D 254 7.70 -20.77 18.39
C VAL D 254 8.06 -21.90 19.37
N ILE D 255 8.71 -21.53 20.47
CA ILE D 255 9.11 -22.53 21.50
C ILE D 255 7.85 -23.29 21.95
N ALA D 256 6.75 -22.58 22.23
CA ALA D 256 5.50 -23.22 22.69
C ALA D 256 4.98 -24.14 21.59
N ALA D 257 4.96 -23.65 20.34
CA ALA D 257 4.38 -24.43 19.21
C ALA D 257 5.17 -25.73 19.02
N LYS D 258 6.49 -25.66 19.12
CA LYS D 258 7.37 -26.86 19.02
C LYS D 258 7.09 -27.80 20.19
N GLU D 259 7.04 -27.30 21.43
CA GLU D 259 6.76 -28.11 22.64
C GLU D 259 5.44 -28.85 22.45
N LEU D 260 4.43 -28.22 21.86
CA LEU D 260 3.06 -28.79 21.73
C LEU D 260 2.94 -29.65 20.45
N LYS D 261 4.04 -29.77 19.69
CA LYS D 261 4.14 -30.66 18.51
C LYS D 261 3.21 -30.18 17.39
N ALA D 262 3.21 -28.88 17.13
CA ALA D 262 2.60 -28.32 15.91
C ALA D 262 3.25 -29.01 14.70
N LYS D 263 2.46 -29.33 13.66
CA LYS D 263 2.97 -29.96 12.41
C LYS D 263 3.70 -28.89 11.58
N GLN D 264 3.33 -27.63 11.73
CA GLN D 264 3.82 -26.55 10.85
C GLN D 264 3.85 -25.27 11.66
N ILE D 265 4.97 -24.59 11.65
CA ILE D 265 5.17 -23.33 12.41
C ILE D 265 5.70 -22.29 11.43
N ILE D 266 4.82 -21.38 11.01
CA ILE D 266 5.17 -20.37 9.98
C ILE D 266 5.51 -19.06 10.66
N VAL D 267 6.64 -18.47 10.34
CA VAL D 267 7.07 -17.21 10.98
C VAL D 267 7.21 -16.14 9.91
N VAL D 268 6.76 -14.94 10.24
CA VAL D 268 6.68 -13.77 9.34
C VAL D 268 7.33 -12.58 10.02
N ASP D 269 8.27 -11.93 9.33
CA ASP D 269 9.02 -10.77 9.87
C ASP D 269 9.82 -10.14 8.74
N ARG D 270 10.34 -8.94 8.98
CA ARG D 270 11.28 -8.19 8.10
CA ARG D 270 11.29 -8.28 8.04
C ARG D 270 12.73 -8.52 8.51
N ASN D 271 12.94 -9.12 9.68
CA ASN D 271 14.30 -9.26 10.28
C ASN D 271 14.79 -10.69 10.07
N GLU D 272 15.72 -10.90 9.14
CA GLU D 272 16.17 -12.26 8.69
CA GLU D 272 16.10 -12.29 8.73
C GLU D 272 16.95 -12.95 9.83
N TYR D 273 17.65 -12.20 10.66
CA TYR D 273 18.38 -12.80 11.83
C TYR D 273 17.38 -13.49 12.79
N LYS D 274 16.31 -12.79 13.15
CA LYS D 274 15.30 -13.33 14.09
C LYS D 274 14.50 -14.44 13.41
N LEU D 275 14.17 -14.32 12.12
CA LEU D 275 13.53 -15.43 11.37
C LEU D 275 14.42 -16.68 11.47
N LYS D 276 15.72 -16.53 11.25
CA LYS D 276 16.68 -17.65 11.33
C LYS D 276 16.69 -18.20 12.78
N MET D 277 16.68 -17.33 13.80
CA MET D 277 16.63 -17.81 15.23
C MET D 277 15.34 -18.60 15.43
N ALA D 278 14.24 -18.13 14.87
CA ALA D 278 12.93 -18.82 15.00
C ALA D 278 13.05 -20.23 14.40
N MET D 279 13.61 -20.34 13.21
CA MET D 279 13.81 -21.65 12.53
C MET D 279 14.67 -22.58 13.41
N GLU D 280 15.75 -22.06 14.00
CA GLU D 280 16.66 -22.86 14.87
C GLU D 280 15.89 -23.41 16.07
N LEU D 281 14.88 -22.68 16.58
CA LEU D 281 14.10 -23.09 17.76
C LEU D 281 12.80 -23.81 17.40
N GLY D 282 12.62 -24.24 16.15
CA GLY D 282 11.49 -25.12 15.80
C GLY D 282 10.62 -24.64 14.64
N ALA D 283 10.71 -23.40 14.18
CA ALA D 283 9.86 -22.95 13.06
C ALA D 283 10.18 -23.79 11.82
N THR D 284 9.18 -24.06 10.99
CA THR D 284 9.31 -24.95 9.80
C THR D 284 9.39 -24.13 8.52
N HIS D 285 8.79 -22.92 8.48
CA HIS D 285 8.66 -22.08 7.25
C HIS D 285 8.83 -20.65 7.64
N ILE D 287 8.93 -16.50 6.25
CA ILE D 287 8.52 -15.57 5.23
C ILE D 287 9.06 -14.20 5.59
N ASN D 288 9.87 -13.61 4.72
CA ASN D 288 10.28 -12.19 4.84
C ASN D 288 9.20 -11.32 4.20
N SER D 289 8.44 -10.58 5.01
CA SER D 289 7.31 -9.76 4.53
C SER D 289 7.79 -8.61 3.63
N GLU D 290 9.06 -8.22 3.70
CA GLU D 290 9.63 -7.14 2.85
C GLU D 290 10.10 -7.71 1.51
N LYS D 291 10.07 -9.04 1.30
CA LYS D 291 10.57 -9.69 0.07
C LYS D 291 9.43 -10.40 -0.64
N LEU D 292 8.20 -10.10 -0.26
CA LEU D 292 7.00 -10.60 -0.95
C LEU D 292 6.86 -9.89 -2.29
N PRO D 293 6.51 -10.64 -3.35
CA PRO D 293 6.16 -10.03 -4.63
C PRO D 293 5.01 -9.04 -4.51
N GLU D 294 5.01 -8.04 -5.40
CA GLU D 294 3.84 -7.17 -5.70
C GLU D 294 2.54 -7.97 -5.56
N GLY D 295 1.57 -7.45 -4.79
CA GLY D 295 0.20 -7.97 -4.69
C GLY D 295 0.10 -9.34 -4.02
N VAL D 296 1.16 -9.83 -3.34
CA VAL D 296 1.07 -10.97 -2.39
C VAL D 296 1.11 -10.38 -0.98
N THR D 297 -0.02 -10.49 -0.28
CA THR D 297 -0.12 -10.06 1.12
C THR D 297 0.55 -11.12 1.97
N PRO D 298 0.93 -10.77 3.21
CA PRO D 298 1.41 -11.76 4.16
C PRO D 298 0.41 -12.89 4.41
N SER D 299 -0.89 -12.62 4.55
CA SER D 299 -1.90 -13.68 4.77
C SER D 299 -1.91 -14.63 3.56
N GLN D 300 -1.87 -14.09 2.35
CA GLN D 300 -1.87 -14.92 1.10
C GLN D 300 -0.63 -15.83 1.08
N ALA D 301 0.53 -15.30 1.45
CA ALA D 301 1.80 -16.06 1.48
C ALA D 301 1.68 -17.19 2.51
N VAL D 302 1.11 -16.88 3.69
CA VAL D 302 0.93 -17.92 4.73
C VAL D 302 -0.01 -18.98 4.18
N ARG D 303 -1.15 -18.56 3.60
CA ARG D 303 -2.16 -19.54 3.14
C ARG D 303 -1.57 -20.43 2.03
N LYS D 304 -0.67 -19.91 1.20
CA LYS D 304 -0.02 -20.74 0.13
C LYS D 304 0.82 -21.86 0.72
N LEU D 305 1.25 -21.78 1.98
CA LEU D 305 2.04 -22.86 2.60
C LEU D 305 1.16 -23.97 3.14
N THR D 306 -0.17 -23.77 3.17
CA THR D 306 -1.11 -24.72 3.82
C THR D 306 -1.88 -25.48 2.73
N PRO D 307 -2.28 -26.72 2.97
CA PRO D 307 -2.99 -27.51 1.96
C PRO D 307 -4.27 -26.79 1.57
N LYS D 308 -4.46 -26.57 0.26
CA LYS D 308 -5.71 -26.01 -0.32
C LYS D 308 -5.88 -24.56 0.10
N GLU D 309 -4.80 -23.87 0.49
CA GLU D 309 -4.78 -22.47 0.96
C GLU D 309 -5.87 -22.28 2.03
N VAL D 310 -6.03 -23.29 2.87
CA VAL D 310 -7.04 -23.34 3.98
C VAL D 310 -6.60 -22.41 5.13
N GLY D 311 -5.30 -22.20 5.32
CA GLY D 311 -4.79 -21.35 6.43
C GLY D 311 -4.37 -22.19 7.62
N VAL D 312 -4.15 -21.54 8.76
CA VAL D 312 -3.53 -22.13 9.97
C VAL D 312 -4.57 -22.34 11.06
N ASP D 313 -4.34 -23.36 11.87
CA ASP D 313 -5.19 -23.70 13.02
C ASP D 313 -5.12 -22.61 14.09
N ALA D 314 -4.01 -21.85 14.12
CA ALA D 314 -3.71 -20.85 15.14
C ALA D 314 -2.87 -19.76 14.51
N SER D 315 -3.30 -18.53 14.68
CA SER D 315 -2.63 -17.35 14.11
C SER D 315 -2.28 -16.40 15.26
N ILE D 316 -1.00 -16.09 15.42
CA ILE D 316 -0.44 -15.26 16.51
C ILE D 316 0.12 -13.98 15.91
N GLU D 317 -0.33 -12.83 16.41
CA GLU D 317 0.30 -11.55 16.05
C GLU D 317 1.12 -11.09 17.26
N SER D 318 2.39 -10.80 17.02
CA SER D 318 3.37 -10.46 18.08
C SER D 318 4.36 -9.43 17.51
N SER D 319 3.85 -8.44 16.79
CA SER D 319 4.66 -7.50 15.96
C SER D 319 4.45 -6.06 16.41
N GLY D 320 3.22 -5.67 16.75
CA GLY D 320 2.84 -4.27 16.99
C GLY D 320 2.55 -3.54 15.71
N TYR D 321 2.60 -4.24 14.58
CA TYR D 321 2.29 -3.67 13.24
C TYR D 321 0.80 -3.90 12.97
N ASP D 322 -0.01 -2.83 12.98
CA ASP D 322 -1.48 -2.89 12.79
C ASP D 322 -1.81 -3.72 11.55
N VAL D 323 -1.02 -3.55 10.47
CA VAL D 323 -1.19 -4.35 9.24
C VAL D 323 -1.16 -5.86 9.50
N PHE D 324 -0.26 -6.37 10.36
CA PHE D 324 -0.11 -7.81 10.65
C PHE D 324 -1.29 -8.30 11.52
N MET D 325 -1.95 -7.41 12.26
CA MET D 325 -3.17 -7.78 13.04
C MET D 325 -4.25 -8.22 12.06
N ASN D 326 -4.44 -7.47 11.01
CA ASN D 326 -5.39 -7.81 9.94
C ASN D 326 -4.90 -9.06 9.17
N GLU D 327 -3.62 -9.14 8.79
CA GLU D 327 -3.09 -10.31 8.04
C GLU D 327 -3.21 -11.58 8.89
N ALA D 328 -2.95 -11.48 10.20
CA ALA D 328 -3.05 -12.64 11.11
C ALA D 328 -4.48 -13.17 11.08
N MET D 329 -5.47 -12.28 11.22
CA MET D 329 -6.91 -12.64 11.20
C MET D 329 -7.21 -13.39 9.90
N LYS D 330 -6.68 -12.91 8.77
CA LYS D 330 -6.98 -13.48 7.41
C LYS D 330 -6.28 -14.83 7.21
N ALA D 331 -5.17 -15.07 7.90
CA ALA D 331 -4.36 -16.29 7.73
C ALA D 331 -5.04 -17.49 8.38
N ALA D 332 -5.90 -17.27 9.38
CA ALA D 332 -6.53 -18.33 10.20
C ALA D 332 -7.56 -19.12 9.40
N ILE D 333 -7.67 -20.42 9.63
CA ILE D 333 -8.78 -21.23 9.07
C ILE D 333 -10.12 -20.59 9.50
N HIS D 334 -10.95 -20.22 8.54
CA HIS D 334 -12.26 -19.55 8.82
C HIS D 334 -13.00 -20.32 9.92
N GLY D 335 -13.40 -19.62 10.96
CA GLY D 335 -14.29 -20.13 12.01
C GLY D 335 -13.55 -20.99 13.02
N LYS D 336 -12.83 -22.02 12.57
CA LYS D 336 -12.19 -23.05 13.43
C LYS D 336 -11.07 -22.41 14.25
N ALA D 337 -10.23 -21.60 13.61
CA ALA D 337 -8.95 -21.14 14.16
C ALA D 337 -9.18 -19.85 14.95
N LYS D 338 -8.30 -19.58 15.89
CA LYS D 338 -8.33 -18.29 16.62
C LYS D 338 -7.10 -17.47 16.26
N THR D 339 -7.29 -16.17 16.07
CA THR D 339 -6.22 -15.18 15.92
C THR D 339 -5.99 -14.50 17.27
N VAL D 340 -4.77 -14.57 17.79
CA VAL D 340 -4.43 -14.03 19.14
C VAL D 340 -3.56 -12.80 18.90
N ILE D 341 -4.07 -11.62 19.23
CA ILE D 341 -3.33 -10.33 19.04
C ILE D 341 -2.60 -10.01 20.34
N THR D 342 -1.26 -9.98 20.34
CA THR D 342 -0.43 -9.54 21.51
C THR D 342 0.19 -8.15 21.25
N GLY D 343 0.28 -7.73 19.99
CA GLY D 343 0.97 -6.50 19.53
C GLY D 343 0.42 -5.23 20.17
N GLU D 344 1.28 -4.23 20.34
CA GLU D 344 0.93 -2.88 20.83
C GLU D 344 1.70 -1.87 20.00
N GLY D 345 1.14 -0.67 19.92
CA GLY D 345 1.68 0.40 19.08
C GLY D 345 0.88 1.66 19.31
N ILE D 346 1.41 2.78 18.84
CA ILE D 346 0.73 4.09 18.90
C ILE D 346 0.08 4.23 17.52
N TYR D 347 -1.21 3.96 17.42
CA TYR D 347 -1.93 3.89 16.12
C TYR D 347 -2.79 5.14 16.00
N GLU D 348 -3.00 5.60 14.77
CA GLU D 348 -3.86 6.77 14.43
C GLU D 348 -5.24 6.56 15.07
N ASN D 349 -5.66 7.46 15.97
CA ASN D 349 -6.98 7.47 16.66
C ASN D 349 -7.09 6.29 17.62
N ASP D 350 -5.96 5.68 18.02
CA ASP D 350 -5.91 4.44 18.84
C ASP D 350 -6.92 3.43 18.29
N ARG D 351 -6.89 3.19 16.98
CA ARG D 351 -7.86 2.33 16.25
C ARG D 351 -7.08 1.29 15.43
N ILE D 352 -7.53 0.03 15.43
CA ILE D 352 -7.07 -0.98 14.42
C ILE D 352 -8.21 -1.32 13.46
N PHE D 353 -7.88 -1.90 12.31
CA PHE D 353 -8.76 -2.13 11.14
CA PHE D 353 -8.80 -2.13 11.17
C PHE D 353 -8.73 -3.60 10.74
N PHE D 354 -9.85 -4.13 10.29
CA PHE D 354 -9.94 -5.50 9.73
C PHE D 354 -10.70 -5.40 8.42
N ASP D 355 -10.24 -6.16 7.46
CA ASP D 355 -10.97 -6.40 6.19
C ASP D 355 -12.31 -7.09 6.55
N PHE D 356 -13.41 -6.46 6.17
CA PHE D 356 -14.73 -6.84 6.74
C PHE D 356 -15.13 -8.22 6.25
N LYS D 357 -15.01 -8.50 4.96
CA LYS D 357 -15.58 -9.74 4.34
C LYS D 357 -14.88 -10.97 4.95
N ASP D 358 -13.54 -10.96 4.98
CA ASP D 358 -12.75 -12.04 5.62
C ASP D 358 -13.14 -12.14 7.10
N PHE D 359 -13.43 -11.03 7.74
CA PHE D 359 -13.77 -11.07 9.19
C PHE D 359 -15.13 -11.75 9.39
N LEU D 360 -16.13 -11.34 8.62
CA LEU D 360 -17.50 -11.88 8.82
C LEU D 360 -17.51 -13.36 8.48
N PHE D 361 -16.89 -13.75 7.36
CA PHE D 361 -16.83 -15.17 6.95
C PHE D 361 -15.73 -15.92 7.71
N GLY D 362 -15.71 -15.81 9.04
CA GLY D 362 -14.94 -16.75 9.88
C GLY D 362 -13.82 -16.13 10.68
N GLY D 363 -13.74 -14.80 10.77
CA GLY D 363 -12.77 -14.13 11.65
C GLY D 363 -12.99 -14.51 13.10
N ASN D 364 -11.92 -14.55 13.87
CA ASN D 364 -12.04 -14.97 15.27
C ASN D 364 -10.82 -14.39 15.97
N VAL D 365 -10.98 -13.19 16.49
CA VAL D 365 -9.82 -12.38 16.99
C VAL D 365 -9.99 -12.08 18.48
N VAL D 366 -8.91 -12.28 19.24
CA VAL D 366 -8.89 -11.96 20.69
C VAL D 366 -7.69 -11.08 21.03
N GLY D 367 -7.93 -10.11 21.92
CA GLY D 367 -6.88 -9.36 22.59
C GLY D 367 -6.23 -10.23 23.65
N ASN D 368 -4.91 -10.18 23.72
CA ASN D 368 -4.15 -11.05 24.67
C ASN D 368 -3.18 -10.18 25.46
N VAL D 369 -3.19 -10.34 26.79
CA VAL D 369 -2.24 -9.67 27.71
C VAL D 369 -1.56 -10.76 28.54
N THR D 370 -0.22 -10.83 28.46
CA THR D 370 0.63 -11.77 29.24
C THR D 370 0.29 -13.22 28.89
N GLY D 371 -0.10 -13.49 27.65
CA GLY D 371 -0.31 -14.86 27.17
C GLY D 371 -1.50 -15.54 27.81
N ARG D 372 -2.38 -14.74 28.42
CA ARG D 372 -3.52 -15.28 29.19
C ARG D 372 -3.02 -16.17 30.33
N VAL D 373 -1.77 -16.00 30.76
CA VAL D 373 -1.16 -16.81 31.87
C VAL D 373 -1.55 -16.18 33.22
N ARG D 374 -2.52 -16.79 33.89
CA ARG D 374 -3.02 -16.33 35.21
C ARG D 374 -1.92 -16.61 36.24
N ILE D 375 -1.62 -15.64 37.08
CA ILE D 375 -0.43 -15.67 37.99
C ILE D 375 -0.53 -16.78 39.04
N HIS D 376 -1.71 -17.23 39.48
CA HIS D 376 -1.82 -18.35 40.44
C HIS D 376 -2.14 -19.66 39.69
N SER D 377 -3.11 -19.65 38.79
CA SER D 377 -3.65 -20.87 38.15
C SER D 377 -2.69 -21.43 37.07
N ASP D 378 -1.94 -20.59 36.36
CA ASP D 378 -1.18 -20.98 35.12
C ASP D 378 0.33 -20.74 35.27
N PHE D 379 0.74 -19.70 35.98
CA PHE D 379 2.17 -19.32 36.06
C PHE D 379 2.99 -20.48 36.62
N PRO D 380 2.56 -21.16 37.71
CA PRO D 380 3.33 -22.29 38.21
C PRO D 380 3.64 -23.35 37.14
N GLY D 381 2.67 -23.71 36.28
CA GLY D 381 2.88 -24.68 35.19
C GLY D 381 3.86 -24.13 34.16
N LEU D 382 3.75 -22.85 33.83
CA LEU D 382 4.68 -22.18 32.89
C LEU D 382 6.10 -22.24 33.46
N LEU D 383 6.22 -22.01 34.77
CA LEU D 383 7.54 -22.01 35.48
C LEU D 383 8.16 -23.41 35.39
N ARG D 384 7.39 -24.46 35.67
CA ARG D 384 7.89 -25.87 35.56
C ARG D 384 8.32 -26.16 34.12
N LYS D 385 7.61 -25.58 33.14
CA LYS D 385 7.94 -25.77 31.70
C LYS D 385 9.29 -25.12 31.40
N ALA D 386 9.54 -23.91 31.90
CA ALA D 386 10.80 -23.14 31.70
C ALA D 386 12.02 -23.89 32.28
N GLN D 387 11.80 -24.89 33.14
CA GLN D 387 12.88 -25.71 33.73
C GLN D 387 13.19 -26.92 32.83
N GLU D 388 12.31 -27.25 31.88
CA GLU D 388 12.53 -28.40 30.97
C GLU D 388 13.69 -28.08 30.04
N PRO D 389 14.59 -29.06 29.76
CA PRO D 389 15.81 -28.77 29.01
C PRO D 389 15.64 -27.98 27.71
N VAL D 390 14.73 -28.39 26.82
CA VAL D 390 14.54 -27.76 25.48
C VAL D 390 13.98 -26.34 25.70
N ILE D 391 13.04 -26.19 26.63
CA ILE D 391 12.44 -24.85 26.88
C ILE D 391 13.53 -23.92 27.41
N ARG D 392 14.32 -24.39 28.39
CA ARG D 392 15.45 -23.64 28.97
C ARG D 392 16.42 -23.24 27.83
N ALA D 393 16.78 -24.17 26.95
CA ALA D 393 17.69 -23.90 25.79
C ALA D 393 17.13 -22.76 24.91
N GLY D 394 15.82 -22.75 24.68
CA GLY D 394 15.19 -21.67 23.91
C GLY D 394 15.29 -20.31 24.60
N MET D 395 15.02 -20.26 25.92
CA MET D 395 15.11 -18.98 26.69
C MET D 395 16.55 -18.47 26.66
N ASP D 396 17.51 -19.40 26.80
CA ASP D 396 18.96 -19.12 26.70
C ASP D 396 19.26 -18.54 25.32
N LYS D 397 18.67 -19.10 24.26
CA LYS D 397 18.93 -18.55 22.91
C LYS D 397 18.30 -17.16 22.78
N ILE D 398 17.04 -16.97 23.19
CA ILE D 398 16.44 -15.59 23.18
C ILE D 398 17.38 -14.57 23.85
N LEU D 399 17.85 -14.89 25.05
CA LEU D 399 18.64 -13.98 25.92
C LEU D 399 20.10 -13.88 25.44
N GLY D 400 20.61 -14.90 24.74
CA GLY D 400 22.06 -15.05 24.50
C GLY D 400 22.76 -15.21 25.85
N TYR D 401 22.21 -16.04 26.74
CA TYR D 401 22.61 -16.15 28.17
C TYR D 401 23.88 -17.02 28.27
N ASP D 402 24.87 -16.53 29.01
CA ASP D 402 26.10 -17.29 29.33
C ASP D 402 26.05 -17.68 30.80
N ALA D 403 25.87 -18.96 31.12
CA ALA D 403 25.67 -19.46 32.50
C ALA D 403 26.88 -19.15 33.39
N ALA D 404 28.07 -19.09 32.81
CA ALA D 404 29.36 -18.95 33.53
C ALA D 404 29.47 -17.54 34.12
N THR D 405 28.99 -16.54 33.39
CA THR D 405 29.09 -15.10 33.75
C THR D 405 27.73 -14.54 34.21
N MET D 406 26.63 -15.26 33.98
CA MET D 406 25.23 -14.80 34.21
C MET D 406 24.98 -13.50 33.43
N LYS D 407 25.65 -13.37 32.28
CA LYS D 407 25.53 -12.20 31.39
C LYS D 407 24.73 -12.59 30.16
N CYS D 408 23.94 -11.66 29.63
CA CYS D 408 23.15 -11.84 28.39
C CYS D 408 23.86 -11.10 27.27
N LYS D 409 23.59 -11.50 26.04
CA LYS D 409 24.29 -10.94 24.85
C LYS D 409 24.19 -9.44 24.88
N TYR D 410 22.97 -8.92 25.05
CA TYR D 410 22.70 -7.47 25.18
C TYR D 410 22.32 -7.21 26.62
N GLU D 411 23.23 -6.55 27.36
CA GLU D 411 23.04 -6.25 28.79
C GLU D 411 23.66 -4.90 29.15
N VAL D 412 22.94 -4.08 29.92
CA VAL D 412 23.45 -2.82 30.51
C VAL D 412 23.11 -2.85 32.01
N ASP D 413 23.97 -2.23 32.82
CA ASP D 413 23.84 -2.23 34.29
C ASP D 413 23.44 -0.81 34.67
N ILE D 414 22.40 -0.64 35.49
CA ILE D 414 21.88 0.71 35.85
C ILE D 414 22.96 1.48 36.64
N ARG D 415 23.88 0.76 37.28
CA ARG D 415 24.93 1.32 38.16
C ARG D 415 26.06 1.95 37.32
N GLU D 416 26.06 1.72 36.00
CA GLU D 416 27.10 2.17 35.03
C GLU D 416 26.80 3.58 34.50
N GLY D 417 25.68 4.19 34.84
CA GLY D 417 25.37 5.59 34.48
C GLY D 417 24.55 5.75 33.19
N THR D 418 24.04 6.97 32.98
CA THR D 418 23.06 7.32 31.93
C THR D 418 23.65 7.08 30.54
N PRO D 419 24.91 7.47 30.23
CA PRO D 419 25.43 7.32 28.86
C PRO D 419 25.32 5.88 28.34
N ALA D 420 25.71 4.89 29.15
CA ALA D 420 25.70 3.46 28.75
C ALA D 420 24.24 3.01 28.55
N LEU D 421 23.31 3.56 29.33
CA LEU D 421 21.88 3.18 29.18
C LEU D 421 21.38 3.74 27.85
N LEU D 422 21.64 5.01 27.56
CA LEU D 422 21.16 5.64 26.31
C LEU D 422 21.66 4.83 25.11
N LYS D 423 22.93 4.40 25.11
CA LYS D 423 23.47 3.61 23.97
C LYS D 423 22.74 2.26 23.89
N ALA D 424 22.47 1.65 25.03
CA ALA D 424 21.78 0.34 25.08
C ALA D 424 20.40 0.49 24.44
N LEU D 425 19.70 1.59 24.75
CA LEU D 425 18.30 1.82 24.30
C LEU D 425 18.29 1.96 22.77
N GLU D 426 19.30 2.61 22.19
CA GLU D 426 19.46 2.63 20.72
C GLU D 426 19.78 1.22 20.22
N GLU D 427 20.64 0.48 20.92
CA GLU D 427 21.03 -0.88 20.47
C GLU D 427 19.85 -1.87 20.54
N VAL D 428 18.74 -1.49 21.17
CA VAL D 428 17.49 -2.30 21.15
C VAL D 428 17.09 -2.53 19.69
N GLU D 429 17.39 -1.57 18.78
CA GLU D 429 17.03 -1.63 17.34
C GLU D 429 18.05 -2.42 16.51
N ASN D 430 19.15 -2.93 17.10
CA ASN D 430 20.11 -3.76 16.34
C ASN D 430 19.43 -5.04 15.90
N VAL D 431 19.87 -5.57 14.76
CA VAL D 431 19.19 -6.72 14.09
CA VAL D 431 19.25 -6.73 14.05
C VAL D 431 19.30 -7.97 14.96
N ASP D 432 20.37 -8.12 15.74
CA ASP D 432 20.56 -9.32 16.58
C ASP D 432 20.24 -9.05 18.06
N CYS D 433 19.62 -7.90 18.40
CA CYS D 433 19.11 -7.66 19.79
C CYS D 433 17.70 -8.22 19.90
N VAL D 434 17.57 -9.40 20.48
CA VAL D 434 16.23 -10.03 20.71
C VAL D 434 15.66 -9.51 22.04
N LYS D 435 16.50 -9.41 23.08
CA LYS D 435 16.05 -9.02 24.43
C LYS D 435 17.23 -8.36 25.16
N LEU D 436 17.20 -7.03 25.31
CA LEU D 436 18.17 -6.26 26.12
C LEU D 436 17.81 -6.46 27.59
N VAL D 437 18.80 -6.76 28.44
CA VAL D 437 18.58 -6.95 29.90
C VAL D 437 19.18 -5.75 30.62
N ILE D 438 18.47 -5.21 31.60
CA ILE D 438 18.97 -4.09 32.46
C ILE D 438 19.27 -4.68 33.82
N LYS D 439 20.54 -4.96 34.09
CA LYS D 439 20.94 -5.48 35.41
C LYS D 439 20.75 -4.34 36.41
N LEU D 440 20.18 -4.64 37.58
CA LEU D 440 19.81 -3.64 38.61
C LEU D 440 20.60 -3.85 39.91
N ASN D 441 20.92 -5.09 40.25
CA ASN D 441 21.62 -5.39 41.52
C ASN D 441 22.51 -6.61 41.27
N ASP D 442 23.47 -6.85 42.15
CA ASP D 442 24.16 -8.15 42.21
C ASP D 442 23.12 -9.27 42.29
N TYR D 443 23.36 -10.39 41.62
CA TYR D 443 22.47 -11.57 41.55
C TYR D 443 22.61 -12.45 42.80
#